data_4KUH
#
_entry.id   4KUH
#
_cell.length_a   146.338
_cell.length_b   146.338
_cell.length_c   409.757
_cell.angle_alpha   90.00
_cell.angle_beta   90.00
_cell.angle_gamma   120.00
#
_symmetry.space_group_name_H-M   'H 3'
#
loop_
_entity.id
_entity.type
_entity.pdbx_description
1 polymer '3-hydroxybutyryl-CoA dehydrogenase'
2 non-polymer 'ACETOACETYL-COENZYME A'
3 water water
#
_entity_poly.entity_id   1
_entity_poly.type   'polypeptide(L)'
_entity_poly.pdbx_seq_one_letter_code
;MKKVFVLGAGTMGAGIVQAFAAKGCEVIVRDIKEEFVDRGIATITKSLSKLVAKEKITEADKEEILSRISGTTDMKLAAD
CDLVVEAAIENMKIKKEIFAELDGICKPETILASNTSSLSITEVASATKRADKVIGMHFFNPAPVMKLVEVIRGAATSQE
TFDAVKEMSESIGKTPVEVAEAPGFVVNRILIPMINEATFILQEGVAKEEDIDAAMKLGANHPMGPLALGDLIGLDVCLA
IMDVLYNETGDTKYRASSLLRKYVRAGWLGRKTGKGFYDYHHHHHH
;
_entity_poly.pdbx_strand_id   A,B,C,D,E,F,G,H
#
# COMPACT_ATOMS: atom_id res chain seq x y z
N MET A 1 13.69 -13.75 -9.27
CA MET A 1 14.44 -12.48 -9.51
C MET A 1 13.62 -11.24 -9.06
N LYS A 2 13.81 -10.86 -7.80
CA LYS A 2 13.04 -9.82 -7.08
C LYS A 2 13.29 -8.35 -7.56
N LYS A 3 14.47 -8.07 -8.10
CA LYS A 3 14.90 -6.67 -8.23
C LYS A 3 15.27 -6.25 -9.65
N VAL A 4 14.55 -5.24 -10.13
CA VAL A 4 14.52 -4.84 -11.52
C VAL A 4 14.72 -3.32 -11.70
N PHE A 5 15.81 -2.96 -12.41
CA PHE A 5 16.17 -1.57 -12.75
C PHE A 5 15.63 -1.24 -14.16
N VAL A 6 14.97 -0.09 -14.29
CA VAL A 6 14.45 0.35 -15.57
C VAL A 6 14.98 1.72 -15.91
N LEU A 7 15.76 1.84 -16.99
CA LEU A 7 16.20 3.17 -17.42
C LEU A 7 15.14 3.85 -18.25
N GLY A 8 14.82 5.10 -17.91
CA GLY A 8 13.91 5.93 -18.72
C GLY A 8 12.55 5.96 -18.09
N ALA A 9 11.99 7.17 -17.94
CA ALA A 9 10.71 7.36 -17.23
C ALA A 9 9.63 8.01 -18.10
N GLY A 10 9.67 7.76 -19.41
CA GLY A 10 8.70 8.29 -20.36
C GLY A 10 7.61 7.26 -20.53
N THR A 11 6.68 7.50 -21.45
CA THR A 11 5.52 6.61 -21.65
C THR A 11 5.91 5.14 -21.42
N MET A 12 6.95 4.67 -22.10
CA MET A 12 7.29 3.26 -22.12
C MET A 12 8.00 2.82 -20.85
N GLY A 13 9.06 3.52 -20.45
CA GLY A 13 9.80 3.14 -19.24
C GLY A 13 8.91 3.00 -18.02
N ALA A 14 8.02 3.98 -17.82
CA ALA A 14 7.08 4.00 -16.71
C ALA A 14 6.11 2.83 -16.76
N GLY A 15 5.57 2.58 -17.94
CA GLY A 15 4.66 1.44 -18.13
C GLY A 15 5.32 0.14 -17.74
N ILE A 16 6.57 -0.03 -18.16
CA ILE A 16 7.32 -1.22 -17.87
C ILE A 16 7.51 -1.33 -16.37
N VAL A 17 7.74 -0.19 -15.72
CA VAL A 17 7.90 -0.18 -14.27
C VAL A 17 6.62 -0.73 -13.61
N GLN A 18 5.48 -0.18 -14.02
CA GLN A 18 4.20 -0.61 -13.51
C GLN A 18 3.99 -2.11 -13.71
N ALA A 19 4.54 -2.64 -14.79
CA ALA A 19 4.36 -4.02 -15.17
C ALA A 19 5.08 -4.96 -14.24
N PHE A 20 6.27 -4.59 -13.82
CA PHE A 20 7.05 -5.46 -12.96
C PHE A 20 6.59 -5.35 -11.51
N ALA A 21 6.43 -4.12 -11.06
CA ALA A 21 6.04 -3.84 -9.69
C ALA A 21 4.68 -4.44 -9.37
N ALA A 22 3.79 -4.45 -10.35
CA ALA A 22 2.44 -4.94 -10.10
C ALA A 22 2.35 -6.46 -9.95
N LYS A 23 3.41 -7.19 -10.29
CA LYS A 23 3.38 -8.65 -10.16
C LYS A 23 4.46 -9.04 -9.19
N GLY A 24 4.63 -8.22 -8.16
CA GLY A 24 5.54 -8.54 -7.07
C GLY A 24 6.90 -7.88 -7.07
N CYS A 25 7.47 -7.61 -8.25
CA CYS A 25 8.87 -7.14 -8.36
C CYS A 25 9.12 -5.80 -7.69
N GLU A 26 10.33 -5.62 -7.18
CA GLU A 26 10.80 -4.30 -6.76
C GLU A 26 11.53 -3.65 -7.93
N VAL A 27 11.29 -2.35 -8.11
CA VAL A 27 11.75 -1.62 -9.29
C VAL A 27 12.30 -0.24 -8.94
N ILE A 28 13.44 0.10 -9.54
CA ILE A 28 14.03 1.43 -9.47
C ILE A 28 14.08 2.08 -10.88
N VAL A 29 13.29 3.11 -11.09
CA VAL A 29 13.37 3.83 -12.34
C VAL A 29 14.43 4.93 -12.28
N ARG A 30 15.32 4.96 -13.28
CA ARG A 30 16.45 5.88 -13.31
C ARG A 30 16.30 6.76 -14.54
N ASP A 31 16.55 8.07 -14.39
CA ASP A 31 16.55 9.00 -15.56
C ASP A 31 17.64 10.09 -15.36
N ILE A 32 17.62 11.14 -16.18
CA ILE A 32 18.74 12.11 -16.21
C ILE A 32 18.55 13.30 -15.25
N LYS A 33 17.32 13.69 -14.96
CA LYS A 33 17.07 14.51 -13.78
C LYS A 33 15.70 14.22 -13.10
N GLU A 34 15.65 14.49 -11.78
CA GLU A 34 14.50 14.16 -10.94
C GLU A 34 13.18 14.65 -11.53
N GLU A 35 13.22 15.76 -12.24
CA GLU A 35 12.05 16.20 -12.98
C GLU A 35 11.34 15.05 -13.69
N PHE A 36 12.11 14.24 -14.42
CA PHE A 36 11.52 13.18 -15.27
C PHE A 36 11.14 11.96 -14.42
N VAL A 37 12.10 11.47 -13.65
CA VAL A 37 11.86 10.40 -12.69
C VAL A 37 10.52 10.62 -11.98
N ASP A 38 10.33 11.84 -11.49
CA ASP A 38 9.16 12.17 -10.72
C ASP A 38 7.89 12.13 -11.58
N ARG A 39 7.94 12.82 -12.72
CA ARG A 39 6.81 12.91 -13.66
C ARG A 39 6.24 11.55 -14.05
N GLY A 40 7.10 10.54 -14.13
CA GLY A 40 6.72 9.22 -14.61
C GLY A 40 5.96 8.48 -13.53
N ILE A 41 6.59 8.43 -12.36
CA ILE A 41 6.00 7.83 -11.17
C ILE A 41 4.66 8.48 -10.89
N ALA A 42 4.65 9.80 -10.95
CA ALA A 42 3.40 10.52 -11.05
C ALA A 42 2.40 9.78 -11.94
N THR A 43 2.83 9.44 -13.15
CA THR A 43 1.90 8.88 -14.16
C THR A 43 1.50 7.45 -13.83
N ILE A 44 2.44 6.70 -13.26
CA ILE A 44 2.14 5.37 -12.75
C ILE A 44 1.00 5.41 -11.74
N THR A 45 1.18 6.28 -10.74
CA THR A 45 0.18 6.54 -9.74
C THR A 45 -1.17 6.87 -10.35
N LYS A 46 -1.21 7.82 -11.27
CA LYS A 46 -2.45 8.17 -11.96
C LYS A 46 -3.05 6.90 -12.59
N SER A 47 -2.17 6.09 -13.16
CA SER A 47 -2.58 4.85 -13.79
C SER A 47 -3.26 3.95 -12.76
N LEU A 48 -2.58 3.69 -11.63
CA LEU A 48 -3.15 2.79 -10.60
C LEU A 48 -4.48 3.37 -10.04
N SER A 49 -4.49 4.68 -9.78
CA SER A 49 -5.72 5.39 -9.41
C SER A 49 -6.90 5.01 -10.30
N LYS A 50 -6.69 5.03 -11.61
CA LYS A 50 -7.75 4.72 -12.56
C LYS A 50 -8.13 3.25 -12.44
N LEU A 51 -7.17 2.41 -12.10
CA LEU A 51 -7.45 0.99 -11.88
C LEU A 51 -8.30 0.74 -10.62
N VAL A 52 -8.00 1.45 -9.53
CA VAL A 52 -8.79 1.37 -8.30
C VAL A 52 -10.20 1.86 -8.53
N ALA A 53 -10.33 2.91 -9.33
CA ALA A 53 -11.63 3.48 -9.64
C ALA A 53 -12.48 2.47 -10.39
N LYS A 54 -11.83 1.65 -11.21
CA LYS A 54 -12.52 0.65 -12.01
C LYS A 54 -12.57 -0.72 -11.33
N GLU A 55 -12.16 -0.76 -10.06
CA GLU A 55 -12.36 -1.94 -9.23
C GLU A 55 -11.56 -3.13 -9.76
N LYS A 56 -10.48 -2.80 -10.44
CA LYS A 56 -9.57 -3.78 -10.99
C LYS A 56 -8.49 -4.06 -9.96
N ILE A 57 -8.34 -3.13 -9.01
CA ILE A 57 -7.50 -3.37 -7.85
C ILE A 57 -8.10 -2.67 -6.62
N THR A 58 -7.56 -3.01 -5.45
CA THR A 58 -7.94 -2.39 -4.19
C THR A 58 -6.92 -1.30 -3.86
N GLU A 59 -7.30 -0.35 -3.00
CA GLU A 59 -6.37 0.72 -2.66
C GLU A 59 -5.05 0.17 -2.08
N ALA A 60 -5.10 -1.02 -1.49
CA ALA A 60 -3.95 -1.60 -0.80
C ALA A 60 -3.03 -2.31 -1.76
N ASP A 61 -3.65 -3.02 -2.72
CA ASP A 61 -2.96 -3.54 -3.90
C ASP A 61 -2.05 -2.42 -4.40
N LYS A 62 -2.69 -1.30 -4.73
CA LYS A 62 -2.00 -0.15 -5.26
C LYS A 62 -0.95 0.40 -4.33
N GLU A 63 -1.39 0.77 -3.12
CA GLU A 63 -0.51 1.39 -2.13
C GLU A 63 0.72 0.51 -1.97
N GLU A 64 0.54 -0.82 -2.06
CA GLU A 64 1.68 -1.74 -2.04
C GLU A 64 2.57 -1.61 -3.29
N ILE A 65 2.00 -1.80 -4.48
CA ILE A 65 2.72 -1.62 -5.75
C ILE A 65 3.68 -0.42 -5.64
N LEU A 66 3.13 0.78 -5.39
CA LEU A 66 3.93 2.02 -5.30
C LEU A 66 5.11 1.91 -4.33
N SER A 67 4.99 1.10 -3.28
CA SER A 67 6.11 0.93 -2.31
C SER A 67 7.23 0.06 -2.87
N ARG A 68 6.90 -0.79 -3.83
CA ARG A 68 7.92 -1.60 -4.49
C ARG A 68 8.75 -0.74 -5.47
N ILE A 69 8.33 0.52 -5.66
CA ILE A 69 8.92 1.48 -6.62
C ILE A 69 9.76 2.60 -5.97
N SER A 70 10.89 2.96 -6.60
CA SER A 70 11.64 4.17 -6.24
C SER A 70 12.33 4.81 -7.46
N GLY A 71 12.60 6.13 -7.39
CA GLY A 71 13.31 6.88 -8.45
C GLY A 71 14.81 7.13 -8.20
N THR A 72 15.48 7.84 -9.11
CA THR A 72 16.94 8.15 -8.98
C THR A 72 17.41 8.79 -10.29
N THR A 73 18.59 9.45 -10.24
CA THR A 73 19.43 9.71 -11.41
C THR A 73 20.77 8.91 -11.36
N ASP A 74 21.13 8.27 -10.25
CA ASP A 74 22.38 7.48 -10.23
C ASP A 74 22.21 6.07 -10.86
N MET A 75 22.98 5.78 -11.89
CA MET A 75 23.11 4.40 -12.38
C MET A 75 23.58 3.48 -11.28
N LYS A 76 24.40 4.05 -10.40
CA LYS A 76 25.01 3.31 -9.32
C LYS A 76 23.95 2.56 -8.50
N LEU A 77 22.72 3.08 -8.45
CA LEU A 77 21.57 2.41 -7.82
C LEU A 77 21.18 1.02 -8.40
N ALA A 78 21.94 0.50 -9.38
CA ALA A 78 21.58 -0.75 -10.09
C ALA A 78 22.39 -1.93 -9.60
N ALA A 79 23.20 -1.71 -8.57
CA ALA A 79 24.20 -2.73 -8.21
C ALA A 79 23.57 -4.02 -7.69
N ASP A 80 22.35 -3.94 -7.13
CA ASP A 80 21.65 -5.12 -6.56
C ASP A 80 20.45 -5.58 -7.38
N CYS A 81 20.19 -4.94 -8.53
CA CYS A 81 19.09 -5.39 -9.36
C CYS A 81 19.53 -6.60 -10.15
N ASP A 82 18.57 -7.51 -10.33
CA ASP A 82 18.72 -8.81 -11.04
C ASP A 82 18.45 -8.68 -12.56
N LEU A 83 17.55 -7.75 -12.91
CA LEU A 83 17.23 -7.46 -14.29
C LEU A 83 17.38 -5.98 -14.57
N VAL A 84 17.85 -5.67 -15.76
CA VAL A 84 17.81 -4.31 -16.19
C VAL A 84 17.09 -4.23 -17.52
N VAL A 85 16.14 -3.32 -17.60
CA VAL A 85 15.50 -3.01 -18.84
C VAL A 85 15.83 -1.58 -19.21
N GLU A 86 16.59 -1.40 -20.29
CA GLU A 86 16.83 -0.04 -20.80
C GLU A 86 15.70 0.36 -21.75
N ALA A 87 15.06 1.47 -21.44
CA ALA A 87 13.97 2.00 -22.28
C ALA A 87 14.16 3.50 -22.37
N ALA A 88 15.38 3.87 -22.70
CA ALA A 88 15.81 5.25 -22.60
C ALA A 88 15.61 5.99 -23.89
N ILE A 89 16.47 5.67 -24.85
CA ILE A 89 16.72 6.57 -25.96
C ILE A 89 17.37 5.71 -27.06
N GLU A 90 16.79 5.88 -28.24
CA GLU A 90 16.99 4.99 -29.35
C GLU A 90 18.14 5.61 -30.16
N ASN A 91 19.31 5.63 -29.54
CA ASN A 91 20.52 6.11 -30.16
C ASN A 91 21.65 5.15 -29.76
N MET A 92 22.38 4.66 -30.75
CA MET A 92 23.33 3.56 -30.56
C MET A 92 24.52 3.91 -29.71
N LYS A 93 25.08 5.09 -29.96
CA LYS A 93 26.23 5.56 -29.22
C LYS A 93 25.92 5.57 -27.73
N ILE A 94 24.78 6.14 -27.35
CA ILE A 94 24.40 6.23 -25.95
C ILE A 94 24.13 4.84 -25.32
N LYS A 95 23.37 4.03 -26.05
CA LYS A 95 23.08 2.71 -25.55
C LYS A 95 24.37 1.96 -25.29
N LYS A 96 25.32 2.03 -26.23
CA LYS A 96 26.63 1.43 -26.00
C LYS A 96 27.23 1.97 -24.70
N GLU A 97 27.17 3.28 -24.48
CA GLU A 97 27.75 3.90 -23.27
C GLU A 97 27.03 3.30 -22.06
N ILE A 98 25.70 3.34 -22.10
CA ILE A 98 24.89 2.85 -21.00
C ILE A 98 25.14 1.37 -20.61
N PHE A 99 25.26 0.51 -21.59
CA PHE A 99 25.43 -0.88 -21.27
C PHE A 99 26.83 -1.08 -20.76
N ALA A 100 27.78 -0.28 -21.23
CA ALA A 100 29.16 -0.46 -20.73
C ALA A 100 29.27 -0.07 -19.25
N GLU A 101 28.47 0.93 -18.83
CA GLU A 101 28.41 1.34 -17.43
C GLU A 101 27.87 0.22 -16.56
N LEU A 102 26.72 -0.36 -16.95
CA LEU A 102 26.04 -1.42 -16.17
C LEU A 102 26.79 -2.74 -16.14
N ASP A 103 27.58 -2.99 -17.18
CA ASP A 103 28.48 -4.10 -17.20
C ASP A 103 29.31 -3.95 -15.90
N GLY A 104 29.88 -2.76 -15.70
CA GLY A 104 30.72 -2.41 -14.54
C GLY A 104 29.95 -2.48 -13.23
N ILE A 105 28.86 -1.72 -13.11
CA ILE A 105 28.07 -1.61 -11.86
C ILE A 105 27.43 -2.90 -11.28
N CYS A 106 26.95 -3.81 -12.14
CA CYS A 106 25.97 -4.83 -11.73
C CYS A 106 26.55 -6.20 -11.41
N LYS A 107 25.83 -6.92 -10.56
CA LYS A 107 26.27 -8.23 -10.10
C LYS A 107 26.38 -9.09 -11.35
N PRO A 108 27.49 -9.83 -11.53
CA PRO A 108 27.82 -10.59 -12.78
C PRO A 108 26.70 -11.43 -13.45
N GLU A 109 25.76 -11.95 -12.65
CA GLU A 109 24.60 -12.73 -13.16
C GLU A 109 23.46 -11.86 -13.69
N THR A 110 23.36 -10.61 -13.23
CA THR A 110 22.37 -9.64 -13.76
C THR A 110 22.28 -9.62 -15.31
N ILE A 111 21.11 -9.99 -15.82
CA ILE A 111 20.83 -9.91 -17.26
C ILE A 111 20.48 -8.47 -17.64
N LEU A 112 21.04 -8.01 -18.75
CA LEU A 112 20.87 -6.63 -19.24
C LEU A 112 20.02 -6.64 -20.51
N ALA A 113 18.87 -5.97 -20.42
CA ALA A 113 17.90 -6.10 -21.47
C ALA A 113 17.54 -4.73 -22.06
N SER A 114 17.25 -4.73 -23.37
CA SER A 114 16.83 -3.53 -24.09
C SER A 114 15.38 -3.58 -24.53
N ASN A 115 14.69 -2.48 -24.36
CA ASN A 115 13.38 -2.33 -24.91
C ASN A 115 13.38 -1.69 -26.30
N THR A 116 14.50 -1.75 -27.02
CA THR A 116 14.60 -1.09 -28.33
C THR A 116 13.63 -1.68 -29.38
N SER A 117 13.13 -0.80 -30.25
CA SER A 117 12.22 -1.19 -31.34
C SER A 117 12.93 -1.50 -32.67
N SER A 118 14.15 -0.96 -32.78
CA SER A 118 14.87 -0.86 -34.05
C SER A 118 16.38 -1.29 -33.98
N LEU A 119 17.12 -0.66 -33.06
CA LEU A 119 18.56 -0.86 -32.87
C LEU A 119 18.96 -2.27 -32.46
N SER A 120 20.25 -2.55 -32.68
CA SER A 120 20.78 -3.90 -32.64
C SER A 120 21.21 -4.32 -31.24
N ILE A 121 20.45 -5.22 -30.62
CA ILE A 121 20.87 -5.94 -29.41
C ILE A 121 22.29 -6.42 -29.51
N THR A 122 22.67 -6.99 -30.65
CA THR A 122 24.04 -7.47 -30.82
C THR A 122 25.06 -6.35 -30.63
N GLU A 123 24.83 -5.22 -31.27
CA GLU A 123 25.82 -4.16 -31.30
C GLU A 123 25.99 -3.56 -29.91
N VAL A 124 24.88 -3.48 -29.17
CA VAL A 124 24.88 -3.10 -27.75
C VAL A 124 25.59 -4.16 -26.90
N ALA A 125 25.25 -5.42 -27.09
CA ALA A 125 25.98 -6.50 -26.43
C ALA A 125 27.49 -6.31 -26.53
N SER A 126 27.97 -5.88 -27.70
CA SER A 126 29.39 -5.81 -27.98
C SER A 126 30.10 -4.77 -27.14
N ALA A 127 29.38 -3.72 -26.73
CA ALA A 127 29.94 -2.75 -25.78
C ALA A 127 30.16 -3.30 -24.32
N THR A 128 29.79 -4.57 -24.04
CA THR A 128 30.04 -5.21 -22.72
C THR A 128 30.90 -6.47 -22.80
N LYS A 129 31.44 -6.92 -21.66
CA LYS A 129 32.03 -8.27 -21.56
C LYS A 129 31.04 -9.34 -21.12
N ARG A 130 29.74 -9.09 -21.22
CA ARG A 130 28.71 -10.09 -20.95
C ARG A 130 27.73 -10.18 -22.13
N ALA A 131 28.20 -9.97 -23.36
CA ALA A 131 27.37 -10.24 -24.52
C ALA A 131 26.37 -11.39 -24.27
N ASP A 132 26.86 -12.51 -23.73
CA ASP A 132 26.02 -13.70 -23.45
C ASP A 132 24.82 -13.48 -22.53
N LYS A 133 24.81 -12.41 -21.73
CA LYS A 133 23.65 -11.99 -20.88
C LYS A 133 23.01 -10.65 -21.31
N VAL A 134 23.17 -10.31 -22.59
CA VAL A 134 22.54 -9.12 -23.18
C VAL A 134 21.48 -9.54 -24.18
N ILE A 135 20.26 -9.07 -23.94
CA ILE A 135 19.12 -9.55 -24.67
C ILE A 135 18.17 -8.39 -24.90
N GLY A 136 17.25 -8.55 -25.81
CA GLY A 136 16.20 -7.55 -25.98
C GLY A 136 14.99 -8.15 -25.35
N MET A 137 14.25 -7.31 -24.66
CA MET A 137 13.02 -7.72 -24.02
C MET A 137 12.05 -6.60 -24.33
N HIS A 138 11.20 -6.81 -25.31
CA HIS A 138 10.51 -5.71 -25.99
C HIS A 138 9.01 -5.67 -25.72
N PHE A 139 8.59 -4.71 -24.91
CA PHE A 139 7.19 -4.58 -24.52
C PHE A 139 6.49 -3.65 -25.52
N PHE A 140 5.16 -3.60 -25.42
CA PHE A 140 4.28 -2.85 -26.30
C PHE A 140 3.31 -1.94 -25.54
N ASN A 141 3.04 -0.75 -26.10
CA ASN A 141 2.23 0.27 -25.43
C ASN A 141 0.71 0.00 -25.55
N PRO A 142 -0.01 0.17 -24.44
CA PRO A 142 0.45 0.42 -23.06
C PRO A 142 1.04 -0.84 -22.40
N ALA A 143 2.22 -0.73 -21.81
CA ALA A 143 2.94 -1.93 -21.32
C ALA A 143 2.23 -2.75 -20.22
N PRO A 144 1.43 -2.08 -19.36
CA PRO A 144 0.80 -2.95 -18.37
C PRO A 144 -0.36 -3.77 -18.93
N VAL A 145 -0.90 -3.36 -20.07
CA VAL A 145 -1.99 -4.10 -20.71
C VAL A 145 -1.52 -5.17 -21.71
N MET A 146 -0.65 -4.80 -22.63
CA MET A 146 -0.37 -5.65 -23.77
C MET A 146 0.47 -6.85 -23.32
N LYS A 147 -0.02 -8.06 -23.60
CA LYS A 147 0.60 -9.27 -23.05
C LYS A 147 1.88 -9.74 -23.74
N LEU A 148 2.23 -9.14 -24.87
CA LEU A 148 3.34 -9.67 -25.64
C LEU A 148 4.61 -9.02 -25.19
N VAL A 149 5.66 -9.84 -25.10
CA VAL A 149 7.02 -9.34 -25.17
C VAL A 149 7.90 -10.17 -26.13
N GLU A 150 8.50 -9.46 -27.07
CA GLU A 150 9.41 -10.11 -27.94
C GLU A 150 10.71 -10.25 -27.19
N VAL A 151 11.20 -11.46 -27.12
CA VAL A 151 12.49 -11.71 -26.53
C VAL A 151 13.45 -11.94 -27.65
N ILE A 152 14.34 -10.98 -27.85
CA ILE A 152 15.17 -10.91 -29.06
C ILE A 152 16.57 -11.34 -28.74
N ARG A 153 17.02 -12.40 -29.37
CA ARG A 153 18.38 -12.81 -29.14
C ARG A 153 19.26 -12.11 -30.10
N GLY A 154 20.36 -11.59 -29.58
CA GLY A 154 21.41 -11.13 -30.45
C GLY A 154 22.28 -12.32 -30.71
N ALA A 155 23.22 -12.14 -31.65
CA ALA A 155 24.11 -13.22 -32.02
C ALA A 155 24.72 -13.95 -30.81
N ALA A 156 25.14 -13.25 -29.77
CA ALA A 156 25.88 -13.89 -28.69
C ALA A 156 24.98 -14.33 -27.53
N THR A 157 23.70 -14.00 -27.62
CA THR A 157 22.86 -14.21 -26.50
C THR A 157 22.84 -15.70 -26.16
N SER A 158 23.00 -16.02 -24.88
CA SER A 158 22.96 -17.41 -24.41
C SER A 158 21.55 -18.02 -24.43
N GLN A 159 21.48 -19.33 -24.26
CA GLN A 159 20.21 -20.00 -24.11
C GLN A 159 19.68 -19.66 -22.73
N GLU A 160 20.59 -19.75 -21.78
CA GLU A 160 20.27 -19.60 -20.40
C GLU A 160 19.64 -18.21 -20.13
N THR A 161 20.26 -17.18 -20.72
CA THR A 161 19.66 -15.84 -20.67
C THR A 161 18.26 -15.92 -21.27
N PHE A 162 18.18 -16.47 -22.48
CA PHE A 162 16.88 -16.54 -23.12
C PHE A 162 15.86 -17.15 -22.18
N ASP A 163 16.21 -18.28 -21.59
CA ASP A 163 15.25 -19.00 -20.70
C ASP A 163 14.84 -18.14 -19.50
N ALA A 164 15.81 -17.53 -18.85
CA ALA A 164 15.54 -16.67 -17.71
C ALA A 164 14.52 -15.56 -18.03
N VAL A 165 14.70 -14.98 -19.21
CA VAL A 165 13.89 -13.82 -19.59
C VAL A 165 12.51 -14.31 -19.97
N LYS A 166 12.47 -15.46 -20.61
CA LYS A 166 11.21 -16.15 -20.91
C LYS A 166 10.42 -16.40 -19.63
N GLU A 167 11.09 -17.00 -18.63
CA GLU A 167 10.44 -17.29 -17.35
C GLU A 167 10.03 -16.03 -16.65
N MET A 168 10.87 -15.00 -16.72
CA MET A 168 10.56 -13.75 -16.03
C MET A 168 9.31 -13.12 -16.62
N SER A 169 9.20 -13.24 -17.94
CA SER A 169 8.03 -12.75 -18.66
C SER A 169 6.77 -13.47 -18.24
N GLU A 170 6.85 -14.79 -18.26
CA GLU A 170 5.73 -15.63 -17.83
C GLU A 170 5.27 -15.25 -16.41
N SER A 171 6.23 -14.86 -15.59
CA SER A 171 5.95 -14.56 -14.20
C SER A 171 5.31 -13.16 -13.96
N ILE A 172 5.38 -12.26 -14.93
CA ILE A 172 4.56 -11.06 -14.82
C ILE A 172 3.36 -11.18 -15.73
N GLY A 173 3.13 -12.41 -16.23
CA GLY A 173 1.93 -12.75 -16.98
C GLY A 173 1.87 -12.16 -18.38
N LYS A 174 3.05 -11.94 -18.96
CA LYS A 174 3.18 -11.65 -20.36
C LYS A 174 3.44 -12.99 -21.06
N THR A 175 3.23 -13.04 -22.38
CA THR A 175 3.58 -14.21 -23.19
C THR A 175 4.80 -13.89 -24.03
N PRO A 176 5.90 -14.59 -23.81
CA PRO A 176 7.11 -14.29 -24.60
C PRO A 176 7.23 -15.06 -25.92
N VAL A 177 7.74 -14.40 -26.94
CA VAL A 177 8.00 -15.05 -28.19
C VAL A 177 9.48 -14.89 -28.50
N GLU A 178 10.13 -15.96 -28.95
CA GLU A 178 11.54 -15.93 -29.37
C GLU A 178 11.71 -15.25 -30.73
N VAL A 179 12.58 -14.25 -30.77
CA VAL A 179 12.95 -13.65 -32.02
C VAL A 179 14.46 -13.71 -32.21
N ALA A 180 14.91 -14.15 -33.38
CA ALA A 180 16.31 -13.93 -33.70
C ALA A 180 16.49 -12.49 -34.24
N GLU A 181 17.46 -11.77 -33.71
CA GLU A 181 17.61 -10.36 -34.06
C GLU A 181 17.57 -10.14 -35.53
N ALA A 182 16.68 -9.26 -35.94
CA ALA A 182 16.51 -8.90 -37.31
C ALA A 182 15.56 -7.69 -37.33
N PRO A 183 15.69 -6.87 -38.39
CA PRO A 183 15.08 -5.54 -38.42
C PRO A 183 13.62 -5.59 -38.09
N GLY A 184 13.18 -4.77 -37.14
CA GLY A 184 11.77 -4.70 -36.73
C GLY A 184 11.19 -5.94 -36.03
N PHE A 185 12.03 -6.93 -35.74
CA PHE A 185 11.61 -8.14 -35.03
C PHE A 185 10.38 -8.69 -35.75
N VAL A 186 9.30 -8.98 -35.05
CA VAL A 186 8.10 -9.47 -35.69
C VAL A 186 7.03 -8.39 -35.83
N VAL A 187 6.70 -7.72 -34.75
CA VAL A 187 5.50 -6.85 -34.82
C VAL A 187 5.71 -5.61 -35.66
N ASN A 188 6.68 -4.83 -35.28
CA ASN A 188 6.98 -3.64 -35.99
C ASN A 188 7.21 -3.88 -37.48
N ARG A 189 7.86 -4.98 -37.83
CA ARG A 189 8.14 -5.23 -39.21
C ARG A 189 6.87 -5.33 -40.05
N ILE A 190 5.84 -5.95 -39.52
CA ILE A 190 4.49 -6.03 -40.14
C ILE A 190 3.61 -4.78 -39.90
N LEU A 191 3.54 -4.36 -38.66
CA LEU A 191 2.54 -3.38 -38.25
C LEU A 191 2.80 -1.97 -38.85
N ILE A 192 4.04 -1.54 -38.89
CA ILE A 192 4.28 -0.16 -39.22
C ILE A 192 4.16 0.07 -40.72
N PRO A 193 4.71 -0.85 -41.54
CA PRO A 193 4.52 -0.78 -42.98
C PRO A 193 3.07 -0.78 -43.43
N MET A 194 2.27 -1.50 -42.66
CA MET A 194 0.83 -1.51 -42.82
C MET A 194 0.33 -0.07 -42.73
N ILE A 195 0.83 0.65 -41.74
CA ILE A 195 0.44 2.00 -41.49
C ILE A 195 1.04 2.87 -42.58
N ASN A 196 2.29 2.58 -42.94
CA ASN A 196 2.92 3.31 -44.01
C ASN A 196 2.16 3.03 -45.28
N GLU A 197 1.65 1.83 -45.48
CA GLU A 197 0.93 1.53 -46.71
C GLU A 197 -0.25 2.47 -46.91
N ALA A 198 -0.97 2.64 -45.80
CA ALA A 198 -2.15 3.45 -45.74
C ALA A 198 -1.79 4.87 -46.11
N THR A 199 -0.72 5.39 -45.54
CA THR A 199 -0.33 6.76 -45.87
C THR A 199 -0.11 6.94 -47.38
N PHE A 200 0.34 5.87 -48.05
CA PHE A 200 0.51 5.90 -49.51
C PHE A 200 -0.82 5.94 -50.24
N ILE A 201 -1.77 5.16 -49.73
CA ILE A 201 -3.12 5.11 -50.26
C ILE A 201 -3.74 6.47 -50.10
N LEU A 202 -3.53 7.09 -48.94
CA LEU A 202 -4.00 8.43 -48.69
C LEU A 202 -3.44 9.41 -49.69
N GLN A 203 -2.14 9.32 -49.88
CA GLN A 203 -1.35 10.25 -50.67
C GLN A 203 -1.67 10.08 -52.12
N GLU A 204 -2.09 8.87 -52.49
CA GLU A 204 -2.29 8.58 -53.91
C GLU A 204 -3.71 8.88 -54.40
N GLY A 205 -4.51 9.52 -53.56
CA GLY A 205 -5.86 9.92 -53.94
C GLY A 205 -6.81 8.75 -54.00
N VAL A 206 -6.41 7.63 -53.42
CA VAL A 206 -7.20 6.43 -53.51
C VAL A 206 -8.46 6.50 -52.67
N ALA A 207 -8.34 7.04 -51.48
CA ALA A 207 -9.44 7.01 -50.53
C ALA A 207 -9.15 7.98 -49.40
N LYS A 208 -10.17 8.63 -48.88
CA LYS A 208 -9.96 9.56 -47.74
C LYS A 208 -9.65 8.78 -46.43
N GLU A 209 -9.10 9.52 -45.44
CA GLU A 209 -8.68 8.98 -44.12
C GLU A 209 -9.69 8.04 -43.42
N GLU A 210 -10.96 8.44 -43.40
CA GLU A 210 -11.96 7.79 -42.54
C GLU A 210 -12.43 6.49 -43.20
N ASP A 211 -12.51 6.56 -44.51
CA ASP A 211 -12.79 5.41 -45.30
C ASP A 211 -11.66 4.36 -45.18
N ILE A 212 -10.42 4.79 -45.10
CA ILE A 212 -9.34 3.83 -45.04
C ILE A 212 -9.37 3.07 -43.69
N ASP A 213 -9.41 3.83 -42.60
CA ASP A 213 -9.56 3.24 -41.29
C ASP A 213 -10.81 2.35 -41.19
N ALA A 214 -11.95 2.82 -41.71
CA ALA A 214 -13.17 2.02 -41.63
C ALA A 214 -13.03 0.72 -42.37
N ALA A 215 -12.22 0.77 -43.41
CA ALA A 215 -12.05 -0.35 -44.28
C ALA A 215 -11.38 -1.51 -43.54
N MET A 216 -10.52 -1.21 -42.60
CA MET A 216 -9.75 -2.25 -41.95
C MET A 216 -10.48 -2.73 -40.67
N LYS A 217 -11.05 -1.79 -39.91
CA LYS A 217 -11.95 -2.17 -38.80
C LYS A 217 -13.02 -3.16 -39.28
N LEU A 218 -13.80 -2.75 -40.29
CA LEU A 218 -15.01 -3.49 -40.72
C LEU A 218 -14.79 -4.49 -41.81
N GLY A 219 -13.65 -4.41 -42.49
CA GLY A 219 -13.32 -5.32 -43.56
C GLY A 219 -12.37 -6.39 -43.05
N ALA A 220 -11.56 -6.07 -42.05
CA ALA A 220 -10.59 -7.03 -41.56
C ALA A 220 -10.64 -7.19 -40.03
N ASN A 221 -11.71 -6.72 -39.38
CA ASN A 221 -11.86 -6.80 -37.92
C ASN A 221 -10.65 -6.30 -37.21
N HIS A 222 -10.12 -5.17 -37.67
CA HIS A 222 -8.98 -4.65 -36.98
C HIS A 222 -9.50 -3.83 -35.83
N PRO A 223 -8.75 -3.79 -34.70
CA PRO A 223 -9.24 -3.08 -33.52
C PRO A 223 -9.32 -1.58 -33.77
N MET A 224 -8.42 -1.07 -34.60
CA MET A 224 -8.61 0.26 -35.14
C MET A 224 -7.96 0.44 -36.51
N GLY A 225 -8.20 1.57 -37.12
CA GLY A 225 -7.67 1.85 -38.43
C GLY A 225 -6.21 2.22 -38.36
N PRO A 226 -5.46 1.94 -39.43
CA PRO A 226 -4.00 2.18 -39.41
C PRO A 226 -3.62 3.64 -39.18
N LEU A 227 -4.41 4.55 -39.76
CA LEU A 227 -4.20 5.98 -39.53
C LEU A 227 -4.40 6.34 -38.06
N ALA A 228 -5.56 6.06 -37.47
CA ALA A 228 -5.74 6.36 -36.02
C ALA A 228 -4.68 5.63 -35.20
N LEU A 229 -4.45 4.38 -35.58
CA LEU A 229 -3.42 3.58 -34.90
C LEU A 229 -2.11 4.33 -34.91
N GLY A 230 -1.80 4.98 -36.03
CA GLY A 230 -0.55 5.73 -36.15
C GLY A 230 -0.52 6.95 -35.27
N ASP A 231 -1.64 7.68 -35.23
CA ASP A 231 -1.81 8.81 -34.33
C ASP A 231 -1.65 8.34 -32.88
N LEU A 232 -2.09 7.11 -32.60
CA LEU A 232 -1.81 6.51 -31.32
C LEU A 232 -0.37 6.24 -31.14
N ILE A 233 0.24 5.51 -32.06
CA ILE A 233 1.64 5.09 -31.84
C ILE A 233 2.56 6.28 -31.91
N GLY A 234 2.18 7.29 -32.69
CA GLY A 234 3.03 8.44 -32.90
C GLY A 234 3.81 8.37 -34.23
N LEU A 235 3.43 9.25 -35.12
CA LEU A 235 3.92 9.22 -36.48
C LEU A 235 5.42 9.32 -36.54
N ASP A 236 6.02 9.91 -35.52
CA ASP A 236 7.47 10.08 -35.47
C ASP A 236 8.12 8.77 -35.16
N VAL A 237 7.51 8.06 -34.24
CA VAL A 237 7.88 6.69 -33.95
C VAL A 237 7.78 5.82 -35.22
N CYS A 238 6.66 5.96 -35.90
CA CYS A 238 6.35 5.25 -37.12
C CYS A 238 7.35 5.52 -38.27
N LEU A 239 7.66 6.78 -38.47
CA LEU A 239 8.60 7.18 -39.49
C LEU A 239 10.00 6.64 -39.11
N ALA A 240 10.37 6.79 -37.86
CA ALA A 240 11.65 6.31 -37.40
C ALA A 240 11.86 4.82 -37.71
N ILE A 241 10.84 4.04 -37.41
CA ILE A 241 10.87 2.61 -37.64
C ILE A 241 10.93 2.25 -39.12
N MET A 242 10.26 3.01 -39.96
CA MET A 242 10.30 2.71 -41.38
C MET A 242 11.73 3.04 -41.86
N ASP A 243 12.28 4.15 -41.38
CA ASP A 243 13.63 4.53 -41.70
C ASP A 243 14.68 3.51 -41.28
N VAL A 244 14.45 2.78 -40.20
CA VAL A 244 15.43 1.81 -39.72
C VAL A 244 15.33 0.56 -40.58
N LEU A 245 14.10 0.15 -40.80
CA LEU A 245 13.86 -0.93 -41.69
C LEU A 245 14.56 -0.66 -43.03
N TYR A 246 14.33 0.53 -43.62
CA TYR A 246 14.95 0.93 -44.88
C TYR A 246 16.46 0.88 -44.73
N ASN A 247 16.97 1.57 -43.72
CA ASN A 247 18.40 1.63 -43.56
C ASN A 247 19.04 0.31 -43.22
N GLU A 248 18.37 -0.54 -42.45
CA GLU A 248 18.97 -1.79 -42.04
C GLU A 248 19.10 -2.79 -43.21
N THR A 249 18.13 -2.75 -44.13
CA THR A 249 17.99 -3.75 -45.16
C THR A 249 18.44 -3.31 -46.51
N GLY A 250 18.48 -2.01 -46.70
CA GLY A 250 18.74 -1.43 -48.00
C GLY A 250 17.66 -1.80 -48.97
N ASP A 251 16.46 -2.11 -48.46
CA ASP A 251 15.41 -2.61 -49.32
C ASP A 251 14.29 -1.59 -49.34
N THR A 252 14.11 -1.08 -50.57
CA THR A 252 13.27 0.06 -50.91
C THR A 252 11.77 -0.24 -50.64
N LYS A 253 11.46 -1.52 -50.52
CA LYS A 253 10.23 -1.99 -49.94
C LYS A 253 9.78 -1.24 -48.67
N TYR A 254 10.73 -0.75 -47.87
CA TYR A 254 10.39 -0.15 -46.59
C TYR A 254 10.47 1.39 -46.61
N ARG A 255 10.54 1.99 -47.79
CA ARG A 255 10.62 3.43 -47.86
C ARG A 255 9.39 4.11 -47.26
N ALA A 256 9.63 5.10 -46.40
CA ALA A 256 8.55 5.94 -45.93
C ALA A 256 7.89 6.70 -47.06
N SER A 257 6.59 6.95 -46.94
CA SER A 257 5.89 7.91 -47.84
C SER A 257 6.30 9.34 -47.56
N SER A 258 6.43 10.14 -48.61
CA SER A 258 6.64 11.59 -48.42
C SER A 258 5.60 12.19 -47.50
N LEU A 259 4.39 11.66 -47.58
CA LEU A 259 3.32 12.13 -46.69
C LEU A 259 3.66 11.97 -45.22
N LEU A 260 4.00 10.75 -44.83
CA LEU A 260 4.35 10.46 -43.44
C LEU A 260 5.43 11.40 -43.01
N ARG A 261 6.47 11.49 -43.83
CA ARG A 261 7.57 12.39 -43.53
C ARG A 261 7.14 13.88 -43.41
N LYS A 262 6.18 14.36 -44.20
CA LYS A 262 5.68 15.73 -44.07
C LYS A 262 4.88 16.03 -42.80
N TYR A 263 4.00 15.12 -42.40
CA TYR A 263 3.31 15.22 -41.12
C TYR A 263 4.25 15.29 -39.95
N VAL A 264 5.32 14.49 -39.97
CA VAL A 264 6.23 14.46 -38.81
C VAL A 264 7.01 15.76 -38.75
N ARG A 265 7.35 16.31 -39.90
CA ARG A 265 8.00 17.61 -39.97
C ARG A 265 7.05 18.74 -39.53
N ALA A 266 5.77 18.59 -39.83
CA ALA A 266 4.77 19.57 -39.36
C ALA A 266 4.71 19.55 -37.86
N GLY A 267 5.16 18.45 -37.25
CA GLY A 267 4.98 18.23 -35.83
C GLY A 267 3.60 17.73 -35.50
N TRP A 268 2.81 17.37 -36.50
CA TRP A 268 1.52 16.68 -36.31
C TRP A 268 1.74 15.19 -36.04
N LEU A 269 2.13 14.87 -34.81
CA LEU A 269 2.63 13.54 -34.49
C LEU A 269 1.54 12.60 -33.99
N GLY A 270 0.30 13.09 -33.96
CA GLY A 270 -0.85 12.31 -33.48
C GLY A 270 -1.47 12.80 -32.18
N ARG A 271 -1.93 11.85 -31.38
CA ARG A 271 -2.64 12.10 -30.11
C ARG A 271 -1.86 13.01 -29.22
N LYS A 272 -0.66 12.57 -28.90
CA LYS A 272 0.23 13.29 -28.03
C LYS A 272 0.55 14.73 -28.43
N THR A 273 0.09 15.22 -29.58
CA THR A 273 0.30 16.63 -29.91
C THR A 273 -1.00 17.21 -30.42
N GLY A 274 -2.08 16.48 -30.15
CA GLY A 274 -3.41 16.92 -30.40
C GLY A 274 -3.78 16.90 -31.86
N LYS A 275 -2.90 16.36 -32.71
CA LYS A 275 -3.10 16.42 -34.15
C LYS A 275 -2.12 15.52 -34.94
N GLY A 276 -2.68 14.78 -35.89
CA GLY A 276 -1.93 13.96 -36.83
C GLY A 276 -2.79 13.79 -38.07
N PHE A 277 -3.02 12.56 -38.46
CA PHE A 277 -3.97 12.28 -39.54
C PHE A 277 -5.39 12.70 -39.18
N TYR A 278 -5.69 12.70 -37.89
CA TYR A 278 -6.90 13.37 -37.38
C TYR A 278 -6.56 14.47 -36.35
N ASP A 279 -7.58 15.28 -36.01
CA ASP A 279 -7.51 16.44 -35.12
C ASP A 279 -8.11 16.12 -33.75
N TYR A 280 -7.65 16.77 -32.67
CA TYR A 280 -8.17 16.51 -31.31
C TYR A 280 -8.18 17.80 -30.45
N MET B 1 -33.69 0.97 -55.38
CA MET B 1 -33.44 -0.26 -56.16
C MET B 1 -33.99 -1.46 -55.37
N LYS B 2 -34.90 -2.20 -55.99
CA LYS B 2 -35.63 -3.28 -55.35
C LYS B 2 -35.17 -4.62 -55.91
N LYS B 3 -34.37 -4.62 -56.98
CA LYS B 3 -34.14 -5.86 -57.70
C LYS B 3 -32.73 -6.06 -58.19
N VAL B 4 -32.10 -7.10 -57.64
CA VAL B 4 -30.68 -7.39 -57.86
C VAL B 4 -30.41 -8.79 -58.44
N PHE B 5 -29.66 -8.83 -59.53
CA PHE B 5 -29.17 -10.07 -60.10
C PHE B 5 -27.75 -10.32 -59.58
N VAL B 6 -27.54 -11.50 -59.01
CA VAL B 6 -26.25 -11.88 -58.49
C VAL B 6 -25.76 -12.99 -59.38
N LEU B 7 -24.78 -12.67 -60.22
CA LEU B 7 -24.17 -13.69 -61.02
C LEU B 7 -23.16 -14.47 -60.14
N GLY B 8 -23.46 -15.74 -59.89
CA GLY B 8 -22.58 -16.66 -59.13
C GLY B 8 -23.21 -17.21 -57.85
N ALA B 9 -23.23 -18.53 -57.69
CA ALA B 9 -23.82 -19.16 -56.50
C ALA B 9 -22.83 -19.81 -55.56
N GLY B 10 -21.55 -19.47 -55.71
CA GLY B 10 -20.55 -19.91 -54.76
C GLY B 10 -20.76 -19.35 -53.36
N THR B 11 -19.79 -19.58 -52.48
CA THR B 11 -19.77 -18.98 -51.16
C THR B 11 -20.01 -17.47 -51.22
N MET B 12 -19.26 -16.77 -52.04
CA MET B 12 -19.43 -15.33 -52.11
C MET B 12 -20.81 -14.90 -52.64
N GLY B 13 -21.20 -15.40 -53.80
CA GLY B 13 -22.52 -15.11 -54.37
C GLY B 13 -23.65 -15.37 -53.39
N ALA B 14 -23.72 -16.60 -52.89
CA ALA B 14 -24.80 -16.97 -51.98
C ALA B 14 -24.90 -16.06 -50.77
N GLY B 15 -23.76 -15.58 -50.30
CA GLY B 15 -23.72 -14.64 -49.20
C GLY B 15 -24.20 -13.26 -49.62
N ILE B 16 -23.72 -12.78 -50.76
CA ILE B 16 -24.18 -11.50 -51.28
C ILE B 16 -25.70 -11.52 -51.46
N VAL B 17 -26.21 -12.66 -51.89
CA VAL B 17 -27.65 -12.84 -52.08
C VAL B 17 -28.38 -12.72 -50.77
N GLN B 18 -27.92 -13.49 -49.81
CA GLN B 18 -28.51 -13.42 -48.49
C GLN B 18 -28.45 -11.98 -47.98
N ALA B 19 -27.41 -11.26 -48.32
CA ALA B 19 -27.22 -9.95 -47.74
C ALA B 19 -28.24 -8.96 -48.28
N PHE B 20 -28.63 -9.09 -49.53
CA PHE B 20 -29.60 -8.15 -50.06
C PHE B 20 -31.03 -8.57 -49.66
N ALA B 21 -31.29 -9.85 -49.74
CA ALA B 21 -32.61 -10.39 -49.51
C ALA B 21 -33.00 -10.32 -48.05
N ALA B 22 -32.04 -10.30 -47.14
CA ALA B 22 -32.43 -10.18 -45.73
C ALA B 22 -32.86 -8.78 -45.35
N LYS B 23 -32.74 -7.82 -46.25
CA LYS B 23 -33.01 -6.42 -45.94
C LYS B 23 -33.95 -5.82 -46.97
N GLY B 24 -34.85 -6.63 -47.52
CA GLY B 24 -35.92 -6.11 -48.37
C GLY B 24 -35.91 -6.38 -49.87
N CYS B 25 -34.76 -6.70 -50.46
CA CYS B 25 -34.67 -6.74 -51.92
C CYS B 25 -35.18 -8.06 -52.41
N GLU B 26 -35.81 -8.04 -53.60
CA GLU B 26 -35.97 -9.19 -54.52
C GLU B 26 -34.59 -9.51 -55.07
N VAL B 27 -34.21 -10.79 -55.10
CA VAL B 27 -32.89 -11.18 -55.60
C VAL B 27 -33.01 -12.40 -56.49
N ILE B 28 -32.30 -12.38 -57.61
CA ILE B 28 -32.14 -13.56 -58.44
C ILE B 28 -30.68 -13.97 -58.45
N VAL B 29 -30.41 -15.25 -58.16
CA VAL B 29 -29.04 -15.78 -58.21
C VAL B 29 -28.98 -16.70 -59.40
N ARG B 30 -27.92 -16.59 -60.19
CA ARG B 30 -27.76 -17.41 -61.38
C ARG B 30 -26.38 -18.07 -61.41
N ASP B 31 -26.32 -19.31 -61.88
CA ASP B 31 -25.07 -19.99 -62.12
C ASP B 31 -25.30 -20.88 -63.34
N ILE B 32 -24.27 -21.60 -63.80
CA ILE B 32 -24.35 -22.33 -65.08
C ILE B 32 -24.99 -23.71 -64.99
N LYS B 33 -25.39 -24.12 -63.81
CA LYS B 33 -25.97 -25.44 -63.63
C LYS B 33 -26.89 -25.46 -62.43
N GLU B 34 -27.99 -26.19 -62.61
CA GLU B 34 -29.06 -26.21 -61.64
C GLU B 34 -28.57 -26.80 -60.28
N GLU B 35 -27.56 -27.68 -60.27
CA GLU B 35 -27.01 -28.23 -59.01
C GLU B 35 -26.28 -27.11 -58.28
N PHE B 36 -25.61 -26.25 -59.07
CA PHE B 36 -24.85 -25.15 -58.50
C PHE B 36 -25.73 -24.16 -57.73
N VAL B 37 -26.89 -23.90 -58.27
CA VAL B 37 -27.80 -22.93 -57.73
C VAL B 37 -28.41 -23.54 -56.49
N ASP B 38 -28.85 -24.78 -56.59
CA ASP B 38 -29.53 -25.46 -55.48
C ASP B 38 -28.65 -25.48 -54.24
N ARG B 39 -27.36 -25.79 -54.43
CA ARG B 39 -26.37 -25.73 -53.37
C ARG B 39 -26.40 -24.38 -52.68
N GLY B 40 -26.30 -23.32 -53.49
CA GLY B 40 -26.25 -21.96 -52.98
C GLY B 40 -27.45 -21.62 -52.11
N ILE B 41 -28.62 -22.04 -52.58
CA ILE B 41 -29.85 -21.79 -51.88
C ILE B 41 -29.93 -22.67 -50.64
N ALA B 42 -29.34 -23.85 -50.72
CA ALA B 42 -29.14 -24.66 -49.53
C ALA B 42 -28.20 -23.92 -48.56
N THR B 43 -27.09 -23.36 -49.07
CA THR B 43 -26.19 -22.59 -48.19
C THR B 43 -26.96 -21.49 -47.48
N ILE B 44 -27.81 -20.81 -48.24
CA ILE B 44 -28.57 -19.69 -47.69
C ILE B 44 -29.53 -20.19 -46.64
N THR B 45 -30.14 -21.35 -46.87
CA THR B 45 -31.16 -21.83 -45.95
C THR B 45 -30.54 -22.22 -44.60
N LYS B 46 -29.42 -22.96 -44.66
CA LYS B 46 -28.73 -23.41 -43.42
C LYS B 46 -28.31 -22.20 -42.59
N SER B 47 -27.91 -21.16 -43.27
CA SER B 47 -27.45 -19.98 -42.60
C SER B 47 -28.62 -19.30 -41.86
N LEU B 48 -29.74 -19.19 -42.57
CA LEU B 48 -30.92 -18.55 -42.04
C LEU B 48 -31.40 -19.39 -40.87
N SER B 49 -31.35 -20.72 -41.02
CA SER B 49 -31.63 -21.62 -39.88
C SER B 49 -30.84 -21.26 -38.63
N LYS B 50 -29.51 -21.15 -38.77
CA LYS B 50 -28.69 -20.69 -37.64
C LYS B 50 -29.29 -19.43 -36.99
N LEU B 51 -29.50 -18.37 -37.76
CA LEU B 51 -30.00 -17.11 -37.16
C LEU B 51 -31.33 -17.25 -36.36
N VAL B 52 -32.18 -18.20 -36.79
CA VAL B 52 -33.37 -18.56 -36.06
C VAL B 52 -32.97 -19.24 -34.77
N ALA B 53 -32.23 -20.35 -34.84
CA ALA B 53 -31.73 -21.00 -33.58
C ALA B 53 -31.07 -20.03 -32.62
N LYS B 54 -30.46 -18.95 -33.14
CA LYS B 54 -29.78 -17.93 -32.29
C LYS B 54 -30.72 -16.78 -31.91
N GLU B 55 -32.02 -16.95 -32.13
CA GLU B 55 -33.01 -15.88 -31.90
C GLU B 55 -32.62 -14.50 -32.46
N LYS B 56 -31.79 -14.51 -33.50
CA LYS B 56 -31.43 -13.29 -34.21
C LYS B 56 -32.53 -12.87 -35.17
N ILE B 57 -33.29 -13.84 -35.65
CA ILE B 57 -34.46 -13.60 -36.46
C ILE B 57 -35.49 -14.66 -36.14
N THR B 58 -36.72 -14.39 -36.54
CA THR B 58 -37.83 -15.32 -36.36
C THR B 58 -37.97 -16.21 -37.57
N GLU B 59 -38.71 -17.30 -37.36
CA GLU B 59 -38.94 -18.27 -38.38
C GLU B 59 -39.69 -17.66 -39.54
N ALA B 60 -40.54 -16.69 -39.21
CA ALA B 60 -41.32 -15.96 -40.20
C ALA B 60 -40.43 -15.13 -41.08
N ASP B 61 -39.54 -14.38 -40.43
CA ASP B 61 -38.43 -13.68 -41.10
C ASP B 61 -37.74 -14.59 -42.08
N LYS B 62 -37.36 -15.77 -41.61
CA LYS B 62 -36.69 -16.73 -42.48
C LYS B 62 -37.48 -16.95 -43.75
N GLU B 63 -38.74 -17.37 -43.60
CA GLU B 63 -39.58 -17.62 -44.79
C GLU B 63 -39.68 -16.38 -45.72
N GLU B 64 -39.83 -15.19 -45.16
CA GLU B 64 -39.88 -13.95 -45.94
C GLU B 64 -38.62 -13.79 -46.79
N ILE B 65 -37.43 -13.95 -46.17
CA ILE B 65 -36.18 -13.84 -46.91
C ILE B 65 -36.17 -14.81 -48.09
N LEU B 66 -36.54 -16.06 -47.83
CA LEU B 66 -36.45 -17.10 -48.87
C LEU B 66 -37.40 -16.77 -50.02
N SER B 67 -38.58 -16.28 -49.65
CA SER B 67 -39.59 -15.96 -50.65
C SER B 67 -39.10 -14.85 -51.57
N ARG B 68 -38.17 -14.02 -51.11
CA ARG B 68 -37.56 -13.03 -51.98
C ARG B 68 -36.38 -13.54 -52.83
N ILE B 69 -36.10 -14.85 -52.82
CA ILE B 69 -35.01 -15.37 -53.63
C ILE B 69 -35.41 -16.41 -54.66
N SER B 70 -35.01 -16.23 -55.90
CA SER B 70 -35.18 -17.22 -56.94
C SER B 70 -33.85 -17.49 -57.65
N GLY B 71 -33.66 -18.75 -58.02
CA GLY B 71 -32.45 -19.17 -58.73
C GLY B 71 -32.74 -19.48 -60.17
N THR B 72 -31.71 -19.55 -60.99
CA THR B 72 -31.92 -19.68 -62.43
C THR B 72 -30.66 -20.01 -63.15
N THR B 73 -30.82 -20.35 -64.40
CA THR B 73 -29.67 -20.63 -65.23
C THR B 73 -29.60 -19.59 -66.35
N ASP B 74 -30.57 -18.68 -66.37
CA ASP B 74 -30.85 -17.90 -67.57
C ASP B 74 -30.41 -16.44 -67.43
N MET B 75 -29.27 -16.13 -68.01
CA MET B 75 -28.75 -14.75 -68.00
C MET B 75 -29.78 -13.64 -68.27
N LYS B 76 -30.76 -13.95 -69.09
CA LYS B 76 -31.79 -13.02 -69.51
C LYS B 76 -32.67 -12.56 -68.38
N LEU B 77 -32.77 -13.32 -67.31
CA LEU B 77 -33.66 -12.89 -66.22
C LEU B 77 -33.16 -11.55 -65.57
N ALA B 78 -31.87 -11.27 -65.71
CA ALA B 78 -31.28 -10.02 -65.28
C ALA B 78 -31.82 -8.78 -66.00
N ALA B 79 -32.54 -9.00 -67.09
CA ALA B 79 -32.95 -7.91 -68.00
C ALA B 79 -33.59 -6.76 -67.27
N ASP B 80 -34.42 -7.14 -66.32
CA ASP B 80 -35.27 -6.25 -65.61
C ASP B 80 -34.77 -5.88 -64.20
N CYS B 81 -33.55 -6.27 -63.87
CA CYS B 81 -33.02 -5.96 -62.56
C CYS B 81 -32.38 -4.59 -62.51
N ASP B 82 -32.34 -4.03 -61.30
CA ASP B 82 -31.81 -2.70 -61.08
C ASP B 82 -30.30 -2.76 -60.88
N LEU B 83 -29.80 -3.88 -60.38
CA LEU B 83 -28.38 -4.02 -60.09
C LEU B 83 -27.89 -5.44 -60.36
N VAL B 84 -26.70 -5.53 -60.95
CA VAL B 84 -26.02 -6.80 -61.09
C VAL B 84 -24.79 -6.77 -60.20
N VAL B 85 -24.56 -7.84 -59.44
CA VAL B 85 -23.31 -8.04 -58.70
C VAL B 85 -22.71 -9.33 -59.28
N GLU B 86 -21.58 -9.21 -59.97
CA GLU B 86 -20.88 -10.37 -60.56
C GLU B 86 -19.97 -10.90 -59.50
N ALA B 87 -20.17 -12.15 -59.12
CA ALA B 87 -19.35 -12.81 -58.10
C ALA B 87 -18.86 -14.13 -58.64
N ALA B 88 -18.41 -14.14 -59.88
CA ALA B 88 -17.95 -15.35 -60.55
C ALA B 88 -16.45 -15.26 -60.67
N ILE B 89 -15.82 -16.08 -61.48
CA ILE B 89 -14.37 -16.18 -61.34
C ILE B 89 -13.59 -14.91 -61.71
N GLU B 90 -12.33 -14.95 -61.25
CA GLU B 90 -11.49 -13.79 -61.18
C GLU B 90 -10.51 -13.78 -62.38
N ASN B 91 -11.10 -13.58 -63.56
CA ASN B 91 -10.42 -13.63 -64.86
C ASN B 91 -10.91 -12.52 -65.81
N MET B 92 -9.98 -11.75 -66.39
CA MET B 92 -10.36 -10.52 -67.11
C MET B 92 -11.09 -10.75 -68.43
N LYS B 93 -10.63 -11.75 -69.18
CA LYS B 93 -11.20 -12.10 -70.49
C LYS B 93 -12.69 -12.33 -70.36
N ILE B 94 -13.03 -13.07 -69.30
CA ILE B 94 -14.36 -13.53 -69.03
C ILE B 94 -15.19 -12.46 -68.37
N LYS B 95 -14.65 -11.79 -67.37
CA LYS B 95 -15.39 -10.69 -66.82
C LYS B 95 -15.82 -9.76 -67.95
N LYS B 96 -14.94 -9.46 -68.90
CA LYS B 96 -15.32 -8.59 -70.01
C LYS B 96 -16.46 -9.24 -70.81
N GLU B 97 -16.41 -10.56 -70.98
CA GLU B 97 -17.46 -11.27 -71.75
C GLU B 97 -18.80 -11.16 -71.03
N ILE B 98 -18.79 -11.56 -69.77
CA ILE B 98 -19.96 -11.42 -68.91
C ILE B 98 -20.50 -10.01 -68.88
N PHE B 99 -19.62 -9.00 -68.80
CA PHE B 99 -20.10 -7.59 -68.66
C PHE B 99 -20.63 -7.07 -69.95
N ALA B 100 -20.00 -7.50 -71.03
CA ALA B 100 -20.48 -7.19 -72.39
C ALA B 100 -21.90 -7.73 -72.60
N GLU B 101 -22.13 -8.96 -72.11
CA GLU B 101 -23.36 -9.72 -72.28
C GLU B 101 -24.47 -9.04 -71.48
N LEU B 102 -24.15 -8.66 -70.24
CA LEU B 102 -25.12 -7.98 -69.38
C LEU B 102 -25.49 -6.60 -69.93
N ASP B 103 -24.54 -6.00 -70.62
CA ASP B 103 -24.78 -4.77 -71.31
C ASP B 103 -25.91 -4.95 -72.30
N GLY B 104 -25.83 -6.00 -73.12
CA GLY B 104 -26.85 -6.39 -74.09
C GLY B 104 -28.22 -6.71 -73.46
N ILE B 105 -28.22 -7.42 -72.34
CA ILE B 105 -29.46 -7.98 -71.77
C ILE B 105 -30.27 -6.95 -71.00
N CYS B 106 -29.59 -6.10 -70.26
CA CYS B 106 -30.24 -5.32 -69.22
C CYS B 106 -30.82 -4.04 -69.72
N LYS B 107 -31.87 -3.58 -69.02
CA LYS B 107 -32.45 -2.25 -69.23
C LYS B 107 -31.40 -1.17 -68.97
N PRO B 108 -31.44 -0.08 -69.71
CA PRO B 108 -30.45 1.02 -69.63
C PRO B 108 -30.04 1.55 -68.25
N GLU B 109 -30.88 1.42 -67.24
CA GLU B 109 -30.62 1.99 -65.93
C GLU B 109 -29.91 1.02 -65.03
N THR B 110 -29.92 -0.28 -65.39
CA THR B 110 -29.30 -1.31 -64.58
C THR B 110 -27.89 -0.85 -64.35
N ILE B 111 -27.48 -0.87 -63.09
CA ILE B 111 -26.09 -0.70 -62.70
C ILE B 111 -25.45 -2.09 -62.64
N LEU B 112 -24.24 -2.20 -63.21
CA LEU B 112 -23.47 -3.47 -63.34
C LEU B 112 -22.21 -3.47 -62.50
N ALA B 113 -22.13 -4.41 -61.56
CA ALA B 113 -21.13 -4.32 -60.51
C ALA B 113 -20.35 -5.60 -60.31
N SER B 114 -19.08 -5.46 -59.96
CA SER B 114 -18.18 -6.60 -59.85
C SER B 114 -17.63 -6.77 -58.47
N ASN B 115 -17.79 -7.98 -57.94
CA ASN B 115 -17.26 -8.27 -56.64
C ASN B 115 -15.75 -8.52 -56.60
N THR B 116 -15.04 -8.34 -57.70
CA THR B 116 -13.60 -8.56 -57.75
C THR B 116 -12.73 -8.05 -56.63
N SER B 117 -11.61 -8.75 -56.41
CA SER B 117 -10.68 -8.47 -55.31
C SER B 117 -9.48 -7.65 -55.78
N SER B 118 -9.21 -7.69 -57.06
CA SER B 118 -7.99 -7.13 -57.57
C SER B 118 -8.12 -6.49 -58.96
N LEU B 119 -9.07 -6.98 -59.78
CA LEU B 119 -9.11 -6.65 -61.21
C LEU B 119 -9.67 -5.27 -61.56
N SER B 120 -9.34 -4.83 -62.77
CA SER B 120 -9.63 -3.45 -63.20
C SER B 120 -11.10 -3.26 -63.56
N ILE B 121 -11.79 -2.49 -62.73
CA ILE B 121 -13.12 -1.98 -63.06
C ILE B 121 -13.05 -1.22 -64.38
N THR B 122 -12.04 -0.36 -64.58
CA THR B 122 -11.97 0.43 -65.84
C THR B 122 -12.00 -0.54 -67.06
N GLU B 123 -11.18 -1.57 -66.98
CA GLU B 123 -11.02 -2.48 -68.09
C GLU B 123 -12.26 -3.26 -68.36
N VAL B 124 -12.86 -3.81 -67.31
CA VAL B 124 -14.14 -4.48 -67.46
C VAL B 124 -15.22 -3.53 -68.00
N ALA B 125 -15.25 -2.32 -67.45
CA ALA B 125 -16.14 -1.31 -67.99
C ALA B 125 -15.87 -1.05 -69.49
N SER B 126 -14.65 -1.18 -69.95
CA SER B 126 -14.36 -0.86 -71.38
C SER B 126 -14.86 -1.88 -72.39
N ALA B 127 -15.24 -3.05 -71.93
CA ALA B 127 -15.88 -4.01 -72.82
C ALA B 127 -17.41 -3.81 -72.92
N THR B 128 -17.94 -2.68 -72.42
CA THR B 128 -19.39 -2.37 -72.46
C THR B 128 -19.69 -0.98 -72.97
N LYS B 129 -20.91 -0.76 -73.44
CA LYS B 129 -21.40 0.53 -73.92
C LYS B 129 -22.08 1.32 -72.80
N ARG B 130 -21.53 1.18 -71.61
CA ARG B 130 -22.22 1.55 -70.40
C ARG B 130 -21.23 1.98 -69.29
N ALA B 131 -20.00 2.33 -69.67
CA ALA B 131 -18.94 2.50 -68.69
C ALA B 131 -19.37 3.27 -67.44
N ASP B 132 -20.21 4.29 -67.60
CA ASP B 132 -20.65 5.11 -66.45
C ASP B 132 -21.48 4.30 -65.41
N LYS B 133 -22.17 3.28 -65.91
CA LYS B 133 -22.98 2.37 -65.11
C LYS B 133 -22.20 1.16 -64.54
N VAL B 134 -20.87 1.19 -64.68
CA VAL B 134 -19.98 0.11 -64.23
C VAL B 134 -19.10 0.51 -63.07
N ILE B 135 -19.12 -0.34 -62.04
CA ILE B 135 -18.51 -0.03 -60.77
C ILE B 135 -18.13 -1.34 -60.07
N GLY B 136 -17.23 -1.26 -59.08
CA GLY B 136 -16.97 -2.39 -58.22
C GLY B 136 -17.76 -2.21 -56.95
N MET B 137 -18.15 -3.33 -56.36
CA MET B 137 -18.95 -3.31 -55.17
C MET B 137 -18.59 -4.57 -54.40
N HIS B 138 -17.59 -4.42 -53.52
CA HIS B 138 -16.76 -5.55 -53.07
C HIS B 138 -17.12 -5.95 -51.65
N PHE B 139 -17.79 -7.08 -51.55
CA PHE B 139 -18.14 -7.62 -50.23
C PHE B 139 -16.97 -8.38 -49.64
N PHE B 140 -17.13 -8.83 -48.39
CA PHE B 140 -16.12 -9.56 -47.65
C PHE B 140 -16.70 -10.75 -46.90
N ASN B 141 -15.99 -11.87 -46.94
CA ASN B 141 -16.48 -13.14 -46.42
C ASN B 141 -16.53 -13.22 -44.90
N PRO B 142 -17.66 -13.67 -44.34
CA PRO B 142 -18.92 -13.93 -44.99
C PRO B 142 -19.79 -12.67 -45.25
N ALA B 143 -20.27 -12.54 -46.48
CA ALA B 143 -20.97 -11.33 -46.89
C ALA B 143 -22.12 -10.84 -46.00
N PRO B 144 -22.87 -11.76 -45.34
CA PRO B 144 -24.04 -11.29 -44.56
C PRO B 144 -23.65 -10.61 -43.28
N VAL B 145 -22.45 -10.88 -42.78
CA VAL B 145 -22.06 -10.45 -41.45
C VAL B 145 -21.11 -9.25 -41.52
N MET B 146 -20.17 -9.27 -42.47
CA MET B 146 -19.15 -8.21 -42.58
C MET B 146 -19.77 -6.98 -43.20
N LYS B 147 -19.51 -5.81 -42.62
CA LYS B 147 -20.26 -4.61 -42.94
C LYS B 147 -19.62 -3.75 -44.02
N LEU B 148 -18.39 -4.04 -44.39
CA LEU B 148 -17.74 -3.17 -45.38
C LEU B 148 -18.08 -3.58 -46.77
N VAL B 149 -18.40 -2.62 -47.60
CA VAL B 149 -18.33 -2.90 -49.02
C VAL B 149 -17.42 -1.84 -49.55
N GLU B 150 -16.32 -2.24 -50.16
CA GLU B 150 -15.50 -1.27 -50.85
C GLU B 150 -16.26 -0.95 -52.10
N VAL B 151 -16.54 0.31 -52.34
CA VAL B 151 -17.20 0.68 -53.59
C VAL B 151 -16.14 1.26 -54.52
N ILE B 152 -15.73 0.46 -55.51
CA ILE B 152 -14.58 0.79 -56.32
C ILE B 152 -15.07 1.57 -57.55
N ARG B 153 -14.64 2.81 -57.66
CA ARG B 153 -14.96 3.61 -58.81
C ARG B 153 -13.97 3.40 -59.92
N GLY B 154 -14.46 2.95 -61.06
CA GLY B 154 -13.63 2.90 -62.26
C GLY B 154 -13.47 4.29 -62.86
N ALA B 155 -12.46 4.44 -63.69
CA ALA B 155 -12.17 5.70 -64.36
C ALA B 155 -13.40 6.46 -64.88
N ALA B 156 -14.44 5.77 -65.35
CA ALA B 156 -15.57 6.41 -66.03
C ALA B 156 -16.91 6.37 -65.25
N THR B 157 -16.84 5.97 -64.00
CA THR B 157 -17.99 5.66 -63.19
C THR B 157 -18.59 7.01 -62.78
N SER B 158 -19.81 7.28 -63.25
CA SER B 158 -20.55 8.52 -62.93
C SER B 158 -20.74 8.69 -61.46
N GLN B 159 -20.92 9.94 -61.07
CA GLN B 159 -21.27 10.24 -59.68
C GLN B 159 -22.60 9.58 -59.35
N GLU B 160 -23.56 9.74 -60.27
CA GLU B 160 -24.88 9.15 -60.13
C GLU B 160 -24.78 7.65 -59.80
N THR B 161 -23.98 6.92 -60.58
CA THR B 161 -23.79 5.49 -60.35
C THR B 161 -23.15 5.26 -58.98
N PHE B 162 -22.08 5.99 -58.66
CA PHE B 162 -21.54 5.87 -57.32
C PHE B 162 -22.61 6.06 -56.19
N ASP B 163 -23.31 7.18 -56.23
CA ASP B 163 -24.27 7.54 -55.16
C ASP B 163 -25.31 6.46 -55.00
N ALA B 164 -25.93 6.01 -56.07
CA ALA B 164 -26.91 4.94 -55.94
C ALA B 164 -26.35 3.66 -55.25
N VAL B 165 -25.11 3.27 -55.58
CA VAL B 165 -24.53 2.09 -54.93
C VAL B 165 -24.22 2.40 -53.50
N LYS B 166 -23.63 3.55 -53.28
CA LYS B 166 -23.45 4.04 -51.93
C LYS B 166 -24.77 3.84 -51.16
N GLU B 167 -25.80 4.56 -51.58
CA GLU B 167 -27.18 4.50 -51.06
C GLU B 167 -27.68 3.06 -50.87
N MET B 168 -27.56 2.24 -51.90
CA MET B 168 -27.99 0.84 -51.79
C MET B 168 -27.25 0.04 -50.71
N SER B 169 -26.01 0.39 -50.37
CA SER B 169 -25.28 -0.43 -49.39
C SER B 169 -25.74 -0.07 -47.99
N GLU B 170 -25.94 1.23 -47.77
CA GLU B 170 -26.44 1.70 -46.50
C GLU B 170 -27.77 1.07 -46.24
N SER B 171 -28.61 1.08 -47.25
CA SER B 171 -29.95 0.56 -47.11
C SER B 171 -30.01 -0.94 -46.76
N ILE B 172 -28.94 -1.70 -46.99
CA ILE B 172 -28.89 -3.08 -46.43
C ILE B 172 -27.93 -3.24 -45.25
N GLY B 173 -27.57 -2.13 -44.62
CA GLY B 173 -26.81 -2.16 -43.39
C GLY B 173 -25.31 -2.31 -43.53
N LYS B 174 -24.76 -1.96 -44.68
CA LYS B 174 -23.32 -1.95 -44.83
C LYS B 174 -22.79 -0.50 -44.83
N THR B 175 -21.57 -0.34 -44.34
CA THR B 175 -20.82 0.90 -44.46
C THR B 175 -20.00 0.86 -45.77
N PRO B 176 -20.43 1.60 -46.80
CA PRO B 176 -19.66 1.69 -48.04
C PRO B 176 -18.49 2.69 -47.98
N VAL B 177 -17.33 2.33 -48.55
CA VAL B 177 -16.17 3.22 -48.62
C VAL B 177 -15.83 3.53 -50.08
N GLU B 178 -15.60 4.80 -50.40
CA GLU B 178 -15.36 5.24 -51.78
C GLU B 178 -13.91 4.96 -52.19
N VAL B 179 -13.70 4.28 -53.31
CA VAL B 179 -12.36 3.93 -53.71
C VAL B 179 -12.11 4.27 -55.16
N ALA B 180 -11.12 5.12 -55.36
CA ALA B 180 -10.67 5.41 -56.68
C ALA B 180 -9.77 4.22 -57.06
N GLU B 181 -10.10 3.51 -58.13
CA GLU B 181 -9.40 2.28 -58.57
C GLU B 181 -7.90 2.43 -58.52
N ALA B 182 -7.26 1.48 -57.88
CA ALA B 182 -5.81 1.40 -57.82
C ALA B 182 -5.47 -0.04 -57.41
N PRO B 183 -4.24 -0.48 -57.62
CA PRO B 183 -4.07 -1.91 -57.39
C PRO B 183 -4.36 -2.32 -55.95
N GLY B 184 -5.21 -3.35 -55.78
CA GLY B 184 -5.55 -3.94 -54.46
C GLY B 184 -6.54 -3.16 -53.63
N PHE B 185 -7.05 -2.09 -54.24
CA PHE B 185 -7.95 -1.14 -53.59
C PHE B 185 -7.41 -0.72 -52.23
N VAL B 186 -8.16 -0.96 -51.15
CA VAL B 186 -7.71 -0.58 -49.83
C VAL B 186 -7.37 -1.80 -48.98
N VAL B 187 -8.37 -2.61 -48.71
CA VAL B 187 -8.20 -3.71 -47.77
C VAL B 187 -7.05 -4.68 -48.15
N ASN B 188 -7.07 -5.16 -49.38
CA ASN B 188 -6.12 -6.20 -49.77
C ASN B 188 -4.78 -5.61 -49.98
N ARG B 189 -4.76 -4.37 -50.45
CA ARG B 189 -3.51 -3.67 -50.65
C ARG B 189 -2.75 -3.60 -49.36
N ILE B 190 -3.47 -3.54 -48.25
CA ILE B 190 -2.83 -3.49 -46.92
C ILE B 190 -2.64 -4.88 -46.30
N LEU B 191 -3.72 -5.64 -46.26
CA LEU B 191 -3.75 -6.90 -45.58
C LEU B 191 -2.86 -7.94 -46.17
N ILE B 192 -2.85 -8.07 -47.50
CA ILE B 192 -2.12 -9.19 -48.10
C ILE B 192 -0.60 -9.02 -47.91
N PRO B 193 -0.06 -7.83 -48.22
CA PRO B 193 1.35 -7.62 -47.97
C PRO B 193 1.77 -7.91 -46.53
N MET B 194 0.85 -7.79 -45.60
CA MET B 194 1.16 -8.11 -44.20
C MET B 194 1.37 -9.61 -44.13
N ILE B 195 0.57 -10.38 -44.83
CA ILE B 195 0.71 -11.82 -44.76
C ILE B 195 2.04 -12.22 -45.41
N ASN B 196 2.34 -11.56 -46.51
CA ASN B 196 3.55 -11.79 -47.22
C ASN B 196 4.74 -11.49 -46.28
N GLU B 197 4.59 -10.46 -45.49
CA GLU B 197 5.68 -10.15 -44.61
C GLU B 197 5.89 -11.32 -43.62
N ALA B 198 4.80 -11.77 -42.99
CA ALA B 198 4.87 -12.94 -42.14
C ALA B 198 5.72 -14.01 -42.78
N THR B 199 5.49 -14.23 -44.08
CA THR B 199 6.17 -15.31 -44.79
C THR B 199 7.66 -15.04 -44.91
N PHE B 200 8.03 -13.79 -45.14
CA PHE B 200 9.45 -13.45 -45.23
C PHE B 200 10.12 -13.67 -43.89
N ILE B 201 9.46 -13.22 -42.84
CA ILE B 201 9.87 -13.44 -41.46
C ILE B 201 10.13 -14.91 -41.23
N LEU B 202 9.24 -15.76 -41.75
CA LEU B 202 9.32 -17.17 -41.49
C LEU B 202 10.45 -17.76 -42.32
N GLN B 203 10.47 -17.37 -43.60
CA GLN B 203 11.52 -17.68 -44.54
C GLN B 203 12.88 -17.35 -43.99
N GLU B 204 12.96 -16.23 -43.26
CA GLU B 204 14.26 -15.79 -42.74
C GLU B 204 14.55 -16.30 -41.31
N GLY B 205 13.80 -17.29 -40.81
CA GLY B 205 14.12 -17.89 -39.52
C GLY B 205 14.25 -16.85 -38.43
N VAL B 206 13.43 -15.82 -38.49
CA VAL B 206 13.43 -14.81 -37.46
C VAL B 206 12.60 -15.35 -36.28
N ALA B 207 11.52 -16.04 -36.62
CA ALA B 207 10.61 -16.65 -35.65
C ALA B 207 9.89 -17.73 -36.37
N LYS B 208 9.12 -18.48 -35.63
CA LYS B 208 8.40 -19.57 -36.20
C LYS B 208 6.93 -19.25 -36.11
N GLU B 209 6.13 -20.12 -36.72
CA GLU B 209 4.77 -19.79 -37.10
C GLU B 209 3.96 -19.32 -35.92
N GLU B 210 3.83 -20.17 -34.91
CA GLU B 210 2.94 -19.94 -33.76
C GLU B 210 3.31 -18.64 -33.10
N ASP B 211 4.60 -18.37 -33.11
CA ASP B 211 5.17 -17.15 -32.57
C ASP B 211 4.86 -15.90 -33.36
N ILE B 212 4.86 -16.01 -34.67
CA ILE B 212 4.52 -14.88 -35.53
C ILE B 212 3.04 -14.55 -35.29
N ASP B 213 2.19 -15.57 -35.24
CA ASP B 213 0.77 -15.32 -35.10
C ASP B 213 0.44 -14.76 -33.72
N ALA B 214 1.11 -15.29 -32.71
CA ALA B 214 0.85 -14.90 -31.35
C ALA B 214 1.26 -13.45 -31.18
N ALA B 215 2.41 -13.11 -31.76
CA ALA B 215 2.95 -11.77 -31.70
C ALA B 215 1.94 -10.76 -32.18
N MET B 216 1.22 -11.04 -33.26
CA MET B 216 0.29 -10.07 -33.85
C MET B 216 -1.00 -10.01 -33.04
N LYS B 217 -1.52 -11.18 -32.68
CA LYS B 217 -2.65 -11.23 -31.76
C LYS B 217 -2.42 -10.55 -30.41
N LEU B 218 -1.23 -10.69 -29.82
CA LEU B 218 -1.03 -10.19 -28.44
C LEU B 218 -0.28 -8.87 -28.33
N GLY B 219 0.48 -8.54 -29.36
CA GLY B 219 1.19 -7.27 -29.43
C GLY B 219 0.39 -6.27 -30.24
N ALA B 220 -0.45 -6.75 -31.14
CA ALA B 220 -1.13 -5.81 -32.05
C ALA B 220 -2.63 -5.89 -31.96
N ASN B 221 -3.14 -6.83 -31.16
CA ASN B 221 -4.60 -7.00 -31.02
C ASN B 221 -5.32 -7.40 -32.29
N HIS B 222 -4.66 -8.18 -33.14
CA HIS B 222 -5.37 -8.70 -34.29
C HIS B 222 -6.18 -9.95 -33.89
N PRO B 223 -7.34 -10.13 -34.52
CA PRO B 223 -8.20 -11.21 -34.13
C PRO B 223 -7.68 -12.57 -34.55
N MET B 224 -6.76 -12.57 -35.50
CA MET B 224 -6.10 -13.77 -35.98
C MET B 224 -4.69 -13.45 -36.43
N GLY B 225 -3.81 -14.43 -36.34
CA GLY B 225 -2.41 -14.28 -36.79
C GLY B 225 -2.35 -14.32 -38.29
N PRO B 226 -1.45 -13.54 -38.91
CA PRO B 226 -1.36 -13.41 -40.35
C PRO B 226 -1.18 -14.73 -41.07
N LEU B 227 -0.37 -15.62 -40.53
CA LEU B 227 -0.21 -16.92 -41.19
C LEU B 227 -1.49 -17.78 -41.26
N ALA B 228 -2.22 -17.84 -40.16
CA ALA B 228 -3.52 -18.52 -40.14
C ALA B 228 -4.48 -17.86 -41.12
N LEU B 229 -4.51 -16.53 -41.06
CA LEU B 229 -5.38 -15.72 -41.93
C LEU B 229 -5.09 -16.03 -43.41
N GLY B 230 -3.80 -16.15 -43.71
CA GLY B 230 -3.40 -16.73 -45.00
C GLY B 230 -4.04 -18.08 -45.28
N ASP B 231 -3.92 -19.02 -44.33
CA ASP B 231 -4.47 -20.37 -44.50
C ASP B 231 -6.00 -20.33 -44.82
N LEU B 232 -6.68 -19.36 -44.23
CA LEU B 232 -8.12 -19.25 -44.35
C LEU B 232 -8.53 -18.50 -45.64
N ILE B 233 -7.85 -17.41 -45.96
CA ILE B 233 -8.07 -16.75 -47.25
C ILE B 233 -7.67 -17.64 -48.42
N GLY B 234 -6.70 -18.51 -48.19
CA GLY B 234 -6.12 -19.34 -49.27
C GLY B 234 -4.82 -18.74 -49.81
N LEU B 235 -3.72 -19.51 -49.65
CA LEU B 235 -2.40 -19.04 -50.08
C LEU B 235 -2.34 -18.73 -51.57
N ASP B 236 -3.03 -19.53 -52.37
CA ASP B 236 -3.07 -19.28 -53.82
C ASP B 236 -3.64 -17.89 -54.10
N VAL B 237 -4.67 -17.52 -53.33
CA VAL B 237 -5.32 -16.23 -53.47
C VAL B 237 -4.43 -15.11 -53.04
N CYS B 238 -3.84 -15.27 -51.88
CA CYS B 238 -2.86 -14.37 -51.39
C CYS B 238 -1.73 -14.14 -52.35
N LEU B 239 -1.20 -15.19 -52.96
CA LEU B 239 -0.06 -15.08 -53.88
C LEU B 239 -0.45 -14.36 -55.16
N ALA B 240 -1.64 -14.66 -55.64
CA ALA B 240 -2.20 -14.04 -56.80
C ALA B 240 -2.34 -12.56 -56.56
N ILE B 241 -2.83 -12.21 -55.37
CA ILE B 241 -3.11 -10.82 -55.09
C ILE B 241 -1.81 -10.06 -55.06
N MET B 242 -0.78 -10.71 -54.51
CA MET B 242 0.54 -10.12 -54.49
C MET B 242 1.09 -9.96 -55.89
N ASP B 243 0.90 -10.95 -56.79
CA ASP B 243 1.41 -10.77 -58.17
C ASP B 243 0.66 -9.63 -58.92
N VAL B 244 -0.62 -9.44 -58.65
CA VAL B 244 -1.34 -8.35 -59.30
C VAL B 244 -0.72 -7.04 -58.90
N LEU B 245 -0.56 -6.86 -57.60
CA LEU B 245 0.07 -5.65 -57.07
C LEU B 245 1.43 -5.39 -57.70
N TYR B 246 2.28 -6.42 -57.62
CA TYR B 246 3.57 -6.36 -58.26
C TYR B 246 3.47 -6.02 -59.78
N ASN B 247 2.69 -6.75 -60.56
CA ASN B 247 2.60 -6.47 -62.00
C ASN B 247 1.93 -5.19 -62.33
N GLU B 248 1.02 -4.77 -61.50
CA GLU B 248 0.32 -3.56 -61.79
C GLU B 248 1.19 -2.29 -61.60
N THR B 249 1.89 -2.26 -60.48
CA THR B 249 2.71 -1.16 -60.09
C THR B 249 4.14 -1.20 -60.58
N GLY B 250 4.66 -2.37 -60.95
CA GLY B 250 6.09 -2.53 -61.24
C GLY B 250 6.97 -2.27 -60.03
N ASP B 251 6.41 -2.47 -58.83
CA ASP B 251 7.11 -2.12 -57.60
C ASP B 251 7.52 -3.36 -56.78
N THR B 252 8.82 -3.61 -56.84
CA THR B 252 9.57 -4.61 -56.05
C THR B 252 9.08 -4.75 -54.61
N LYS B 253 8.42 -3.72 -54.09
CA LYS B 253 7.83 -3.72 -52.76
C LYS B 253 6.82 -4.81 -52.51
N TYR B 254 6.16 -5.28 -53.57
CA TYR B 254 5.09 -6.27 -53.46
C TYR B 254 5.54 -7.62 -53.99
N ARG B 255 6.84 -7.82 -54.14
CA ARG B 255 7.32 -9.15 -54.51
C ARG B 255 6.92 -10.20 -53.48
N ALA B 256 6.39 -11.32 -53.93
CA ALA B 256 5.94 -12.38 -53.07
C ALA B 256 7.15 -13.19 -52.68
N SER B 257 7.19 -13.72 -51.47
CA SER B 257 8.35 -14.55 -51.03
C SER B 257 8.41 -15.86 -51.78
N SER B 258 9.60 -16.32 -52.15
CA SER B 258 9.76 -17.70 -52.65
C SER B 258 8.91 -18.73 -51.86
N LEU B 259 8.98 -18.66 -50.53
CA LEU B 259 8.24 -19.56 -49.66
C LEU B 259 6.77 -19.67 -50.02
N LEU B 260 6.09 -18.54 -50.11
CA LEU B 260 4.69 -18.57 -50.49
C LEU B 260 4.51 -19.21 -51.86
N ARG B 261 5.25 -18.72 -52.83
CA ARG B 261 5.26 -19.38 -54.14
C ARG B 261 5.52 -20.90 -54.06
N LYS B 262 6.31 -21.36 -53.10
CA LYS B 262 6.59 -22.80 -52.99
C LYS B 262 5.45 -23.58 -52.44
N TYR B 263 4.90 -23.10 -51.33
CA TYR B 263 3.73 -23.71 -50.69
C TYR B 263 2.54 -23.88 -51.66
N VAL B 264 2.40 -22.92 -52.57
CA VAL B 264 1.30 -22.94 -53.49
C VAL B 264 1.53 -24.03 -54.52
N ARG B 265 2.75 -24.16 -55.01
CA ARG B 265 3.11 -25.30 -55.90
C ARG B 265 2.96 -26.68 -55.26
N ALA B 266 3.22 -26.76 -53.97
CA ALA B 266 2.91 -27.96 -53.19
C ALA B 266 1.40 -28.24 -53.07
N GLY B 267 0.58 -27.23 -53.35
CA GLY B 267 -0.86 -27.37 -53.17
C GLY B 267 -1.22 -27.24 -51.72
N TRP B 268 -0.29 -26.76 -50.91
CA TRP B 268 -0.58 -26.45 -49.55
C TRP B 268 -1.34 -25.11 -49.45
N LEU B 269 -2.59 -25.06 -49.88
CA LEU B 269 -3.23 -23.76 -50.04
C LEU B 269 -3.85 -23.23 -48.75
N GLY B 270 -3.77 -23.99 -47.66
CA GLY B 270 -4.43 -23.60 -46.42
C GLY B 270 -5.53 -24.53 -45.98
N ARG B 271 -6.62 -23.96 -45.46
CA ARG B 271 -7.73 -24.79 -44.95
C ARG B 271 -8.26 -25.60 -46.09
N LYS B 272 -8.74 -24.95 -47.13
CA LYS B 272 -9.40 -25.65 -48.24
C LYS B 272 -8.67 -26.88 -48.79
N THR B 273 -7.40 -27.05 -48.50
CA THR B 273 -6.70 -28.23 -48.95
C THR B 273 -6.21 -29.10 -47.81
N GLY B 274 -6.50 -28.73 -46.57
CA GLY B 274 -6.10 -29.51 -45.39
C GLY B 274 -4.78 -29.09 -44.75
N LYS B 275 -4.01 -28.26 -45.45
CA LYS B 275 -2.66 -27.92 -45.01
C LYS B 275 -2.29 -26.65 -45.73
N GLY B 276 -1.84 -25.64 -44.97
CA GLY B 276 -1.03 -24.52 -45.49
C GLY B 276 0.22 -24.28 -44.62
N PHE B 277 0.23 -23.16 -43.90
CA PHE B 277 1.28 -22.92 -42.93
C PHE B 277 1.12 -23.81 -41.73
N TYR B 278 -0.13 -24.20 -41.48
CA TYR B 278 -0.47 -25.13 -40.44
C TYR B 278 -1.11 -26.35 -41.05
N ASP B 279 -1.36 -27.39 -40.24
CA ASP B 279 -1.86 -28.68 -40.74
C ASP B 279 -3.27 -28.83 -40.18
N TYR B 280 -4.13 -29.66 -40.81
CA TYR B 280 -5.58 -29.66 -40.51
C TYR B 280 -6.37 -30.97 -40.81
N MET C 1 -13.07 -45.31 -45.95
CA MET C 1 -13.80 -45.71 -44.71
C MET C 1 -15.18 -45.03 -44.62
N LYS C 2 -16.09 -45.34 -45.56
CA LYS C 2 -17.40 -44.66 -45.72
C LYS C 2 -18.65 -45.58 -45.67
N LYS C 3 -18.46 -46.86 -45.33
CA LYS C 3 -19.57 -47.80 -45.25
C LYS C 3 -19.48 -48.62 -43.96
N VAL C 4 -20.60 -48.68 -43.24
CA VAL C 4 -20.64 -49.03 -41.83
C VAL C 4 -21.83 -49.92 -41.50
N PHE C 5 -21.55 -51.16 -41.10
CA PHE C 5 -22.59 -52.09 -40.58
C PHE C 5 -22.71 -51.83 -39.05
N VAL C 6 -23.93 -51.81 -38.56
CA VAL C 6 -24.26 -51.55 -37.16
C VAL C 6 -25.34 -52.55 -36.67
N LEU C 7 -24.91 -53.62 -36.01
CA LEU C 7 -25.84 -54.55 -35.39
C LEU C 7 -26.60 -53.89 -34.20
N GLY C 8 -27.94 -53.87 -34.25
CA GLY C 8 -28.75 -53.48 -33.09
C GLY C 8 -29.46 -52.17 -33.32
N ALA C 9 -30.75 -52.11 -33.01
CA ALA C 9 -31.56 -50.90 -33.27
C ALA C 9 -32.37 -50.39 -32.06
N GLY C 10 -31.84 -50.60 -30.86
CA GLY C 10 -32.35 -49.99 -29.62
C GLY C 10 -31.76 -48.60 -29.48
N THR C 11 -31.92 -47.98 -28.31
CA THR C 11 -31.45 -46.61 -28.10
C THR C 11 -30.05 -46.41 -28.68
N MET C 12 -29.11 -47.28 -28.31
CA MET C 12 -27.71 -47.09 -28.63
C MET C 12 -27.46 -47.41 -30.08
N GLY C 13 -27.96 -48.53 -30.55
CA GLY C 13 -27.69 -48.91 -31.94
C GLY C 13 -28.12 -47.79 -32.89
N ALA C 14 -29.35 -47.33 -32.73
CA ALA C 14 -29.89 -46.29 -33.58
C ALA C 14 -29.10 -44.99 -33.49
N GLY C 15 -28.81 -44.58 -32.25
CA GLY C 15 -28.06 -43.36 -32.03
C GLY C 15 -26.69 -43.40 -32.72
N ILE C 16 -26.09 -44.58 -32.76
CA ILE C 16 -24.78 -44.76 -33.37
C ILE C 16 -24.95 -44.65 -34.88
N VAL C 17 -25.98 -45.29 -35.38
CA VAL C 17 -26.40 -45.09 -36.78
C VAL C 17 -26.52 -43.59 -37.12
N GLN C 18 -27.31 -42.88 -36.33
CA GLN C 18 -27.52 -41.44 -36.54
C GLN C 18 -26.18 -40.69 -36.52
N ALA C 19 -25.24 -41.15 -35.71
CA ALA C 19 -23.96 -40.50 -35.55
C ALA C 19 -23.05 -40.65 -36.77
N PHE C 20 -23.11 -41.81 -37.42
CA PHE C 20 -22.31 -42.03 -38.65
C PHE C 20 -22.98 -41.41 -39.92
N ALA C 21 -24.18 -41.85 -40.22
CA ALA C 21 -24.98 -41.25 -41.30
C ALA C 21 -24.80 -39.75 -41.35
N ALA C 22 -24.99 -39.08 -40.20
CA ALA C 22 -24.99 -37.61 -40.15
C ALA C 22 -23.71 -36.91 -40.61
N LYS C 23 -22.60 -37.62 -40.70
CA LYS C 23 -21.34 -37.01 -41.09
C LYS C 23 -20.86 -37.65 -42.36
N GLY C 24 -21.80 -38.05 -43.22
CA GLY C 24 -21.48 -38.63 -44.53
C GLY C 24 -20.89 -40.04 -44.49
N CYS C 25 -21.60 -40.93 -43.79
CA CYS C 25 -21.30 -42.37 -43.89
C CYS C 25 -22.57 -43.01 -44.40
N GLU C 26 -22.42 -44.16 -45.03
CA GLU C 26 -23.56 -45.00 -45.31
C GLU C 26 -23.58 -46.08 -44.24
N VAL C 27 -24.78 -46.32 -43.73
CA VAL C 27 -24.99 -47.19 -42.59
C VAL C 27 -26.07 -48.20 -42.94
N ILE C 28 -25.75 -49.47 -42.70
CA ILE C 28 -26.74 -50.53 -42.76
C ILE C 28 -26.96 -51.03 -41.31
N VAL C 29 -28.20 -51.05 -40.86
CA VAL C 29 -28.48 -51.46 -39.50
C VAL C 29 -29.26 -52.78 -39.46
N ARG C 30 -28.69 -53.76 -38.78
CA ARG C 30 -29.25 -55.09 -38.76
C ARG C 30 -29.81 -55.35 -37.36
N ASP C 31 -31.00 -55.94 -37.27
CA ASP C 31 -31.54 -56.43 -35.98
C ASP C 31 -32.16 -57.83 -36.19
N ILE C 32 -33.00 -58.26 -35.24
CA ILE C 32 -33.48 -59.65 -35.13
C ILE C 32 -34.87 -59.83 -35.79
N LYS C 33 -35.76 -58.85 -35.65
CA LYS C 33 -37.04 -58.83 -36.36
C LYS C 33 -37.18 -57.47 -37.08
N GLU C 34 -37.95 -57.44 -38.17
CA GLU C 34 -38.22 -56.20 -38.92
C GLU C 34 -38.96 -55.14 -38.06
N GLU C 35 -39.88 -55.61 -37.23
CA GLU C 35 -40.49 -54.73 -36.21
C GLU C 35 -39.45 -53.88 -35.52
N PHE C 36 -38.27 -54.46 -35.25
CA PHE C 36 -37.19 -53.80 -34.48
C PHE C 36 -36.27 -52.84 -35.26
N VAL C 37 -35.92 -53.18 -36.49
CA VAL C 37 -35.12 -52.27 -37.32
C VAL C 37 -35.97 -51.09 -37.81
N ASP C 38 -37.20 -51.34 -38.25
CA ASP C 38 -38.05 -50.22 -38.67
C ASP C 38 -38.28 -49.30 -37.47
N ARG C 39 -38.57 -49.86 -36.30
CA ARG C 39 -38.69 -49.04 -35.08
C ARG C 39 -37.47 -48.16 -34.84
N GLY C 40 -36.27 -48.70 -35.03
CA GLY C 40 -35.06 -47.93 -34.81
C GLY C 40 -34.95 -46.74 -35.77
N ILE C 41 -35.13 -47.04 -37.05
CA ILE C 41 -35.12 -46.03 -38.09
C ILE C 41 -36.23 -44.98 -37.86
N ALA C 42 -37.42 -45.46 -37.51
CA ALA C 42 -38.45 -44.61 -36.93
C ALA C 42 -37.94 -43.68 -35.81
N THR C 43 -37.12 -44.20 -34.89
CA THR C 43 -36.61 -43.40 -33.76
C THR C 43 -35.59 -42.38 -34.28
N ILE C 44 -34.74 -42.78 -35.23
CA ILE C 44 -33.78 -41.87 -35.84
C ILE C 44 -34.45 -40.73 -36.54
N THR C 45 -35.32 -41.08 -37.50
CA THR C 45 -36.18 -40.14 -38.22
C THR C 45 -36.65 -39.03 -37.33
N LYS C 46 -37.42 -39.40 -36.33
CA LYS C 46 -38.05 -38.48 -35.38
C LYS C 46 -37.02 -37.63 -34.65
N SER C 47 -35.85 -38.22 -34.43
CA SER C 47 -34.76 -37.50 -33.81
C SER C 47 -34.44 -36.32 -34.72
N LEU C 48 -34.16 -36.63 -35.99
CA LEU C 48 -33.76 -35.61 -36.95
C LEU C 48 -34.84 -34.54 -37.10
N SER C 49 -36.11 -34.92 -37.11
CA SER C 49 -37.19 -33.95 -37.06
C SER C 49 -36.98 -32.96 -35.96
N LYS C 50 -36.81 -33.46 -34.74
CA LYS C 50 -36.66 -32.57 -33.61
C LYS C 50 -35.51 -31.60 -33.89
N LEU C 51 -34.48 -32.05 -34.60
CA LEU C 51 -33.37 -31.15 -35.01
C LEU C 51 -33.80 -30.06 -36.04
N VAL C 52 -34.63 -30.42 -37.00
CA VAL C 52 -35.18 -29.46 -37.94
C VAL C 52 -36.11 -28.44 -37.25
N ALA C 53 -36.92 -28.91 -36.32
CA ALA C 53 -37.75 -28.02 -35.48
C ALA C 53 -36.91 -26.99 -34.72
N LYS C 54 -35.68 -27.37 -34.36
CA LYS C 54 -34.78 -26.48 -33.63
C LYS C 54 -33.79 -25.74 -34.53
N GLU C 55 -33.94 -25.88 -35.85
CA GLU C 55 -33.12 -25.14 -36.82
C GLU C 55 -31.64 -25.50 -36.71
N LYS C 56 -31.38 -26.72 -36.23
CA LYS C 56 -30.03 -27.24 -36.09
C LYS C 56 -29.63 -27.81 -37.43
N ILE C 57 -30.58 -28.41 -38.14
CA ILE C 57 -30.37 -28.84 -39.52
C ILE C 57 -31.56 -28.40 -40.37
N THR C 58 -31.41 -28.61 -41.67
CA THR C 58 -32.42 -28.26 -42.65
C THR C 58 -33.09 -29.51 -43.15
N GLU C 59 -34.24 -29.35 -43.81
CA GLU C 59 -35.02 -30.50 -44.30
C GLU C 59 -34.23 -31.33 -45.29
N ALA C 60 -33.33 -30.68 -46.04
CA ALA C 60 -32.50 -31.34 -47.04
C ALA C 60 -31.47 -32.18 -46.34
N ASP C 61 -30.76 -31.57 -45.38
CA ASP C 61 -29.79 -32.30 -44.55
C ASP C 61 -30.48 -33.56 -44.04
N LYS C 62 -31.62 -33.38 -43.36
CA LYS C 62 -32.40 -34.47 -42.79
C LYS C 62 -32.63 -35.58 -43.79
N GLU C 63 -33.04 -35.23 -44.99
CA GLU C 63 -33.29 -36.26 -46.02
C GLU C 63 -31.97 -36.88 -46.52
N GLU C 64 -30.91 -36.10 -46.60
CA GLU C 64 -29.60 -36.60 -47.05
C GLU C 64 -29.04 -37.61 -46.03
N ILE C 65 -29.26 -37.32 -44.75
CA ILE C 65 -29.00 -38.28 -43.66
C ILE C 65 -29.83 -39.56 -43.90
N LEU C 66 -31.17 -39.46 -43.85
CA LEU C 66 -32.02 -40.66 -43.93
C LEU C 66 -31.74 -41.47 -45.20
N SER C 67 -31.32 -40.79 -46.27
CA SER C 67 -31.11 -41.45 -47.55
C SER C 67 -29.91 -42.40 -47.53
N ARG C 68 -28.93 -42.11 -46.67
CA ARG C 68 -27.72 -42.97 -46.61
C ARG C 68 -27.82 -44.10 -45.55
N ILE C 69 -28.98 -44.18 -44.90
CA ILE C 69 -29.37 -45.24 -43.95
C ILE C 69 -30.19 -46.36 -44.65
N SER C 70 -30.24 -47.56 -44.06
CA SER C 70 -31.10 -48.70 -44.52
C SER C 70 -31.17 -49.87 -43.50
N GLY C 71 -32.35 -50.46 -43.31
CA GLY C 71 -32.58 -51.64 -42.43
C GLY C 71 -32.30 -53.03 -43.02
N THR C 72 -32.33 -54.06 -42.17
CA THR C 72 -32.24 -55.50 -42.61
C THR C 72 -32.43 -56.44 -41.39
N THR C 73 -32.46 -57.75 -41.67
CA THR C 73 -32.10 -58.78 -40.68
C THR C 73 -30.95 -59.68 -41.20
N ASP C 74 -30.71 -59.76 -42.50
CA ASP C 74 -29.62 -60.62 -42.96
C ASP C 74 -28.25 -60.00 -42.62
N MET C 75 -27.55 -60.65 -41.69
CA MET C 75 -26.15 -60.42 -41.39
C MET C 75 -25.24 -60.39 -42.62
N LYS C 76 -25.58 -61.17 -43.64
CA LYS C 76 -24.78 -61.23 -44.86
C LYS C 76 -24.59 -59.86 -45.51
N LEU C 77 -25.52 -58.96 -45.27
CA LEU C 77 -25.48 -57.56 -45.71
C LEU C 77 -24.25 -56.74 -45.30
N ALA C 78 -23.33 -57.34 -44.55
CA ALA C 78 -22.16 -56.63 -44.06
C ALA C 78 -20.94 -56.79 -44.98
N ALA C 79 -21.12 -57.47 -46.12
CA ALA C 79 -19.96 -57.86 -46.94
C ALA C 79 -19.14 -56.70 -47.51
N ASP C 80 -19.77 -55.52 -47.68
CA ASP C 80 -19.04 -54.35 -48.23
C ASP C 80 -18.88 -53.21 -47.24
N CYS C 81 -19.28 -53.43 -45.99
CA CYS C 81 -19.02 -52.42 -44.97
C CYS C 81 -17.55 -52.51 -44.62
N ASP C 82 -16.95 -51.34 -44.33
CA ASP C 82 -15.48 -51.20 -44.04
C ASP C 82 -15.22 -51.07 -42.52
N LEU C 83 -16.24 -50.67 -41.78
CA LEU C 83 -16.26 -50.83 -40.33
C LEU C 83 -17.56 -51.50 -39.85
N VAL C 84 -17.42 -52.40 -38.88
CA VAL C 84 -18.60 -52.90 -38.16
C VAL C 84 -18.59 -52.49 -36.70
N VAL C 85 -19.72 -51.96 -36.25
CA VAL C 85 -19.89 -51.60 -34.87
C VAL C 85 -21.02 -52.41 -34.27
N GLU C 86 -20.70 -53.37 -33.39
CA GLU C 86 -21.74 -54.20 -32.72
C GLU C 86 -22.35 -53.54 -31.47
N ALA C 87 -23.64 -53.24 -31.52
CA ALA C 87 -24.33 -52.69 -30.36
C ALA C 87 -25.53 -53.55 -30.01
N ALA C 88 -25.32 -54.86 -30.12
CA ALA C 88 -26.38 -55.82 -29.92
C ALA C 88 -26.68 -56.06 -28.45
N ILE C 89 -26.25 -57.20 -27.96
CA ILE C 89 -26.70 -57.71 -26.70
C ILE C 89 -25.40 -57.94 -25.92
N GLU C 90 -25.48 -57.67 -24.62
CA GLU C 90 -24.37 -57.85 -23.71
C GLU C 90 -24.30 -59.30 -23.27
N ASN C 91 -23.85 -60.17 -24.17
CA ASN C 91 -23.78 -61.58 -23.91
C ASN C 91 -22.67 -62.30 -24.67
N MET C 92 -21.65 -62.74 -23.93
CA MET C 92 -20.40 -63.24 -24.52
C MET C 92 -20.57 -64.31 -25.57
N LYS C 93 -21.42 -65.27 -25.28
CA LYS C 93 -21.57 -66.42 -26.14
C LYS C 93 -22.17 -65.95 -27.48
N ILE C 94 -23.12 -65.02 -27.41
CA ILE C 94 -23.74 -64.48 -28.62
C ILE C 94 -22.75 -63.55 -29.40
N LYS C 95 -22.05 -62.69 -28.65
CA LYS C 95 -21.11 -61.80 -29.27
C LYS C 95 -20.08 -62.59 -30.02
N LYS C 96 -19.60 -63.67 -29.40
CA LYS C 96 -18.56 -64.54 -29.97
C LYS C 96 -19.05 -65.12 -31.31
N GLU C 97 -20.32 -65.58 -31.31
CA GLU C 97 -20.94 -66.10 -32.53
C GLU C 97 -20.98 -65.00 -33.59
N ILE C 98 -21.54 -63.85 -33.21
CA ILE C 98 -21.70 -62.72 -34.12
C ILE C 98 -20.38 -62.34 -34.80
N PHE C 99 -19.31 -62.28 -34.03
CA PHE C 99 -18.06 -61.83 -34.58
C PHE C 99 -17.45 -62.91 -35.46
N ALA C 100 -17.68 -64.18 -35.09
CA ALA C 100 -17.17 -65.30 -35.90
C ALA C 100 -17.82 -65.36 -37.28
N GLU C 101 -19.14 -65.20 -37.33
CA GLU C 101 -19.85 -65.01 -38.61
C GLU C 101 -19.23 -63.87 -39.43
N LEU C 102 -19.11 -62.69 -38.81
CA LEU C 102 -18.64 -61.46 -39.50
C LEU C 102 -17.23 -61.59 -40.01
N ASP C 103 -16.45 -62.35 -39.27
CA ASP C 103 -15.12 -62.69 -39.69
C ASP C 103 -15.23 -63.30 -41.09
N GLY C 104 -16.13 -64.29 -41.25
CA GLY C 104 -16.37 -65.04 -42.50
C GLY C 104 -16.87 -64.11 -43.60
N ILE C 105 -17.92 -63.36 -43.31
CA ILE C 105 -18.55 -62.46 -44.28
C ILE C 105 -17.68 -61.30 -44.83
N CYS C 106 -16.97 -60.59 -44.00
CA CYS C 106 -16.52 -59.24 -44.39
C CYS C 106 -15.21 -59.26 -45.15
N LYS C 107 -14.96 -58.14 -45.83
CA LYS C 107 -13.69 -57.89 -46.51
C LYS C 107 -12.56 -58.06 -45.47
N PRO C 108 -11.39 -58.56 -45.89
CA PRO C 108 -10.25 -58.79 -44.96
C PRO C 108 -9.77 -57.61 -44.12
N GLU C 109 -9.94 -56.38 -44.61
CA GLU C 109 -9.49 -55.19 -43.89
C GLU C 109 -10.63 -54.48 -43.14
N THR C 110 -11.87 -54.95 -43.26
CA THR C 110 -12.97 -54.48 -42.38
C THR C 110 -12.60 -54.60 -40.88
N ILE C 111 -12.95 -53.57 -40.10
CA ILE C 111 -12.65 -53.58 -38.65
C ILE C 111 -13.91 -53.94 -37.86
N LEU C 112 -13.74 -54.81 -36.87
CA LEU C 112 -14.88 -55.29 -36.10
C LEU C 112 -14.83 -54.70 -34.69
N ALA C 113 -15.72 -53.75 -34.45
CA ALA C 113 -15.72 -53.03 -33.20
C ALA C 113 -16.98 -53.37 -32.40
N SER C 114 -16.87 -53.27 -31.07
CA SER C 114 -17.97 -53.48 -30.11
C SER C 114 -18.26 -52.27 -29.20
N ASN C 115 -19.50 -51.86 -29.19
CA ASN C 115 -19.96 -50.82 -28.31
C ASN C 115 -20.27 -51.33 -26.90
N THR C 116 -19.76 -52.50 -26.53
CA THR C 116 -19.96 -53.06 -25.19
C THR C 116 -19.33 -52.21 -24.12
N SER C 117 -19.62 -52.54 -22.86
CA SER C 117 -19.37 -51.56 -21.82
C SER C 117 -18.93 -51.95 -20.37
N SER C 118 -18.78 -53.21 -19.98
CA SER C 118 -18.00 -54.20 -20.70
C SER C 118 -18.40 -55.71 -20.70
N LEU C 119 -18.00 -56.33 -21.78
CA LEU C 119 -17.57 -57.67 -21.84
C LEU C 119 -16.18 -57.47 -22.48
N SER C 120 -15.48 -58.57 -22.78
CA SER C 120 -14.07 -58.49 -23.10
C SER C 120 -13.85 -58.42 -24.60
N ILE C 121 -13.44 -57.25 -25.08
CA ILE C 121 -12.99 -57.09 -26.44
C ILE C 121 -12.10 -58.23 -26.80
N THR C 122 -11.13 -58.50 -25.93
CA THR C 122 -10.13 -59.54 -26.18
C THR C 122 -10.81 -60.88 -26.40
N GLU C 123 -11.62 -61.30 -25.44
CA GLU C 123 -12.31 -62.57 -25.56
C GLU C 123 -13.16 -62.68 -26.82
N VAL C 124 -13.91 -61.62 -27.12
CA VAL C 124 -14.64 -61.51 -28.39
C VAL C 124 -13.69 -61.67 -29.58
N ALA C 125 -12.55 -61.00 -29.54
CA ALA C 125 -11.57 -61.08 -30.64
C ALA C 125 -11.10 -62.50 -30.86
N SER C 126 -10.96 -63.26 -29.80
CA SER C 126 -10.43 -64.61 -29.89
C SER C 126 -11.41 -65.58 -30.54
N ALA C 127 -12.67 -65.17 -30.67
CA ALA C 127 -13.60 -65.97 -31.49
C ALA C 127 -13.44 -65.75 -33.04
N THR C 128 -12.31 -65.16 -33.48
CA THR C 128 -12.05 -64.83 -34.89
C THR C 128 -10.59 -64.99 -35.28
N LYS C 129 -10.31 -65.05 -36.58
CA LYS C 129 -8.93 -65.18 -37.05
C LYS C 129 -8.40 -63.80 -37.40
N ARG C 130 -8.95 -62.79 -36.77
CA ARG C 130 -8.80 -61.42 -37.18
C ARG C 130 -8.52 -60.48 -35.99
N ALA C 131 -8.12 -61.08 -34.85
CA ALA C 131 -8.15 -60.43 -33.56
C ALA C 131 -7.40 -59.08 -33.55
N ASP C 132 -6.42 -58.93 -34.43
CA ASP C 132 -5.73 -57.63 -34.61
C ASP C 132 -6.65 -56.53 -35.14
N LYS C 133 -7.66 -56.90 -35.93
CA LYS C 133 -8.68 -55.97 -36.46
C LYS C 133 -9.99 -55.99 -35.64
N VAL C 134 -9.90 -56.41 -34.38
CA VAL C 134 -10.99 -56.31 -33.42
C VAL C 134 -10.66 -55.23 -32.36
N ILE C 135 -11.64 -54.42 -32.03
CA ILE C 135 -11.42 -53.33 -31.11
C ILE C 135 -12.75 -52.98 -30.45
N GLY C 136 -12.74 -52.23 -29.35
CA GLY C 136 -13.96 -51.68 -28.81
C GLY C 136 -14.06 -50.22 -29.22
N MET C 137 -15.25 -49.80 -29.59
CA MET C 137 -15.52 -48.40 -29.91
C MET C 137 -16.81 -48.04 -29.17
N HIS C 138 -16.66 -47.34 -28.06
CA HIS C 138 -17.70 -47.25 -27.04
C HIS C 138 -18.28 -45.85 -26.98
N PHE C 139 -19.51 -45.73 -27.42
CA PHE C 139 -20.16 -44.43 -27.54
C PHE C 139 -20.91 -44.29 -26.24
N PHE C 140 -21.48 -43.10 -26.04
CA PHE C 140 -22.21 -42.77 -24.83
C PHE C 140 -23.60 -42.26 -25.19
N ASN C 141 -24.54 -42.37 -24.28
CA ASN C 141 -25.90 -41.97 -24.61
C ASN C 141 -26.14 -40.47 -24.38
N PRO C 142 -26.78 -39.79 -25.35
CA PRO C 142 -27.15 -40.21 -26.71
C PRO C 142 -25.95 -40.20 -27.63
N ALA C 143 -25.80 -41.20 -28.50
CA ALA C 143 -24.61 -41.26 -29.36
C ALA C 143 -24.45 -40.04 -30.29
N PRO C 144 -25.57 -39.48 -30.80
CA PRO C 144 -25.38 -38.30 -31.63
C PRO C 144 -24.95 -37.05 -30.88
N VAL C 145 -24.97 -37.03 -29.56
CA VAL C 145 -24.58 -35.80 -28.84
C VAL C 145 -23.21 -35.85 -28.19
N MET C 146 -22.97 -36.92 -27.43
CA MET C 146 -21.79 -37.00 -26.61
C MET C 146 -20.59 -37.14 -27.52
N LYS C 147 -19.54 -36.39 -27.22
CA LYS C 147 -18.41 -36.26 -28.11
C LYS C 147 -17.29 -37.30 -27.87
N LEU C 148 -17.43 -38.09 -26.81
CA LEU C 148 -16.42 -39.07 -26.45
C LEU C 148 -16.71 -40.41 -27.12
N VAL C 149 -15.67 -41.04 -27.66
CA VAL C 149 -15.69 -42.50 -27.81
C VAL C 149 -14.44 -43.12 -27.09
N GLU C 150 -14.66 -44.17 -26.34
CA GLU C 150 -13.52 -44.81 -25.73
C GLU C 150 -13.08 -45.83 -26.73
N VAL C 151 -11.82 -45.79 -27.09
CA VAL C 151 -11.32 -46.75 -28.04
C VAL C 151 -10.52 -47.76 -27.30
N ILE C 152 -11.08 -48.95 -27.20
CA ILE C 152 -10.65 -49.93 -26.22
C ILE C 152 -9.83 -50.98 -26.90
N ARG C 153 -8.57 -51.08 -26.53
CA ARG C 153 -7.70 -52.00 -27.19
C ARG C 153 -7.68 -53.34 -26.52
N GLY C 154 -8.03 -54.36 -27.25
CA GLY C 154 -7.84 -55.70 -26.71
C GLY C 154 -6.38 -56.10 -26.63
N ALA C 155 -6.13 -57.23 -26.02
CA ALA C 155 -4.75 -57.66 -25.89
C ALA C 155 -4.11 -57.73 -27.28
N ALA C 156 -4.82 -58.22 -28.28
CA ALA C 156 -4.21 -58.43 -29.61
C ALA C 156 -4.46 -57.26 -30.58
N THR C 157 -5.30 -56.32 -30.19
CA THR C 157 -5.64 -55.22 -31.07
C THR C 157 -4.39 -54.48 -31.53
N SER C 158 -4.18 -54.40 -32.85
CA SER C 158 -2.96 -53.78 -33.42
C SER C 158 -2.96 -52.25 -33.38
N GLN C 159 -1.78 -51.64 -33.55
CA GLN C 159 -1.69 -50.17 -33.58
C GLN C 159 -2.49 -49.62 -34.76
N GLU C 160 -2.27 -50.23 -35.92
CA GLU C 160 -2.91 -49.80 -37.17
C GLU C 160 -4.44 -49.84 -37.00
N THR C 161 -4.96 -50.89 -36.36
CA THR C 161 -6.40 -50.94 -36.06
C THR C 161 -6.76 -49.71 -35.20
N PHE C 162 -5.94 -49.43 -34.17
CA PHE C 162 -6.24 -48.33 -33.25
C PHE C 162 -6.34 -47.02 -33.99
N ASP C 163 -5.29 -46.71 -34.75
CA ASP C 163 -5.24 -45.46 -35.51
C ASP C 163 -6.47 -45.34 -36.40
N ALA C 164 -6.81 -46.41 -37.11
CA ALA C 164 -7.96 -46.34 -38.00
C ALA C 164 -9.23 -45.89 -37.28
N VAL C 165 -9.44 -46.49 -36.12
CA VAL C 165 -10.67 -46.31 -35.38
C VAL C 165 -10.62 -44.96 -34.70
N LYS C 166 -9.42 -44.49 -34.39
CA LYS C 166 -9.23 -43.12 -33.91
C LYS C 166 -9.61 -42.08 -34.93
N GLU C 167 -8.94 -42.12 -36.09
CA GLU C 167 -9.18 -41.19 -37.18
C GLU C 167 -10.65 -41.24 -37.58
N MET C 168 -11.26 -42.42 -37.60
CA MET C 168 -12.67 -42.48 -37.96
C MET C 168 -13.49 -41.68 -36.94
N SER C 169 -13.23 -41.87 -35.65
CA SER C 169 -13.91 -41.08 -34.63
C SER C 169 -13.73 -39.58 -34.90
N GLU C 170 -12.47 -39.17 -35.07
CA GLU C 170 -12.17 -37.76 -35.37
C GLU C 170 -13.06 -37.24 -36.52
N SER C 171 -13.12 -38.06 -37.56
CA SER C 171 -14.00 -37.90 -38.73
C SER C 171 -15.53 -37.69 -38.49
N ILE C 172 -16.13 -38.27 -37.46
CA ILE C 172 -17.53 -37.95 -37.17
C ILE C 172 -17.68 -36.96 -36.01
N GLY C 173 -16.61 -36.25 -35.70
CA GLY C 173 -16.71 -35.12 -34.78
C GLY C 173 -16.71 -35.55 -33.32
N LYS C 174 -16.14 -36.73 -33.08
CA LYS C 174 -16.03 -37.30 -31.77
C LYS C 174 -14.56 -37.19 -31.35
N THR C 175 -14.30 -37.26 -30.05
CA THR C 175 -12.93 -37.24 -29.56
C THR C 175 -12.59 -38.60 -28.98
N PRO C 176 -11.61 -39.27 -29.56
CA PRO C 176 -11.33 -40.60 -29.07
C PRO C 176 -10.32 -40.62 -27.90
N VAL C 177 -10.49 -41.54 -26.96
CA VAL C 177 -9.49 -41.73 -25.93
C VAL C 177 -8.97 -43.17 -26.01
N GLU C 178 -7.64 -43.34 -26.02
CA GLU C 178 -7.07 -44.69 -25.95
C GLU C 178 -7.34 -45.32 -24.59
N VAL C 179 -7.72 -46.61 -24.61
CA VAL C 179 -7.95 -47.32 -23.37
C VAL C 179 -7.42 -48.74 -23.41
N ALA C 180 -6.59 -49.14 -22.45
CA ALA C 180 -6.14 -50.51 -22.48
C ALA C 180 -7.19 -51.38 -21.73
N GLU C 181 -7.76 -52.38 -22.40
CA GLU C 181 -8.96 -53.04 -21.87
C GLU C 181 -8.87 -53.37 -20.40
N ALA C 182 -9.76 -52.81 -19.59
CA ALA C 182 -9.94 -53.27 -18.21
C ALA C 182 -11.36 -52.96 -17.74
N PRO C 183 -11.75 -53.44 -16.54
CA PRO C 183 -13.17 -53.46 -16.26
C PRO C 183 -13.80 -52.10 -16.21
N GLY C 184 -14.92 -51.93 -16.91
CA GLY C 184 -15.67 -50.69 -16.92
C GLY C 184 -14.92 -49.53 -17.55
N PHE C 185 -13.83 -49.88 -18.25
CA PHE C 185 -12.98 -48.96 -18.96
C PHE C 185 -12.68 -47.73 -18.11
N VAL C 186 -13.16 -46.57 -18.52
CA VAL C 186 -12.91 -45.35 -17.75
C VAL C 186 -14.21 -44.72 -17.28
N VAL C 187 -14.99 -44.17 -18.21
CA VAL C 187 -16.20 -43.50 -17.78
C VAL C 187 -17.01 -44.34 -16.78
N ASN C 188 -17.26 -45.60 -17.11
CA ASN C 188 -18.17 -46.41 -16.34
C ASN C 188 -17.65 -46.80 -14.96
N ARG C 189 -16.38 -47.17 -14.94
CA ARG C 189 -15.70 -47.50 -13.75
C ARG C 189 -15.81 -46.39 -12.73
N ILE C 190 -15.77 -45.14 -13.16
CA ILE C 190 -15.90 -44.02 -12.23
C ILE C 190 -17.36 -43.65 -11.98
N LEU C 191 -18.17 -43.69 -13.03
CA LEU C 191 -19.45 -43.02 -13.02
C LEU C 191 -20.48 -43.87 -12.32
N ILE C 192 -20.50 -45.14 -12.63
CA ILE C 192 -21.56 -45.95 -12.06
C ILE C 192 -21.38 -46.14 -10.55
N PRO C 193 -20.14 -46.42 -10.09
CA PRO C 193 -19.87 -46.51 -8.66
C PRO C 193 -20.24 -45.29 -7.87
N MET C 194 -20.27 -44.16 -8.54
CA MET C 194 -20.65 -42.88 -7.92
C MET C 194 -22.15 -42.98 -7.61
N ILE C 195 -22.88 -43.29 -8.66
CA ILE C 195 -24.28 -43.56 -8.58
C ILE C 195 -24.54 -44.59 -7.51
N ASN C 196 -23.83 -45.72 -7.60
CA ASN C 196 -23.97 -46.80 -6.63
C ASN C 196 -23.68 -46.28 -5.22
N GLU C 197 -22.63 -45.49 -5.01
CA GLU C 197 -22.43 -44.87 -3.67
C GLU C 197 -23.63 -44.08 -3.12
N ALA C 198 -24.30 -43.36 -4.02
CA ALA C 198 -25.45 -42.52 -3.68
C ALA C 198 -26.58 -43.37 -3.14
N THR C 199 -26.77 -44.54 -3.75
CA THR C 199 -27.75 -45.50 -3.30
C THR C 199 -27.45 -45.98 -1.90
N PHE C 200 -26.17 -46.10 -1.54
CA PHE C 200 -25.86 -46.51 -0.17
C PHE C 200 -26.20 -45.42 0.80
N ILE C 201 -25.90 -44.18 0.40
CA ILE C 201 -26.13 -43.02 1.21
C ILE C 201 -27.62 -43.00 1.50
N LEU C 202 -28.43 -43.25 0.46
CA LEU C 202 -29.87 -43.33 0.60
C LEU C 202 -30.28 -44.47 1.56
N GLN C 203 -29.70 -45.62 1.29
CA GLN C 203 -29.97 -46.85 2.00
C GLN C 203 -29.61 -46.77 3.45
N GLU C 204 -28.66 -45.93 3.78
CA GLU C 204 -28.16 -45.82 5.15
C GLU C 204 -28.83 -44.67 5.90
N GLY C 205 -29.79 -44.03 5.26
CA GLY C 205 -30.54 -42.99 5.89
C GLY C 205 -29.70 -41.77 6.13
N VAL C 206 -28.71 -41.55 5.30
CA VAL C 206 -27.88 -40.36 5.44
C VAL C 206 -28.63 -39.11 5.05
N ALA C 207 -29.35 -39.20 3.93
CA ALA C 207 -30.02 -38.07 3.35
C ALA C 207 -31.00 -38.56 2.30
N LYS C 208 -32.02 -37.78 2.02
CA LYS C 208 -32.99 -38.20 1.02
C LYS C 208 -32.55 -37.87 -0.43
N GLU C 209 -33.27 -38.43 -1.39
CA GLU C 209 -32.95 -38.36 -2.80
C GLU C 209 -32.80 -36.95 -3.38
N GLU C 210 -33.64 -36.02 -2.95
CA GLU C 210 -33.61 -34.71 -3.58
C GLU C 210 -32.35 -34.00 -3.06
N ASP C 211 -32.08 -34.21 -1.79
CA ASP C 211 -30.87 -33.69 -1.16
C ASP C 211 -29.53 -34.22 -1.70
N ILE C 212 -29.42 -35.53 -1.90
CA ILE C 212 -28.21 -36.11 -2.50
C ILE C 212 -27.98 -35.54 -3.89
N ASP C 213 -29.05 -35.54 -4.68
CA ASP C 213 -28.97 -35.04 -6.02
C ASP C 213 -28.69 -33.50 -6.00
N ALA C 214 -29.37 -32.75 -5.14
CA ALA C 214 -29.04 -31.30 -5.00
C ALA C 214 -27.63 -31.08 -4.55
N ALA C 215 -27.13 -32.00 -3.72
CA ALA C 215 -25.81 -31.86 -3.15
C ALA C 215 -24.76 -31.87 -4.24
N MET C 216 -24.83 -32.84 -5.14
CA MET C 216 -23.81 -32.97 -6.18
C MET C 216 -23.99 -31.92 -7.29
N LYS C 217 -25.23 -31.55 -7.58
CA LYS C 217 -25.50 -30.50 -8.56
C LYS C 217 -24.92 -29.17 -8.06
N LEU C 218 -25.21 -28.80 -6.82
CA LEU C 218 -24.84 -27.48 -6.32
C LEU C 218 -23.50 -27.46 -5.58
N GLY C 219 -23.19 -28.53 -4.85
CA GLY C 219 -21.91 -28.67 -4.17
C GLY C 219 -20.73 -28.97 -5.10
N ALA C 220 -21.00 -29.51 -6.27
CA ALA C 220 -19.93 -29.99 -7.11
C ALA C 220 -20.15 -29.70 -8.58
N ASN C 221 -21.17 -28.91 -8.88
CA ASN C 221 -21.40 -28.49 -10.26
C ASN C 221 -21.72 -29.64 -11.18
N HIS C 222 -22.41 -30.64 -10.69
CA HIS C 222 -22.62 -31.72 -11.60
C HIS C 222 -23.83 -31.36 -12.44
N PRO C 223 -23.82 -31.78 -13.72
CA PRO C 223 -24.93 -31.42 -14.58
C PRO C 223 -26.21 -32.09 -14.12
N MET C 224 -26.10 -33.15 -13.32
CA MET C 224 -27.29 -33.83 -12.81
C MET C 224 -26.97 -34.64 -11.54
N GLY C 225 -27.96 -34.85 -10.69
CA GLY C 225 -27.75 -35.66 -9.52
C GLY C 225 -27.63 -37.15 -9.87
N PRO C 226 -26.83 -37.93 -9.09
CA PRO C 226 -26.56 -39.33 -9.44
C PRO C 226 -27.79 -40.20 -9.50
N LEU C 227 -28.79 -39.86 -8.70
CA LEU C 227 -29.99 -40.65 -8.66
C LEU C 227 -30.84 -40.44 -9.92
N ALA C 228 -31.01 -39.18 -10.34
CA ALA C 228 -31.66 -38.84 -11.62
C ALA C 228 -30.87 -39.40 -12.79
N LEU C 229 -29.56 -39.27 -12.67
CA LEU C 229 -28.64 -39.80 -13.67
C LEU C 229 -28.81 -41.31 -13.75
N GLY C 230 -28.95 -41.99 -12.60
CA GLY C 230 -29.30 -43.42 -12.58
C GLY C 230 -30.58 -43.74 -13.31
N ASP C 231 -31.63 -42.93 -13.06
CA ASP C 231 -32.88 -43.07 -13.79
C ASP C 231 -32.70 -42.74 -15.27
N LEU C 232 -31.83 -41.80 -15.60
CA LEU C 232 -31.60 -41.55 -16.98
C LEU C 232 -30.88 -42.72 -17.62
N ILE C 233 -29.86 -43.23 -16.95
CA ILE C 233 -29.05 -44.28 -17.55
C ILE C 233 -29.77 -45.59 -17.64
N GLY C 234 -30.66 -45.86 -16.68
CA GLY C 234 -31.21 -47.20 -16.57
C GLY C 234 -30.57 -47.99 -15.43
N LEU C 235 -31.30 -48.05 -14.32
CA LEU C 235 -30.86 -48.73 -13.12
C LEU C 235 -30.47 -50.18 -13.39
N ASP C 236 -31.06 -50.81 -14.41
CA ASP C 236 -30.68 -52.18 -14.74
C ASP C 236 -29.32 -52.17 -15.34
N VAL C 237 -29.10 -51.20 -16.21
CA VAL C 237 -27.79 -50.98 -16.82
C VAL C 237 -26.75 -50.73 -15.73
N CYS C 238 -27.11 -49.86 -14.80
CA CYS C 238 -26.25 -49.56 -13.65
C CYS C 238 -25.90 -50.81 -12.83
N LEU C 239 -26.90 -51.60 -12.47
CA LEU C 239 -26.63 -52.80 -11.70
C LEU C 239 -25.76 -53.80 -12.50
N ALA C 240 -26.10 -53.99 -13.75
CA ALA C 240 -25.30 -54.84 -14.63
C ALA C 240 -23.80 -54.45 -14.62
N ILE C 241 -23.52 -53.15 -14.64
CA ILE C 241 -22.15 -52.70 -14.68
C ILE C 241 -21.46 -52.90 -13.36
N MET C 242 -22.19 -52.73 -12.27
CA MET C 242 -21.57 -52.94 -11.00
C MET C 242 -21.27 -54.44 -10.87
N ASP C 243 -22.21 -55.29 -11.28
CA ASP C 243 -21.97 -56.72 -11.23
C ASP C 243 -20.82 -57.18 -12.09
N VAL C 244 -20.59 -56.44 -13.18
CA VAL C 244 -19.53 -56.78 -14.10
C VAL C 244 -18.19 -56.45 -13.45
N LEU C 245 -18.14 -55.28 -12.87
CA LEU C 245 -16.96 -54.82 -12.19
C LEU C 245 -16.57 -55.77 -11.06
N TYR C 246 -17.56 -56.07 -10.20
CA TYR C 246 -17.44 -57.01 -9.12
C TYR C 246 -16.93 -58.39 -9.62
N ASN C 247 -17.48 -58.91 -10.70
CA ASN C 247 -17.10 -60.25 -11.13
C ASN C 247 -15.77 -60.25 -11.77
N GLU C 248 -15.48 -59.17 -12.44
CA GLU C 248 -14.29 -59.10 -13.21
C GLU C 248 -13.07 -58.95 -12.28
N THR C 249 -13.19 -58.12 -11.24
CA THR C 249 -12.09 -57.79 -10.35
C THR C 249 -12.02 -58.63 -9.12
N GLY C 250 -13.14 -59.27 -8.78
CA GLY C 250 -13.26 -59.97 -7.53
C GLY C 250 -13.16 -59.04 -6.34
N ASP C 251 -13.22 -57.75 -6.62
CA ASP C 251 -12.95 -56.79 -5.59
C ASP C 251 -14.30 -56.25 -5.10
N THR C 252 -14.56 -56.56 -3.85
CA THR C 252 -15.80 -56.22 -3.16
C THR C 252 -16.05 -54.69 -3.08
N LYS C 253 -15.01 -53.91 -3.33
CA LYS C 253 -15.18 -52.49 -3.57
C LYS C 253 -16.37 -52.11 -4.49
N TYR C 254 -16.71 -52.98 -5.43
CA TYR C 254 -17.74 -52.74 -6.45
C TYR C 254 -19.10 -53.40 -6.16
N ARG C 255 -19.31 -53.90 -4.94
CA ARG C 255 -20.56 -54.54 -4.62
C ARG C 255 -21.69 -53.52 -4.70
N ALA C 256 -22.73 -53.91 -5.42
CA ALA C 256 -23.90 -53.13 -5.56
C ALA C 256 -24.67 -53.10 -4.25
N SER C 257 -25.39 -52.01 -4.02
CA SER C 257 -26.26 -51.89 -2.82
C SER C 257 -27.45 -52.80 -2.98
N SER C 258 -27.86 -53.42 -1.87
CA SER C 258 -29.14 -54.16 -1.83
C SER C 258 -30.26 -53.30 -2.35
N LEU C 259 -30.19 -52.00 -2.05
CA LEU C 259 -31.23 -51.10 -2.47
C LEU C 259 -31.28 -51.02 -3.99
N LEU C 260 -30.14 -50.94 -4.65
CA LEU C 260 -30.17 -50.81 -6.10
C LEU C 260 -30.72 -52.09 -6.68
N ARG C 261 -30.26 -53.22 -6.16
CA ARG C 261 -30.69 -54.51 -6.67
C ARG C 261 -32.20 -54.69 -6.47
N LYS C 262 -32.79 -54.11 -5.43
CA LYS C 262 -34.24 -54.17 -5.23
C LYS C 262 -35.08 -53.37 -6.23
N TYR C 263 -34.74 -52.10 -6.43
CA TYR C 263 -35.42 -51.30 -7.46
C TYR C 263 -35.46 -51.97 -8.83
N VAL C 264 -34.34 -52.56 -9.27
CA VAL C 264 -34.32 -53.26 -10.56
C VAL C 264 -35.28 -54.45 -10.47
N ARG C 265 -35.24 -55.21 -9.40
CA ARG C 265 -36.19 -56.31 -9.19
C ARG C 265 -37.67 -55.91 -9.21
N ALA C 266 -37.94 -54.69 -8.73
CA ALA C 266 -39.28 -54.14 -8.77
C ALA C 266 -39.72 -53.78 -10.17
N GLY C 267 -38.77 -53.76 -11.11
CA GLY C 267 -39.00 -53.16 -12.39
C GLY C 267 -39.06 -51.63 -12.36
N TRP C 268 -38.61 -51.01 -11.27
CA TRP C 268 -38.50 -49.56 -11.25
C TRP C 268 -37.16 -49.13 -11.77
N LEU C 269 -37.03 -49.05 -13.10
CA LEU C 269 -35.73 -48.98 -13.79
C LEU C 269 -35.30 -47.57 -14.18
N GLY C 270 -36.08 -46.58 -13.74
CA GLY C 270 -35.87 -45.22 -14.17
C GLY C 270 -36.92 -44.70 -15.13
N ARG C 271 -36.47 -43.79 -16.00
CA ARG C 271 -37.32 -43.01 -16.93
C ARG C 271 -38.08 -43.87 -17.88
N LYS C 272 -37.34 -44.73 -18.56
CA LYS C 272 -37.93 -45.70 -19.47
C LYS C 272 -39.01 -46.64 -18.92
N THR C 273 -39.23 -46.74 -17.61
CA THR C 273 -40.43 -47.42 -17.10
C THR C 273 -41.25 -46.47 -16.27
N GLY C 274 -40.93 -45.18 -16.36
CA GLY C 274 -41.70 -44.16 -15.68
C GLY C 274 -41.60 -44.14 -14.17
N LYS C 275 -40.84 -45.07 -13.59
CA LYS C 275 -40.55 -45.04 -12.18
C LYS C 275 -39.15 -45.58 -11.95
N GLY C 276 -38.31 -44.81 -11.26
CA GLY C 276 -37.04 -45.30 -10.73
C GLY C 276 -36.82 -44.81 -9.32
N PHE C 277 -35.76 -44.05 -9.11
CA PHE C 277 -35.58 -43.34 -7.85
C PHE C 277 -36.60 -42.24 -7.67
N TYR C 278 -37.11 -41.74 -8.80
CA TYR C 278 -38.18 -40.76 -8.83
C TYR C 278 -39.30 -41.27 -9.73
N ASP C 279 -40.50 -40.69 -9.55
CA ASP C 279 -41.68 -41.00 -10.37
C ASP C 279 -41.83 -40.07 -11.59
N TYR C 280 -42.26 -40.56 -12.75
CA TYR C 280 -42.41 -39.73 -13.97
C TYR C 280 -43.77 -39.89 -14.72
N MET D 1 -31.68 -14.74 13.55
CA MET D 1 -30.20 -14.78 13.71
C MET D 1 -29.54 -13.81 12.71
N LYS D 2 -28.93 -12.75 13.22
CA LYS D 2 -28.40 -11.71 12.36
C LYS D 2 -26.97 -11.40 12.74
N LYS D 3 -26.46 -12.05 13.78
CA LYS D 3 -25.09 -11.83 14.20
C LYS D 3 -24.29 -13.11 14.22
N VAL D 4 -23.24 -13.16 13.38
CA VAL D 4 -22.43 -14.37 13.15
C VAL D 4 -20.91 -14.23 13.40
N PHE D 5 -20.32 -15.21 14.06
CA PHE D 5 -18.90 -15.22 14.39
C PHE D 5 -18.20 -16.32 13.55
N VAL D 6 -17.38 -15.92 12.59
CA VAL D 6 -16.63 -16.85 11.80
C VAL D 6 -15.25 -17.02 12.39
N LEU D 7 -14.93 -18.21 12.83
CA LEU D 7 -13.57 -18.52 13.24
C LEU D 7 -12.70 -18.91 12.03
N GLY D 8 -11.62 -18.19 11.82
CA GLY D 8 -10.74 -18.45 10.67
C GLY D 8 -10.90 -17.42 9.58
N ALA D 9 -9.91 -16.58 9.38
CA ALA D 9 -9.84 -15.80 8.14
C ALA D 9 -9.16 -16.70 7.12
N GLY D 10 -8.77 -16.14 6.00
CA GLY D 10 -8.26 -17.02 4.96
C GLY D 10 -9.40 -17.73 4.22
N THR D 11 -9.03 -18.57 3.28
CA THR D 11 -9.92 -18.93 2.19
C THR D 11 -11.34 -19.28 2.64
N MET D 12 -11.55 -20.36 3.37
CA MET D 12 -12.94 -20.73 3.67
C MET D 12 -13.64 -19.70 4.56
N GLY D 13 -12.97 -19.23 5.60
CA GLY D 13 -13.54 -18.25 6.48
C GLY D 13 -13.87 -16.96 5.78
N ALA D 14 -12.88 -16.41 5.12
CA ALA D 14 -13.07 -15.16 4.38
C ALA D 14 -14.26 -15.24 3.42
N GLY D 15 -14.43 -16.35 2.73
CA GLY D 15 -15.66 -16.59 1.97
C GLY D 15 -16.95 -16.64 2.83
N ILE D 16 -16.92 -17.38 3.93
CA ILE D 16 -18.14 -17.60 4.68
C ILE D 16 -18.66 -16.29 5.26
N VAL D 17 -17.72 -15.46 5.67
CA VAL D 17 -17.99 -14.09 6.06
C VAL D 17 -18.62 -13.30 4.92
N GLN D 18 -18.03 -13.35 3.73
CA GLN D 18 -18.64 -12.70 2.61
C GLN D 18 -20.06 -13.22 2.41
N ALA D 19 -20.23 -14.53 2.56
CA ALA D 19 -21.52 -15.09 2.23
C ALA D 19 -22.59 -14.61 3.19
N PHE D 20 -22.25 -14.47 4.46
CA PHE D 20 -23.25 -14.01 5.42
C PHE D 20 -23.48 -12.48 5.33
N ALA D 21 -22.37 -11.75 5.29
CA ALA D 21 -22.34 -10.28 5.23
C ALA D 21 -23.03 -9.68 4.00
N ALA D 22 -22.91 -10.36 2.88
CA ALA D 22 -23.45 -9.82 1.62
C ALA D 22 -24.93 -9.92 1.55
N LYS D 23 -25.54 -10.63 2.48
CA LYS D 23 -26.97 -10.92 2.47
C LYS D 23 -27.59 -10.40 3.74
N GLY D 24 -26.84 -9.59 4.47
CA GLY D 24 -27.42 -8.76 5.50
C GLY D 24 -27.05 -8.99 6.95
N CYS D 25 -26.11 -9.90 7.22
CA CYS D 25 -25.78 -10.22 8.60
C CYS D 25 -24.63 -9.33 9.03
N GLU D 26 -24.54 -9.10 10.34
CA GLU D 26 -23.35 -8.52 10.97
C GLU D 26 -22.40 -9.69 11.17
N VAL D 27 -21.12 -9.49 10.92
CA VAL D 27 -20.17 -10.59 10.97
C VAL D 27 -18.91 -10.12 11.64
N ILE D 28 -18.43 -10.95 12.56
CA ILE D 28 -17.13 -10.78 13.19
C ILE D 28 -16.26 -11.93 12.73
N VAL D 29 -15.13 -11.64 12.13
CA VAL D 29 -14.20 -12.69 11.68
C VAL D 29 -13.04 -12.67 12.66
N ARG D 30 -12.57 -13.84 13.06
CA ARG D 30 -11.54 -13.90 14.09
C ARG D 30 -10.49 -14.97 13.78
N ASP D 31 -9.23 -14.65 14.09
CA ASP D 31 -8.11 -15.54 13.80
C ASP D 31 -7.04 -15.16 14.80
N ILE D 32 -5.87 -15.80 14.74
CA ILE D 32 -4.92 -15.71 15.89
C ILE D 32 -3.96 -14.52 15.86
N LYS D 33 -3.87 -13.84 14.73
CA LYS D 33 -3.02 -12.68 14.58
C LYS D 33 -3.76 -11.62 13.81
N GLU D 34 -3.47 -10.36 14.06
CA GLU D 34 -4.17 -9.32 13.34
C GLU D 34 -3.80 -9.37 11.82
N GLU D 35 -2.61 -9.83 11.44
CA GLU D 35 -2.22 -9.81 10.00
C GLU D 35 -3.08 -10.82 9.22
N PHE D 36 -3.36 -11.96 9.85
CA PHE D 36 -4.28 -12.95 9.30
C PHE D 36 -5.69 -12.37 9.04
N VAL D 37 -6.26 -11.79 10.09
CA VAL D 37 -7.50 -11.03 10.01
C VAL D 37 -7.46 -10.05 8.84
N ASP D 38 -6.44 -9.19 8.78
CA ASP D 38 -6.30 -8.15 7.71
C ASP D 38 -6.33 -8.79 6.32
N ARG D 39 -5.48 -9.81 6.14
CA ARG D 39 -5.41 -10.49 4.88
C ARG D 39 -6.79 -10.93 4.43
N GLY D 40 -7.48 -11.65 5.32
CA GLY D 40 -8.81 -12.14 5.02
C GLY D 40 -9.77 -11.05 4.52
N ILE D 41 -9.88 -9.96 5.31
CA ILE D 41 -10.65 -8.79 4.93
C ILE D 41 -10.20 -8.16 3.60
N ALA D 42 -8.89 -8.08 3.39
CA ALA D 42 -8.38 -7.73 2.09
C ALA D 42 -8.94 -8.64 0.96
N THR D 43 -8.92 -9.95 1.18
CA THR D 43 -9.57 -10.85 0.19
C THR D 43 -11.04 -10.50 -0.08
N ILE D 44 -11.82 -10.38 1.00
CA ILE D 44 -13.22 -10.00 0.90
C ILE D 44 -13.33 -8.73 0.09
N THR D 45 -12.53 -7.73 0.45
CA THR D 45 -12.48 -6.48 -0.34
C THR D 45 -12.27 -6.70 -1.85
N LYS D 46 -11.11 -7.25 -2.23
CA LYS D 46 -10.82 -7.50 -3.68
C LYS D 46 -11.93 -8.29 -4.35
N SER D 47 -12.45 -9.27 -3.66
CA SER D 47 -13.54 -10.05 -4.21
C SER D 47 -14.77 -9.15 -4.48
N LEU D 48 -15.08 -8.29 -3.52
CA LEU D 48 -16.21 -7.40 -3.63
C LEU D 48 -15.98 -6.45 -4.78
N SER D 49 -14.73 -5.98 -4.91
CA SER D 49 -14.33 -5.17 -6.04
C SER D 49 -14.70 -5.83 -7.36
N LYS D 50 -14.25 -7.06 -7.54
CA LYS D 50 -14.58 -7.82 -8.75
C LYS D 50 -16.07 -7.74 -9.01
N LEU D 51 -16.89 -8.01 -8.01
CA LEU D 51 -18.34 -7.99 -8.23
C LEU D 51 -18.89 -6.64 -8.71
N VAL D 52 -18.20 -5.57 -8.33
CA VAL D 52 -18.53 -4.24 -8.81
C VAL D 52 -18.11 -4.08 -10.28
N ALA D 53 -16.83 -4.31 -10.59
CA ALA D 53 -16.37 -4.24 -12.00
C ALA D 53 -17.27 -4.99 -12.99
N LYS D 54 -17.89 -6.09 -12.53
CA LYS D 54 -18.74 -6.94 -13.38
C LYS D 54 -20.20 -6.54 -13.23
N GLU D 55 -20.46 -5.41 -12.61
CA GLU D 55 -21.83 -4.93 -12.39
C GLU D 55 -22.78 -5.91 -11.73
N LYS D 56 -22.26 -6.83 -10.91
CA LYS D 56 -23.12 -7.70 -10.15
C LYS D 56 -23.66 -6.93 -8.94
N ILE D 57 -22.89 -5.95 -8.49
CA ILE D 57 -23.34 -5.05 -7.44
C ILE D 57 -22.82 -3.65 -7.66
N THR D 58 -23.45 -2.72 -6.94
CA THR D 58 -23.11 -1.31 -6.95
C THR D 58 -22.07 -0.99 -5.90
N GLU D 59 -21.45 0.17 -6.09
CA GLU D 59 -20.38 0.63 -5.23
C GLU D 59 -20.89 0.76 -3.80
N ALA D 60 -22.11 1.27 -3.68
CA ALA D 60 -22.80 1.38 -2.40
C ALA D 60 -22.88 0.02 -1.71
N ASP D 61 -23.44 -0.96 -2.44
CA ASP D 61 -23.53 -2.35 -1.98
C ASP D 61 -22.23 -2.80 -1.32
N LYS D 62 -21.15 -2.77 -2.09
CA LYS D 62 -19.82 -3.02 -1.55
C LYS D 62 -19.61 -2.42 -0.17
N GLU D 63 -19.84 -1.12 -0.03
CA GLU D 63 -19.57 -0.42 1.23
C GLU D 63 -20.44 -0.93 2.36
N GLU D 64 -21.73 -1.08 2.04
CA GLU D 64 -22.69 -1.70 2.93
C GLU D 64 -22.16 -3.03 3.46
N ILE D 65 -21.70 -3.92 2.59
CA ILE D 65 -21.23 -5.24 3.05
C ILE D 65 -20.09 -5.07 4.05
N LEU D 66 -19.08 -4.27 3.66
CA LEU D 66 -17.88 -4.09 4.49
C LEU D 66 -18.26 -3.50 5.85
N SER D 67 -19.16 -2.51 5.82
CA SER D 67 -19.57 -1.86 7.06
C SER D 67 -20.12 -2.86 8.06
N ARG D 68 -20.69 -3.96 7.56
CA ARG D 68 -21.19 -5.06 8.39
C ARG D 68 -20.14 -6.11 8.72
N ILE D 69 -18.85 -5.84 8.42
CA ILE D 69 -17.76 -6.77 8.79
C ILE D 69 -16.69 -6.16 9.69
N SER D 70 -16.48 -6.78 10.84
CA SER D 70 -15.46 -6.37 11.79
C SER D 70 -14.59 -7.60 12.09
N GLY D 71 -13.29 -7.37 12.23
CA GLY D 71 -12.34 -8.48 12.48
C GLY D 71 -11.70 -8.36 13.85
N THR D 72 -11.15 -9.43 14.37
CA THR D 72 -10.68 -9.38 15.75
C THR D 72 -9.78 -10.53 16.09
N THR D 73 -9.22 -10.44 17.27
CA THR D 73 -8.31 -11.46 17.67
C THR D 73 -8.87 -12.16 18.94
N ASP D 74 -9.97 -11.61 19.47
CA ASP D 74 -10.42 -11.87 20.82
C ASP D 74 -11.66 -12.76 20.75
N MET D 75 -11.55 -13.94 21.34
CA MET D 75 -12.62 -14.91 21.32
C MET D 75 -13.88 -14.48 22.04
N LYS D 76 -13.76 -13.61 23.05
CA LYS D 76 -14.89 -13.10 23.84
C LYS D 76 -15.90 -12.45 22.95
N LEU D 77 -15.46 -11.91 21.80
CA LEU D 77 -16.40 -11.14 20.94
C LEU D 77 -17.50 -11.99 20.31
N ALA D 78 -17.28 -13.31 20.34
CA ALA D 78 -18.29 -14.27 19.94
C ALA D 78 -19.44 -14.32 20.94
N ALA D 79 -19.17 -13.92 22.18
CA ALA D 79 -20.14 -14.08 23.28
C ALA D 79 -21.55 -13.70 22.87
N ASP D 80 -21.64 -12.64 22.10
CA ASP D 80 -22.92 -12.04 21.79
C ASP D 80 -23.61 -12.64 20.58
N CYS D 81 -22.88 -13.41 19.77
CA CYS D 81 -23.36 -13.79 18.46
C CYS D 81 -24.45 -14.89 18.49
N ASP D 82 -25.20 -14.99 17.39
CA ASP D 82 -26.33 -15.90 17.33
C ASP D 82 -25.88 -17.27 16.81
N LEU D 83 -24.94 -17.23 15.87
CA LEU D 83 -24.37 -18.41 15.27
C LEU D 83 -22.88 -18.23 15.19
N VAL D 84 -22.15 -19.34 15.42
CA VAL D 84 -20.70 -19.40 15.23
C VAL D 84 -20.35 -20.45 14.18
N VAL D 85 -19.62 -20.06 13.13
CA VAL D 85 -19.09 -21.02 12.14
C VAL D 85 -17.59 -21.18 12.31
N GLU D 86 -17.14 -22.35 12.74
CA GLU D 86 -15.71 -22.64 12.95
C GLU D 86 -15.17 -23.12 11.65
N ALA D 87 -14.11 -22.48 11.17
CA ALA D 87 -13.52 -22.83 9.87
C ALA D 87 -11.99 -22.84 9.98
N ALA D 88 -11.46 -23.61 10.94
CA ALA D 88 -10.10 -23.37 11.47
C ALA D 88 -9.03 -24.41 11.18
N ILE D 89 -9.16 -25.61 11.72
CA ILE D 89 -8.16 -26.65 11.51
C ILE D 89 -8.96 -27.90 11.46
N GLU D 90 -8.52 -28.85 10.65
CA GLU D 90 -9.25 -30.09 10.54
C GLU D 90 -8.55 -31.14 11.43
N ASN D 91 -8.52 -30.80 12.72
CA ASN D 91 -7.99 -31.64 13.77
C ASN D 91 -8.95 -31.74 14.98
N MET D 92 -9.28 -32.96 15.40
CA MET D 92 -10.39 -33.18 16.35
C MET D 92 -10.11 -32.64 17.75
N LYS D 93 -8.94 -32.94 18.25
CA LYS D 93 -8.51 -32.49 19.58
C LYS D 93 -8.69 -30.99 19.82
N ILE D 94 -8.35 -30.19 18.80
CA ILE D 94 -8.39 -28.73 18.85
C ILE D 94 -9.78 -28.25 18.56
N LYS D 95 -10.42 -28.86 17.58
CA LYS D 95 -11.85 -28.63 17.43
C LYS D 95 -12.59 -28.85 18.76
N LYS D 96 -12.28 -29.94 19.47
CA LYS D 96 -12.92 -30.17 20.76
C LYS D 96 -12.59 -29.03 21.72
N GLU D 97 -11.33 -28.60 21.76
CA GLU D 97 -10.96 -27.48 22.66
C GLU D 97 -11.69 -26.16 22.30
N ILE D 98 -11.75 -25.82 21.01
CA ILE D 98 -12.43 -24.59 20.56
C ILE D 98 -13.90 -24.55 20.96
N PHE D 99 -14.63 -25.64 20.66
CA PHE D 99 -16.07 -25.69 20.90
C PHE D 99 -16.39 -25.68 22.37
N ALA D 100 -15.48 -26.23 23.17
CA ALA D 100 -15.63 -26.16 24.63
C ALA D 100 -15.45 -24.73 25.12
N GLU D 101 -14.47 -24.04 24.57
CA GLU D 101 -14.23 -22.63 24.84
C GLU D 101 -15.49 -21.81 24.49
N LEU D 102 -15.99 -22.01 23.27
CA LEU D 102 -17.16 -21.25 22.78
C LEU D 102 -18.45 -21.50 23.58
N ASP D 103 -18.49 -22.65 24.24
CA ASP D 103 -19.60 -23.06 25.06
C ASP D 103 -19.50 -22.18 26.26
N GLY D 104 -18.28 -22.04 26.81
CA GLY D 104 -17.95 -21.15 27.94
C GLY D 104 -18.30 -19.69 27.59
N ILE D 105 -17.77 -19.22 26.48
CA ILE D 105 -17.94 -17.83 26.09
C ILE D 105 -19.38 -17.42 25.73
N CYS D 106 -20.14 -18.24 25.04
CA CYS D 106 -21.35 -17.72 24.40
C CYS D 106 -22.60 -17.85 25.24
N LYS D 107 -23.58 -17.04 24.85
CA LYS D 107 -24.87 -17.07 25.47
C LYS D 107 -25.48 -18.44 25.21
N PRO D 108 -26.52 -18.79 25.97
CA PRO D 108 -27.08 -20.14 25.81
C PRO D 108 -27.66 -20.43 24.43
N GLU D 109 -28.19 -19.39 23.78
CA GLU D 109 -28.88 -19.48 22.47
C GLU D 109 -27.98 -19.64 21.25
N THR D 110 -26.72 -19.20 21.36
CA THR D 110 -25.79 -19.29 20.25
C THR D 110 -25.77 -20.74 19.77
N ILE D 111 -25.92 -20.91 18.47
CA ILE D 111 -25.68 -22.17 17.78
C ILE D 111 -24.19 -22.23 17.33
N LEU D 112 -23.54 -23.38 17.58
CA LEU D 112 -22.09 -23.57 17.27
C LEU D 112 -21.85 -24.50 16.06
N ALA D 113 -21.56 -23.91 14.92
CA ALA D 113 -21.42 -24.72 13.69
C ALA D 113 -19.97 -24.90 13.25
N SER D 114 -19.68 -26.09 12.74
CA SER D 114 -18.36 -26.42 12.23
C SER D 114 -18.38 -26.56 10.73
N ASN D 115 -17.37 -26.01 10.06
CA ASN D 115 -17.31 -26.14 8.62
C ASN D 115 -16.47 -27.33 8.18
N THR D 116 -16.29 -28.29 9.08
CA THR D 116 -15.57 -29.51 8.74
C THR D 116 -15.98 -30.27 7.50
N SER D 117 -14.99 -30.88 6.82
CA SER D 117 -15.23 -31.66 5.60
C SER D 117 -15.47 -33.15 5.84
N SER D 118 -15.11 -33.63 7.02
CA SER D 118 -15.26 -35.07 7.31
C SER D 118 -15.45 -35.46 8.79
N LEU D 119 -15.05 -34.59 9.73
CA LEU D 119 -14.95 -34.95 11.15
C LEU D 119 -16.28 -35.01 11.92
N SER D 120 -16.26 -35.80 13.00
CA SER D 120 -17.48 -36.14 13.71
C SER D 120 -18.01 -34.94 14.46
N ILE D 121 -19.14 -34.44 13.98
CA ILE D 121 -19.93 -33.43 14.66
C ILE D 121 -20.34 -33.94 16.05
N THR D 122 -20.73 -35.22 16.13
CA THR D 122 -21.10 -35.79 17.43
C THR D 122 -19.96 -35.65 18.45
N GLU D 123 -18.74 -35.95 18.01
CA GLU D 123 -17.63 -36.01 18.92
C GLU D 123 -17.34 -34.61 19.41
N VAL D 124 -17.23 -33.67 18.47
CA VAL D 124 -17.06 -32.27 18.81
C VAL D 124 -18.16 -31.74 19.75
N ALA D 125 -19.42 -32.02 19.42
CA ALA D 125 -20.52 -31.76 20.33
C ALA D 125 -20.30 -32.29 21.74
N SER D 126 -19.72 -33.45 21.87
CA SER D 126 -19.59 -34.09 23.19
C SER D 126 -18.64 -33.38 24.15
N ALA D 127 -17.81 -32.52 23.58
CA ALA D 127 -16.85 -31.76 24.38
C ALA D 127 -17.47 -30.51 24.96
N THR D 128 -18.72 -30.24 24.61
CA THR D 128 -19.47 -29.07 25.10
C THR D 128 -20.61 -29.51 25.94
N LYS D 129 -21.18 -28.57 26.69
CA LYS D 129 -22.41 -28.80 27.46
C LYS D 129 -23.59 -28.17 26.72
N ARG D 130 -23.59 -28.32 25.41
CA ARG D 130 -24.58 -27.68 24.58
C ARG D 130 -24.89 -28.51 23.34
N ALA D 131 -24.62 -29.82 23.38
CA ALA D 131 -24.62 -30.71 22.20
C ALA D 131 -25.73 -30.48 21.20
N ASP D 132 -26.90 -30.11 21.71
CA ASP D 132 -28.10 -29.91 20.90
C ASP D 132 -28.01 -28.68 19.99
N LYS D 133 -27.24 -27.71 20.45
CA LYS D 133 -26.97 -26.49 19.71
C LYS D 133 -25.75 -26.63 18.80
N VAL D 134 -25.13 -27.83 18.78
CA VAL D 134 -23.96 -28.10 17.95
C VAL D 134 -24.37 -28.84 16.67
N ILE D 135 -23.86 -28.35 15.53
CA ILE D 135 -24.22 -28.83 14.20
C ILE D 135 -23.06 -28.52 13.21
N GLY D 136 -23.08 -29.11 12.03
CA GLY D 136 -22.11 -28.80 11.01
C GLY D 136 -22.82 -28.00 9.92
N MET D 137 -22.07 -27.14 9.27
CA MET D 137 -22.62 -26.21 8.31
C MET D 137 -21.52 -25.98 7.34
N HIS D 138 -21.55 -26.81 6.32
CA HIS D 138 -20.38 -27.09 5.52
C HIS D 138 -20.59 -26.44 4.18
N PHE D 139 -19.89 -25.33 3.98
CA PHE D 139 -19.91 -24.59 2.72
C PHE D 139 -18.85 -25.21 1.78
N PHE D 140 -18.88 -24.80 0.51
CA PHE D 140 -17.93 -25.24 -0.52
C PHE D 140 -17.31 -24.05 -1.18
N ASN D 141 -15.98 -24.09 -1.31
CA ASN D 141 -15.14 -23.03 -1.90
C ASN D 141 -15.49 -22.92 -3.35
N PRO D 142 -15.60 -21.70 -3.89
CA PRO D 142 -15.54 -20.43 -3.19
C PRO D 142 -16.90 -20.17 -2.47
N ALA D 143 -16.84 -20.03 -1.15
CA ALA D 143 -18.04 -20.09 -0.33
C ALA D 143 -19.15 -19.11 -0.77
N PRO D 144 -18.77 -17.92 -1.28
CA PRO D 144 -19.82 -16.99 -1.70
C PRO D 144 -20.56 -17.40 -2.94
N VAL D 145 -20.01 -18.29 -3.76
CA VAL D 145 -20.68 -18.63 -5.00
C VAL D 145 -21.36 -19.98 -4.89
N MET D 146 -20.66 -21.01 -4.38
CA MET D 146 -21.27 -22.35 -4.31
C MET D 146 -22.54 -22.29 -3.45
N LYS D 147 -23.64 -22.83 -3.96
CA LYS D 147 -24.95 -22.64 -3.37
C LYS D 147 -25.29 -23.66 -2.32
N LEU D 148 -24.66 -24.82 -2.35
CA LEU D 148 -24.95 -25.85 -1.35
C LEU D 148 -24.35 -25.47 -0.04
N VAL D 149 -25.07 -25.79 1.02
CA VAL D 149 -24.40 -26.00 2.29
C VAL D 149 -24.96 -27.30 2.85
N GLU D 150 -24.06 -28.20 3.25
CA GLU D 150 -24.50 -29.42 3.84
C GLU D 150 -24.77 -29.11 5.30
N VAL D 151 -25.94 -29.46 5.79
CA VAL D 151 -26.23 -29.22 7.19
C VAL D 151 -26.22 -30.57 7.93
N ILE D 152 -25.32 -30.73 8.88
CA ILE D 152 -24.98 -32.08 9.36
C ILE D 152 -25.42 -32.36 10.79
N ARG D 153 -26.42 -33.19 10.95
CA ARG D 153 -26.95 -33.37 12.28
C ARG D 153 -26.12 -34.37 13.05
N GLY D 154 -25.55 -33.97 14.18
CA GLY D 154 -24.92 -34.94 15.08
C GLY D 154 -25.98 -35.71 15.86
N ALA D 155 -25.61 -36.83 16.47
CA ALA D 155 -26.60 -37.61 17.19
C ALA D 155 -27.50 -36.72 18.07
N ALA D 156 -26.91 -35.73 18.73
CA ALA D 156 -27.60 -34.94 19.71
C ALA D 156 -28.23 -33.65 19.15
N THR D 157 -28.15 -33.42 17.85
CA THR D 157 -28.56 -32.14 17.29
C THR D 157 -30.07 -32.03 17.25
N SER D 158 -30.59 -31.03 17.93
CA SER D 158 -32.04 -30.83 18.04
C SER D 158 -32.66 -30.42 16.73
N GLN D 159 -33.96 -30.63 16.63
CA GLN D 159 -34.70 -30.19 15.47
C GLN D 159 -34.70 -28.63 15.36
N GLU D 160 -34.82 -27.97 16.50
CA GLU D 160 -34.87 -26.53 16.56
C GLU D 160 -33.56 -25.98 15.99
N THR D 161 -32.44 -26.58 16.43
CA THR D 161 -31.12 -26.19 15.94
C THR D 161 -31.06 -26.43 14.44
N PHE D 162 -31.47 -27.61 14.00
CA PHE D 162 -31.47 -27.85 12.56
C PHE D 162 -32.29 -26.79 11.79
N ASP D 163 -33.53 -26.56 12.25
CA ASP D 163 -34.46 -25.64 11.56
C ASP D 163 -33.91 -24.24 11.47
N ALA D 164 -33.13 -23.82 12.46
CA ALA D 164 -32.64 -22.49 12.48
C ALA D 164 -31.57 -22.33 11.40
N VAL D 165 -30.72 -23.34 11.30
CA VAL D 165 -29.56 -23.27 10.45
C VAL D 165 -30.04 -23.49 9.06
N LYS D 166 -31.12 -24.24 8.93
CA LYS D 166 -31.78 -24.41 7.65
C LYS D 166 -32.21 -23.04 7.17
N GLU D 167 -33.08 -22.39 7.94
CA GLU D 167 -33.61 -21.07 7.59
C GLU D 167 -32.51 -20.04 7.35
N MET D 168 -31.53 -20.04 8.23
CA MET D 168 -30.41 -19.14 8.10
C MET D 168 -29.75 -19.28 6.73
N SER D 169 -29.64 -20.51 6.23
CA SER D 169 -28.94 -20.75 4.97
C SER D 169 -29.75 -20.23 3.77
N GLU D 170 -31.06 -20.42 3.87
CA GLU D 170 -31.96 -20.02 2.82
C GLU D 170 -31.96 -18.51 2.68
N SER D 171 -31.96 -17.83 3.82
CA SER D 171 -32.02 -16.38 3.82
C SER D 171 -30.70 -15.73 3.37
N ILE D 172 -29.61 -16.46 3.37
CA ILE D 172 -28.42 -15.93 2.67
C ILE D 172 -28.31 -16.60 1.28
N GLY D 173 -29.39 -17.24 0.84
CA GLY D 173 -29.51 -17.66 -0.53
C GLY D 173 -28.72 -18.91 -0.88
N LYS D 174 -28.70 -19.87 0.02
CA LYS D 174 -28.06 -21.13 -0.26
C LYS D 174 -29.14 -22.19 -0.14
N THR D 175 -28.92 -23.32 -0.80
CA THR D 175 -29.80 -24.49 -0.69
C THR D 175 -29.19 -25.41 0.36
N PRO D 176 -29.84 -25.54 1.53
CA PRO D 176 -29.38 -26.46 2.57
C PRO D 176 -29.88 -27.86 2.38
N VAL D 177 -29.03 -28.84 2.67
CA VAL D 177 -29.38 -30.25 2.55
C VAL D 177 -29.08 -30.94 3.87
N GLU D 178 -30.07 -31.68 4.36
CA GLU D 178 -30.02 -32.26 5.68
C GLU D 178 -29.25 -33.58 5.68
N VAL D 179 -28.23 -33.69 6.50
CA VAL D 179 -27.41 -34.88 6.49
C VAL D 179 -27.32 -35.45 7.90
N ALA D 180 -27.62 -36.75 8.03
CA ALA D 180 -27.34 -37.42 9.28
C ALA D 180 -25.88 -37.82 9.29
N GLU D 181 -25.09 -37.29 10.23
CA GLU D 181 -23.66 -37.59 10.29
C GLU D 181 -23.29 -39.03 9.94
N ALA D 182 -22.43 -39.14 8.93
CA ALA D 182 -21.91 -40.40 8.48
C ALA D 182 -20.62 -40.08 7.73
N PRO D 183 -19.78 -41.07 7.47
CA PRO D 183 -18.46 -40.66 6.94
C PRO D 183 -18.55 -39.94 5.60
N GLY D 184 -17.79 -38.84 5.48
CA GLY D 184 -17.72 -38.03 4.26
C GLY D 184 -18.99 -37.28 3.89
N PHE D 185 -19.98 -37.33 4.80
CA PHE D 185 -21.31 -36.77 4.53
C PHE D 185 -21.87 -37.27 3.21
N VAL D 186 -22.37 -36.36 2.37
CA VAL D 186 -22.80 -36.76 1.02
C VAL D 186 -21.71 -36.50 -0.03
N VAL D 187 -21.24 -35.26 -0.11
CA VAL D 187 -20.52 -34.78 -1.27
C VAL D 187 -19.14 -35.44 -1.37
N ASN D 188 -18.34 -35.30 -0.33
CA ASN D 188 -17.03 -35.90 -0.31
C ASN D 188 -17.07 -37.40 -0.35
N ARG D 189 -18.14 -38.00 0.17
CA ARG D 189 -18.26 -39.45 0.17
C ARG D 189 -18.40 -39.93 -1.24
N ILE D 190 -19.05 -39.10 -2.06
CA ILE D 190 -19.21 -39.42 -3.48
C ILE D 190 -17.97 -38.97 -4.27
N LEU D 191 -17.59 -37.72 -4.14
CA LEU D 191 -16.65 -37.10 -5.03
C LEU D 191 -15.23 -37.60 -4.85
N ILE D 192 -14.81 -37.71 -3.60
CA ILE D 192 -13.39 -38.00 -3.37
C ILE D 192 -13.03 -39.39 -3.90
N PRO D 193 -13.84 -40.41 -3.62
CA PRO D 193 -13.59 -41.73 -4.18
C PRO D 193 -13.55 -41.84 -5.70
N MET D 194 -14.27 -40.95 -6.38
CA MET D 194 -14.21 -40.89 -7.83
C MET D 194 -12.84 -40.37 -8.26
N ILE D 195 -12.26 -39.42 -7.55
CA ILE D 195 -10.90 -38.99 -7.82
C ILE D 195 -9.98 -40.15 -7.53
N ASN D 196 -10.24 -40.85 -6.44
CA ASN D 196 -9.42 -42.00 -6.08
C ASN D 196 -9.51 -43.05 -7.18
N GLU D 197 -10.69 -43.21 -7.76
CA GLU D 197 -10.83 -44.16 -8.88
C GLU D 197 -9.91 -43.76 -10.04
N ALA D 198 -9.91 -42.48 -10.41
CA ALA D 198 -8.98 -42.01 -11.43
C ALA D 198 -7.58 -42.48 -11.13
N THR D 199 -7.14 -42.31 -9.89
CA THR D 199 -5.74 -42.71 -9.56
C THR D 199 -5.49 -44.20 -9.79
N PHE D 200 -6.47 -45.05 -9.50
CA PHE D 200 -6.27 -46.51 -9.72
C PHE D 200 -6.17 -46.82 -11.21
N ILE D 201 -7.12 -46.27 -11.97
CA ILE D 201 -7.11 -46.33 -13.44
C ILE D 201 -5.72 -45.96 -13.96
N LEU D 202 -5.18 -44.85 -13.49
CA LEU D 202 -3.83 -44.39 -13.89
C LEU D 202 -2.73 -45.33 -13.45
N GLN D 203 -2.83 -45.80 -12.19
CA GLN D 203 -1.86 -46.74 -11.60
C GLN D 203 -1.79 -48.02 -12.40
N GLU D 204 -2.94 -48.44 -12.93
CA GLU D 204 -3.04 -49.70 -13.66
C GLU D 204 -2.81 -49.53 -15.17
N GLY D 205 -2.36 -48.36 -15.62
CA GLY D 205 -1.96 -48.21 -17.03
C GLY D 205 -3.12 -48.47 -17.94
N VAL D 206 -4.32 -48.11 -17.49
CA VAL D 206 -5.50 -48.24 -18.32
C VAL D 206 -5.54 -47.13 -19.35
N ALA D 207 -5.16 -45.92 -18.92
CA ALA D 207 -5.29 -44.70 -19.71
C ALA D 207 -4.43 -43.63 -19.08
N LYS D 208 -4.10 -42.62 -19.85
CA LYS D 208 -3.19 -41.59 -19.39
C LYS D 208 -3.99 -40.39 -18.87
N GLU D 209 -3.30 -39.52 -18.15
CA GLU D 209 -3.94 -38.45 -17.36
C GLU D 209 -5.01 -37.63 -18.13
N GLU D 210 -4.62 -37.15 -19.31
CA GLU D 210 -5.42 -36.23 -20.14
C GLU D 210 -6.65 -36.93 -20.64
N ASP D 211 -6.47 -38.21 -20.93
CA ASP D 211 -7.51 -39.05 -21.44
C ASP D 211 -8.56 -39.40 -20.35
N ILE D 212 -8.07 -39.67 -19.13
CA ILE D 212 -8.98 -39.92 -18.01
C ILE D 212 -9.83 -38.66 -17.81
N ASP D 213 -9.21 -37.49 -17.85
CA ASP D 213 -9.92 -36.24 -17.61
C ASP D 213 -10.92 -35.92 -18.73
N ALA D 214 -10.47 -36.18 -19.95
CA ALA D 214 -11.25 -35.88 -21.11
C ALA D 214 -12.44 -36.81 -21.17
N ALA D 215 -12.22 -38.08 -20.82
CA ALA D 215 -13.32 -39.03 -20.70
C ALA D 215 -14.45 -38.44 -19.88
N MET D 216 -14.18 -37.94 -18.69
CA MET D 216 -15.32 -37.51 -17.82
C MET D 216 -15.95 -36.19 -18.25
N LYS D 217 -15.11 -35.24 -18.65
CA LYS D 217 -15.66 -34.04 -19.25
C LYS D 217 -16.56 -34.33 -20.46
N LEU D 218 -16.25 -35.32 -21.27
CA LEU D 218 -17.01 -35.57 -22.51
C LEU D 218 -17.94 -36.79 -22.52
N GLY D 219 -17.58 -37.82 -21.79
CA GLY D 219 -18.47 -38.93 -21.60
C GLY D 219 -19.53 -38.61 -20.57
N ALA D 220 -19.19 -37.78 -19.59
CA ALA D 220 -20.07 -37.65 -18.45
C ALA D 220 -20.51 -36.22 -18.20
N ASN D 221 -20.04 -35.26 -18.99
CA ASN D 221 -20.39 -33.83 -18.79
C ASN D 221 -19.99 -33.25 -17.44
N HIS D 222 -18.89 -33.76 -16.91
CA HIS D 222 -18.32 -33.15 -15.73
C HIS D 222 -17.57 -31.89 -16.15
N PRO D 223 -17.63 -30.85 -15.32
CA PRO D 223 -17.04 -29.60 -15.73
C PRO D 223 -15.53 -29.60 -15.56
N MET D 224 -14.95 -30.72 -15.15
CA MET D 224 -13.52 -30.85 -14.89
C MET D 224 -13.18 -32.32 -14.80
N GLY D 225 -11.94 -32.68 -15.17
CA GLY D 225 -11.47 -34.07 -15.05
C GLY D 225 -11.07 -34.35 -13.61
N PRO D 226 -11.30 -35.57 -13.10
CA PRO D 226 -11.04 -35.80 -11.69
C PRO D 226 -9.58 -35.66 -11.31
N LEU D 227 -8.67 -35.95 -12.22
CA LEU D 227 -7.28 -35.64 -11.89
C LEU D 227 -7.07 -34.13 -11.64
N ALA D 228 -7.44 -33.28 -12.59
CA ALA D 228 -7.42 -31.83 -12.36
C ALA D 228 -8.03 -31.42 -11.01
N LEU D 229 -9.14 -32.07 -10.70
CA LEU D 229 -9.97 -31.69 -9.57
C LEU D 229 -9.20 -31.98 -8.31
N GLY D 230 -8.61 -33.16 -8.28
CA GLY D 230 -7.71 -33.48 -7.19
C GLY D 230 -6.63 -32.42 -7.04
N ASP D 231 -5.94 -32.13 -8.14
CA ASP D 231 -4.89 -31.11 -8.17
C ASP D 231 -5.38 -29.79 -7.56
N LEU D 232 -6.69 -29.59 -7.62
CA LEU D 232 -7.32 -28.35 -7.18
C LEU D 232 -7.84 -28.44 -5.75
N ILE D 233 -8.52 -29.52 -5.40
CA ILE D 233 -8.85 -29.77 -3.98
C ILE D 233 -7.61 -29.92 -3.14
N GLY D 234 -6.55 -30.44 -3.74
CA GLY D 234 -5.35 -30.74 -2.97
C GLY D 234 -5.34 -32.25 -2.79
N LEU D 235 -4.26 -32.87 -3.28
CA LEU D 235 -4.06 -34.30 -3.21
C LEU D 235 -3.89 -34.76 -1.78
N ASP D 236 -3.32 -33.92 -0.93
CA ASP D 236 -3.20 -34.29 0.50
C ASP D 236 -4.58 -34.34 1.18
N VAL D 237 -5.45 -33.42 0.86
CA VAL D 237 -6.84 -33.41 1.31
C VAL D 237 -7.62 -34.60 0.83
N CYS D 238 -7.44 -34.95 -0.44
CA CYS D 238 -8.11 -36.09 -1.01
C CYS D 238 -7.69 -37.39 -0.31
N LEU D 239 -6.41 -37.51 -0.02
CA LEU D 239 -5.89 -38.71 0.64
C LEU D 239 -6.40 -38.79 2.09
N ALA D 240 -6.34 -37.65 2.73
CA ALA D 240 -6.80 -37.51 4.03
C ALA D 240 -8.30 -37.92 4.08
N ILE D 241 -9.07 -37.55 3.06
CA ILE D 241 -10.50 -37.83 3.13
C ILE D 241 -10.76 -39.30 2.91
N MET D 242 -10.04 -39.90 1.98
CA MET D 242 -10.10 -41.34 1.81
C MET D 242 -9.76 -42.07 3.11
N ASP D 243 -8.72 -41.64 3.82
CA ASP D 243 -8.32 -42.35 5.04
C ASP D 243 -9.36 -42.24 6.12
N VAL D 244 -10.02 -41.10 6.16
CA VAL D 244 -11.10 -40.96 7.11
C VAL D 244 -12.15 -42.02 6.82
N LEU D 245 -12.56 -42.13 5.55
CA LEU D 245 -13.56 -43.12 5.12
C LEU D 245 -13.12 -44.55 5.38
N TYR D 246 -11.89 -44.85 5.00
CA TYR D 246 -11.35 -46.12 5.32
C TYR D 246 -11.37 -46.38 6.85
N ASN D 247 -10.84 -45.49 7.66
CA ASN D 247 -10.77 -45.79 9.09
C ASN D 247 -12.09 -45.87 9.75
N GLU D 248 -13.01 -45.01 9.36
CA GLU D 248 -14.31 -44.96 10.00
C GLU D 248 -15.17 -46.21 9.73
N THR D 249 -15.21 -46.63 8.48
CA THR D 249 -16.03 -47.75 8.05
C THR D 249 -15.34 -49.10 8.18
N GLY D 250 -14.01 -49.11 8.16
CA GLY D 250 -13.23 -50.38 8.10
C GLY D 250 -13.48 -51.15 6.82
N ASP D 251 -13.90 -50.41 5.78
CA ASP D 251 -14.29 -50.97 4.50
C ASP D 251 -13.22 -50.62 3.42
N THR D 252 -12.41 -51.63 3.11
CA THR D 252 -11.58 -51.79 1.91
C THR D 252 -12.00 -51.02 0.64
N LYS D 253 -13.30 -50.87 0.44
CA LYS D 253 -13.86 -50.09 -0.66
C LYS D 253 -13.25 -48.70 -0.78
N TYR D 254 -12.84 -48.13 0.35
CA TYR D 254 -12.35 -46.76 0.42
C TYR D 254 -10.83 -46.64 0.51
N ARG D 255 -10.12 -47.75 0.33
CA ARG D 255 -8.67 -47.71 0.40
C ARG D 255 -8.06 -46.82 -0.69
N ALA D 256 -7.16 -45.92 -0.29
CA ALA D 256 -6.56 -44.96 -1.22
C ALA D 256 -5.49 -45.67 -1.99
N SER D 257 -5.40 -45.44 -3.29
CA SER D 257 -4.33 -46.05 -4.09
C SER D 257 -2.93 -45.65 -3.61
N SER D 258 -1.98 -46.57 -3.73
CA SER D 258 -0.58 -46.29 -3.42
C SER D 258 -0.08 -45.05 -4.12
N LEU D 259 -0.47 -44.90 -5.37
CA LEU D 259 -0.03 -43.78 -6.18
C LEU D 259 -0.39 -42.46 -5.56
N LEU D 260 -1.65 -42.32 -5.15
CA LEU D 260 -2.07 -41.11 -4.47
C LEU D 260 -1.17 -40.86 -3.28
N ARG D 261 -0.84 -41.91 -2.56
CA ARG D 261 -0.03 -41.80 -1.36
C ARG D 261 1.40 -41.45 -1.68
N LYS D 262 1.90 -41.97 -2.79
CA LYS D 262 3.22 -41.61 -3.26
C LYS D 262 3.32 -40.16 -3.62
N TYR D 263 2.31 -39.66 -4.34
CA TYR D 263 2.35 -38.27 -4.80
C TYR D 263 2.40 -37.34 -3.60
N VAL D 264 1.63 -37.68 -2.57
CA VAL D 264 1.52 -36.80 -1.43
C VAL D 264 2.87 -36.77 -0.72
N ARG D 265 3.46 -37.92 -0.52
CA ARG D 265 4.80 -37.95 0.09
C ARG D 265 5.85 -37.14 -0.67
N ALA D 266 5.73 -37.06 -1.99
CA ALA D 266 6.68 -36.30 -2.80
C ALA D 266 6.44 -34.78 -2.68
N GLY D 267 5.29 -34.38 -2.13
CA GLY D 267 4.95 -32.98 -2.03
C GLY D 267 4.23 -32.53 -3.28
N TRP D 268 3.92 -33.46 -4.16
CA TRP D 268 3.22 -33.13 -5.36
C TRP D 268 1.73 -32.95 -5.07
N LEU D 269 1.36 -31.87 -4.39
CA LEU D 269 0.01 -31.75 -3.86
C LEU D 269 -1.00 -31.17 -4.80
N GLY D 270 -0.54 -30.67 -5.93
CA GLY D 270 -1.45 -30.06 -6.90
C GLY D 270 -1.06 -28.65 -7.21
N ARG D 271 -2.05 -27.77 -7.28
CA ARG D 271 -1.82 -26.36 -7.66
C ARG D 271 -1.09 -25.68 -6.57
N LYS D 272 -1.53 -25.84 -5.33
CA LYS D 272 -0.92 -25.12 -4.22
C LYS D 272 0.55 -25.41 -4.06
N THR D 273 1.09 -26.41 -4.74
CA THR D 273 2.51 -26.64 -4.72
C THR D 273 3.14 -26.53 -6.10
N GLY D 274 2.35 -26.34 -7.15
CA GLY D 274 2.84 -26.13 -8.52
C GLY D 274 2.80 -27.38 -9.36
N LYS D 275 2.57 -28.51 -8.70
CA LYS D 275 2.67 -29.82 -9.31
C LYS D 275 1.80 -30.81 -8.54
N GLY D 276 1.02 -31.58 -9.30
CA GLY D 276 0.27 -32.73 -8.79
C GLY D 276 0.21 -33.76 -9.91
N PHE D 277 -0.99 -34.03 -10.41
CA PHE D 277 -1.11 -34.97 -11.52
C PHE D 277 -0.62 -34.33 -12.77
N TYR D 278 -0.63 -33.00 -12.76
CA TYR D 278 -0.14 -32.15 -13.81
C TYR D 278 0.86 -31.20 -13.22
N ASP D 279 1.63 -30.56 -14.11
CA ASP D 279 2.65 -29.57 -13.76
C ASP D 279 2.06 -28.17 -13.99
N TYR D 280 2.48 -27.16 -13.25
CA TYR D 280 1.88 -25.83 -13.25
C TYR D 280 2.94 -24.73 -13.02
N MET E 1 39.52 -13.57 4.41
CA MET E 1 38.18 -13.94 4.98
C MET E 1 37.18 -12.84 4.65
N LYS E 2 36.25 -13.12 3.74
CA LYS E 2 35.25 -12.12 3.35
C LYS E 2 33.84 -12.71 3.18
N LYS E 3 33.62 -13.98 3.49
CA LYS E 3 32.28 -14.52 3.36
C LYS E 3 31.69 -14.88 4.71
N VAL E 4 30.52 -14.31 5.00
CA VAL E 4 29.91 -14.45 6.33
C VAL E 4 28.45 -14.89 6.32
N PHE E 5 28.16 -15.86 7.19
CA PHE E 5 26.86 -16.50 7.37
C PHE E 5 26.30 -16.06 8.72
N VAL E 6 25.34 -15.15 8.70
CA VAL E 6 24.71 -14.72 9.92
C VAL E 6 23.50 -15.61 10.06
N LEU E 7 23.26 -16.10 11.27
CA LEU E 7 22.13 -16.97 11.53
C LEU E 7 21.13 -16.20 12.41
N GLY E 8 19.91 -16.08 11.91
CA GLY E 8 18.89 -15.30 12.58
C GLY E 8 18.80 -13.93 11.96
N ALA E 9 17.57 -13.51 11.65
CA ALA E 9 17.29 -12.23 11.04
C ALA E 9 16.50 -11.29 11.95
N GLY E 10 16.53 -11.49 13.28
CA GLY E 10 15.94 -10.53 14.22
C GLY E 10 16.75 -9.24 14.26
N THR E 11 16.33 -8.25 15.06
CA THR E 11 17.13 -7.02 15.27
C THR E 11 18.65 -7.25 15.23
N MET E 12 19.17 -8.06 16.14
CA MET E 12 20.58 -8.21 16.30
C MET E 12 21.27 -8.81 15.07
N GLY E 13 20.68 -9.87 14.52
CA GLY E 13 21.14 -10.48 13.27
C GLY E 13 21.26 -9.43 12.18
N ALA E 14 20.10 -8.94 11.75
CA ALA E 14 20.03 -7.83 10.80
C ALA E 14 21.13 -6.81 11.05
N GLY E 15 21.27 -6.37 12.30
CA GLY E 15 22.31 -5.40 12.64
C GLY E 15 23.71 -5.90 12.28
N ILE E 16 23.98 -7.18 12.56
CA ILE E 16 25.34 -7.74 12.45
C ILE E 16 25.66 -7.94 10.99
N VAL E 17 24.63 -8.35 10.25
CA VAL E 17 24.69 -8.50 8.81
C VAL E 17 25.15 -7.20 8.20
N GLN E 18 24.43 -6.13 8.53
CA GLN E 18 24.78 -4.80 8.05
C GLN E 18 26.21 -4.41 8.37
N ALA E 19 26.63 -4.69 9.61
CA ALA E 19 27.93 -4.24 10.09
C ALA E 19 29.07 -4.88 9.30
N PHE E 20 28.87 -6.13 8.88
CA PHE E 20 29.85 -6.87 8.06
C PHE E 20 29.81 -6.51 6.57
N ALA E 21 28.59 -6.25 6.08
CA ALA E 21 28.36 -5.95 4.67
C ALA E 21 28.65 -4.50 4.31
N ALA E 22 28.47 -3.57 5.24
CA ALA E 22 28.82 -2.18 4.96
C ALA E 22 30.32 -2.00 4.80
N LYS E 23 31.12 -3.00 5.16
CA LYS E 23 32.55 -2.88 5.03
C LYS E 23 33.03 -3.87 4.01
N GLY E 24 32.15 -4.29 3.13
CA GLY E 24 32.55 -5.06 1.97
C GLY E 24 32.62 -6.57 2.15
N CYS E 25 32.12 -7.11 3.26
CA CYS E 25 32.06 -8.58 3.31
C CYS E 25 30.88 -9.05 2.46
N GLU E 26 30.99 -10.28 1.97
CA GLU E 26 29.88 -10.99 1.34
C GLU E 26 29.11 -11.66 2.47
N VAL E 27 27.80 -11.45 2.53
CA VAL E 27 27.01 -11.93 3.66
C VAL E 27 25.74 -12.66 3.27
N ILE E 28 25.56 -13.81 3.88
CA ILE E 28 24.33 -14.57 3.81
C ILE E 28 23.69 -14.52 5.17
N VAL E 29 22.43 -14.11 5.21
CA VAL E 29 21.62 -14.24 6.43
C VAL E 29 20.63 -15.39 6.21
N ARG E 30 20.69 -16.40 7.06
CA ARG E 30 19.71 -17.48 7.04
C ARG E 30 18.82 -17.43 8.28
N ASP E 31 17.52 -17.60 8.10
CA ASP E 31 16.59 -17.78 9.21
C ASP E 31 15.57 -18.86 8.83
N ILE E 32 14.61 -19.11 9.72
CA ILE E 32 13.87 -20.34 9.67
C ILE E 32 12.78 -20.27 8.60
N LYS E 33 12.15 -19.10 8.45
CA LYS E 33 11.03 -18.94 7.53
C LYS E 33 11.20 -17.75 6.58
N GLU E 34 11.02 -18.00 5.28
CA GLU E 34 11.06 -16.98 4.23
C GLU E 34 10.69 -15.62 4.74
N GLU E 35 9.52 -15.59 5.37
CA GLU E 35 8.88 -14.38 5.89
C GLU E 35 9.74 -13.65 6.96
N PHE E 36 10.53 -14.40 7.72
CA PHE E 36 11.45 -13.82 8.71
C PHE E 36 12.69 -13.19 8.07
N VAL E 37 13.32 -13.92 7.14
CA VAL E 37 14.39 -13.40 6.29
C VAL E 37 13.93 -12.14 5.57
N ASP E 38 12.76 -12.19 4.95
CA ASP E 38 12.18 -10.98 4.40
C ASP E 38 12.19 -9.87 5.44
N ARG E 39 11.72 -10.15 6.65
CA ARG E 39 11.57 -9.09 7.69
C ARG E 39 12.91 -8.47 8.01
N GLY E 40 13.90 -9.33 8.25
CA GLY E 40 15.22 -8.88 8.67
C GLY E 40 15.95 -8.05 7.62
N ILE E 41 15.96 -8.58 6.40
CA ILE E 41 16.44 -7.85 5.25
C ILE E 41 15.76 -6.48 5.18
N ALA E 42 14.44 -6.46 5.32
CA ALA E 42 13.70 -5.20 5.33
C ALA E 42 14.21 -4.27 6.41
N THR E 43 14.56 -4.85 7.57
CA THR E 43 15.12 -4.02 8.65
C THR E 43 16.43 -3.39 8.30
N ILE E 44 17.23 -4.11 7.51
CA ILE E 44 18.51 -3.61 7.00
C ILE E 44 18.26 -2.46 6.00
N THR E 45 17.20 -2.61 5.19
CA THR E 45 16.82 -1.64 4.22
C THR E 45 16.40 -0.37 4.93
N LYS E 46 15.43 -0.48 5.84
CA LYS E 46 15.01 0.69 6.65
C LYS E 46 16.22 1.36 7.30
N SER E 47 17.15 0.56 7.80
CA SER E 47 18.31 1.10 8.50
C SER E 47 19.16 1.93 7.55
N LEU E 48 19.46 1.35 6.39
CA LEU E 48 20.23 2.03 5.36
C LEU E 48 19.50 3.23 4.76
N SER E 49 18.16 3.21 4.71
CA SER E 49 17.41 4.42 4.31
C SER E 49 17.80 5.58 5.21
N LYS E 50 17.51 5.43 6.50
CA LYS E 50 17.78 6.46 7.52
C LYS E 50 19.17 7.07 7.39
N LEU E 51 20.19 6.23 7.19
CA LEU E 51 21.55 6.72 6.96
C LEU E 51 21.70 7.63 5.72
N VAL E 52 20.98 7.27 4.66
CA VAL E 52 20.96 8.08 3.43
C VAL E 52 20.31 9.42 3.77
N ALA E 53 19.09 9.38 4.32
CA ALA E 53 18.36 10.57 4.78
C ALA E 53 19.21 11.49 5.68
N LYS E 54 20.10 10.92 6.49
CA LYS E 54 21.03 11.71 7.31
C LYS E 54 22.38 11.89 6.60
N GLU E 55 22.42 11.68 5.29
CA GLU E 55 23.64 11.92 4.49
C GLU E 55 24.93 11.33 5.06
N LYS E 56 24.84 10.20 5.75
CA LYS E 56 26.04 9.49 6.19
C LYS E 56 26.64 8.70 5.03
N ILE E 57 25.81 8.37 4.04
CA ILE E 57 26.19 7.62 2.82
C ILE E 57 25.28 8.02 1.66
N THR E 58 25.68 7.66 0.44
CA THR E 58 24.84 7.79 -0.75
C THR E 58 23.86 6.62 -0.86
N GLU E 59 22.78 6.81 -1.62
CA GLU E 59 21.92 5.68 -1.96
C GLU E 59 22.67 4.66 -2.86
N ALA E 60 23.62 5.16 -3.65
CA ALA E 60 24.54 4.29 -4.39
C ALA E 60 25.32 3.34 -3.46
N ASP E 61 25.69 3.83 -2.28
CA ASP E 61 26.28 2.98 -1.21
C ASP E 61 25.27 1.98 -0.66
N LYS E 62 24.07 2.47 -0.32
CA LYS E 62 22.98 1.63 0.17
C LYS E 62 22.77 0.38 -0.71
N GLU E 63 22.58 0.65 -1.99
CA GLU E 63 22.40 -0.41 -3.00
C GLU E 63 23.70 -1.25 -3.24
N GLU E 64 24.86 -0.60 -3.15
CA GLU E 64 26.10 -1.35 -3.08
C GLU E 64 26.05 -2.37 -1.90
N ILE E 65 25.60 -1.93 -0.73
CA ILE E 65 25.64 -2.77 0.47
C ILE E 65 24.70 -3.94 0.27
N LEU E 66 23.46 -3.65 -0.13
CA LEU E 66 22.44 -4.68 -0.31
C LEU E 66 22.90 -5.75 -1.29
N SER E 67 23.61 -5.32 -2.34
CA SER E 67 24.22 -6.26 -3.28
C SER E 67 25.16 -7.29 -2.61
N ARG E 68 25.79 -6.95 -1.49
CA ARG E 68 26.67 -7.91 -0.81
C ARG E 68 25.92 -8.86 0.12
N ILE E 69 24.59 -8.73 0.14
CA ILE E 69 23.75 -9.48 1.10
C ILE E 69 22.80 -10.37 0.36
N SER E 70 22.66 -11.62 0.77
CA SER E 70 21.57 -12.47 0.30
C SER E 70 20.92 -13.25 1.45
N GLY E 71 19.62 -13.49 1.31
CA GLY E 71 18.86 -14.19 2.33
C GLY E 71 18.44 -15.55 1.83
N THR E 72 18.52 -16.54 2.70
CA THR E 72 18.08 -17.91 2.40
C THR E 72 17.46 -18.53 3.65
N THR E 73 16.86 -19.71 3.48
CA THR E 73 16.46 -20.51 4.63
C THR E 73 17.30 -21.80 4.76
N ASP E 74 18.19 -22.02 3.78
CA ASP E 74 18.95 -23.25 3.65
C ASP E 74 20.29 -23.18 4.36
N MET E 75 20.40 -23.85 5.50
CA MET E 75 21.66 -23.92 6.24
C MET E 75 22.85 -24.39 5.42
N LYS E 76 22.62 -25.12 4.33
CA LYS E 76 23.69 -25.64 3.51
C LYS E 76 24.61 -24.54 2.96
N LEU E 77 24.03 -23.35 2.76
CA LEU E 77 24.73 -22.20 2.14
C LEU E 77 25.92 -21.66 2.95
N ALA E 78 25.87 -21.88 4.25
CA ALA E 78 27.06 -21.74 5.10
C ALA E 78 28.32 -22.50 4.65
N ALA E 79 28.21 -23.54 3.82
CA ALA E 79 29.35 -24.49 3.63
C ALA E 79 30.62 -23.79 3.22
N ASP E 80 30.42 -22.86 2.29
CA ASP E 80 31.40 -22.00 1.69
C ASP E 80 32.12 -21.02 2.60
N CYS E 81 31.39 -20.51 3.59
CA CYS E 81 31.76 -19.31 4.34
C CYS E 81 32.97 -19.48 5.30
N ASP E 82 33.62 -18.35 5.61
CA ASP E 82 34.83 -18.29 6.45
C ASP E 82 34.47 -18.11 7.92
N LEU E 83 33.32 -17.50 8.14
CA LEU E 83 32.86 -17.27 9.47
C LEU E 83 31.33 -17.43 9.51
N VAL E 84 30.88 -18.00 10.61
CA VAL E 84 29.48 -18.07 10.96
C VAL E 84 29.33 -17.26 12.25
N VAL E 85 28.36 -16.36 12.24
CA VAL E 85 27.96 -15.67 13.45
C VAL E 85 26.51 -16.09 13.74
N GLU E 86 26.33 -16.85 14.82
CA GLU E 86 25.01 -17.27 15.26
C GLU E 86 24.38 -16.20 16.16
N ALA E 87 23.22 -15.68 15.76
CA ALA E 87 22.47 -14.71 16.58
C ALA E 87 21.01 -15.12 16.67
N ALA E 88 20.78 -16.35 17.11
CA ALA E 88 19.50 -16.97 16.91
C ALA E 88 18.63 -17.03 18.16
N ILE E 89 19.00 -17.87 19.10
CA ILE E 89 18.07 -18.25 20.17
C ILE E 89 18.95 -18.52 21.35
N GLU E 90 18.65 -17.83 22.45
CA GLU E 90 19.47 -17.95 23.64
C GLU E 90 19.06 -19.22 24.41
N ASN E 91 19.16 -20.38 23.76
CA ASN E 91 18.77 -21.64 24.32
C ASN E 91 19.83 -22.72 24.09
N MET E 92 20.38 -23.28 25.17
CA MET E 92 21.54 -24.17 25.06
C MET E 92 21.32 -25.43 24.24
N LYS E 93 20.19 -26.09 24.40
CA LYS E 93 19.98 -27.32 23.64
C LYS E 93 19.90 -26.98 22.15
N ILE E 94 19.20 -25.88 21.84
CA ILE E 94 19.09 -25.44 20.44
C ILE E 94 20.48 -25.03 19.90
N LYS E 95 21.21 -24.22 20.65
CA LYS E 95 22.55 -23.86 20.25
C LYS E 95 23.46 -25.08 19.97
N LYS E 96 23.53 -26.02 20.91
CA LYS E 96 24.34 -27.22 20.66
C LYS E 96 23.92 -27.83 19.33
N GLU E 97 22.61 -27.80 19.03
CA GLU E 97 22.11 -28.44 17.77
C GLU E 97 22.56 -27.68 16.51
N ILE E 98 22.54 -26.36 16.58
CA ILE E 98 22.98 -25.50 15.48
C ILE E 98 24.49 -25.63 15.15
N PHE E 99 25.28 -25.67 16.21
CA PHE E 99 26.71 -25.73 16.07
C PHE E 99 27.12 -27.08 15.60
N ALA E 100 26.51 -28.11 16.20
CA ALA E 100 26.77 -29.48 15.76
C ALA E 100 26.46 -29.63 14.28
N GLU E 101 25.35 -29.05 13.86
CA GLU E 101 24.96 -29.06 12.45
C GLU E 101 25.95 -28.35 11.52
N LEU E 102 26.34 -27.12 11.85
CA LEU E 102 27.34 -26.36 11.04
C LEU E 102 28.69 -27.06 10.99
N ASP E 103 29.08 -27.70 12.06
CA ASP E 103 30.24 -28.56 12.07
C ASP E 103 30.20 -29.59 10.90
N GLY E 104 29.01 -30.14 10.65
CA GLY E 104 28.80 -31.13 9.57
C GLY E 104 28.82 -30.45 8.21
N ILE E 105 28.16 -29.31 8.13
CA ILE E 105 28.06 -28.54 6.88
C ILE E 105 29.36 -27.89 6.39
N CYS E 106 30.16 -27.31 7.27
CA CYS E 106 31.12 -26.28 6.84
C CYS E 106 32.48 -26.89 6.56
N LYS E 107 33.29 -26.23 5.74
CA LYS E 107 34.65 -26.68 5.50
C LYS E 107 35.44 -26.69 6.82
N PRO E 108 36.52 -27.50 6.91
CA PRO E 108 37.29 -27.51 8.15
C PRO E 108 37.77 -26.14 8.64
N GLU E 109 38.04 -25.21 7.73
CA GLU E 109 38.55 -23.89 8.10
C GLU E 109 37.53 -22.97 8.78
N THR E 110 36.23 -23.17 8.54
CA THR E 110 35.22 -22.23 9.01
C THR E 110 35.28 -22.09 10.53
N ILE E 111 35.24 -20.84 10.95
CA ILE E 111 35.11 -20.44 12.34
C ILE E 111 33.63 -20.22 12.75
N LEU E 112 33.24 -20.88 13.82
CA LEU E 112 31.85 -20.90 14.23
C LEU E 112 31.66 -20.02 15.45
N ALA E 113 31.01 -18.87 15.27
CA ALA E 113 30.89 -17.94 16.37
C ALA E 113 29.45 -17.69 16.85
N SER E 114 29.29 -17.58 18.17
CA SER E 114 28.02 -17.19 18.79
C SER E 114 28.02 -15.76 19.31
N ASN E 115 26.91 -15.08 19.05
CA ASN E 115 26.67 -13.78 19.62
C ASN E 115 25.91 -13.83 20.95
N THR E 116 26.10 -14.88 21.73
CA THR E 116 25.35 -15.02 22.97
C THR E 116 25.74 -13.98 23.99
N SER E 117 24.86 -13.79 24.97
CA SER E 117 25.11 -12.89 26.11
C SER E 117 25.39 -13.62 27.43
N SER E 118 24.60 -14.64 27.66
CA SER E 118 24.65 -15.37 28.92
C SER E 118 25.49 -16.68 28.82
N LEU E 119 25.18 -17.45 27.76
CA LEU E 119 25.55 -18.86 27.62
C LEU E 119 27.02 -19.25 27.29
N SER E 120 27.37 -20.49 27.67
CA SER E 120 28.74 -20.99 27.67
C SER E 120 29.16 -21.35 26.28
N ILE E 121 30.22 -20.72 25.86
CA ILE E 121 30.83 -20.96 24.56
C ILE E 121 31.38 -22.36 24.57
N THR E 122 31.99 -22.72 25.71
CA THR E 122 32.58 -24.04 25.90
C THR E 122 31.55 -25.13 25.66
N GLU E 123 30.41 -24.97 26.30
CA GLU E 123 29.41 -26.01 26.26
C GLU E 123 28.91 -26.16 24.85
N VAL E 124 28.64 -25.02 24.21
CA VAL E 124 28.28 -25.05 22.79
C VAL E 124 29.33 -25.79 22.01
N ALA E 125 30.58 -25.42 22.20
CA ALA E 125 31.70 -26.06 21.49
C ALA E 125 31.80 -27.59 21.67
N SER E 126 31.47 -28.10 22.85
CA SER E 126 31.57 -29.55 23.10
C SER E 126 30.62 -30.37 22.28
N ALA E 127 29.59 -29.74 21.71
CA ALA E 127 28.71 -30.43 20.79
C ALA E 127 29.29 -30.56 19.40
N THR E 128 30.48 -30.04 19.15
CA THR E 128 31.04 -30.10 17.82
C THR E 128 32.30 -30.88 17.90
N LYS E 129 32.80 -31.26 16.73
CA LYS E 129 34.11 -31.90 16.60
C LYS E 129 35.15 -30.85 16.17
N ARG E 130 35.05 -29.67 16.74
CA ARG E 130 35.66 -28.47 16.16
C ARG E 130 35.85 -27.40 17.25
N ALA E 131 35.98 -27.82 18.50
CA ALA E 131 36.05 -26.88 19.61
C ALA E 131 36.97 -25.68 19.36
N ASP E 132 38.16 -25.96 18.84
CA ASP E 132 39.23 -24.96 18.61
C ASP E 132 38.83 -23.79 17.69
N LYS E 133 37.88 -24.07 16.80
CA LYS E 133 37.30 -23.08 15.88
C LYS E 133 35.98 -22.48 16.33
N VAL E 134 35.59 -22.77 17.57
CA VAL E 134 34.36 -22.28 18.16
C VAL E 134 34.65 -21.20 19.20
N ILE E 135 33.96 -20.08 19.08
CA ILE E 135 34.28 -18.92 19.88
C ILE E 135 33.09 -17.93 19.99
N GLY E 136 33.13 -17.07 20.98
CA GLY E 136 32.13 -16.05 21.10
C GLY E 136 32.60 -14.76 20.46
N MET E 137 31.73 -14.20 19.64
CA MET E 137 32.02 -12.95 19.00
C MET E 137 30.78 -12.16 19.23
N HIS E 138 30.82 -11.30 20.24
CA HIS E 138 29.62 -10.71 20.82
C HIS E 138 29.54 -9.19 20.54
N PHE E 139 28.53 -8.78 19.77
CA PHE E 139 28.30 -7.39 19.32
C PHE E 139 27.29 -6.72 20.20
N PHE E 140 27.10 -5.42 20.04
CA PHE E 140 26.15 -4.65 20.83
C PHE E 140 25.20 -3.82 20.03
N ASN E 141 23.94 -3.83 20.45
CA ASN E 141 22.89 -3.07 19.78
C ASN E 141 23.23 -1.59 19.87
N PRO E 142 23.00 -0.85 18.77
CA PRO E 142 22.86 -1.28 17.38
C PRO E 142 24.23 -1.57 16.78
N ALA E 143 24.39 -2.74 16.18
CA ALA E 143 25.70 -3.25 15.90
C ALA E 143 26.47 -2.54 14.73
N PRO E 144 25.78 -1.77 13.89
CA PRO E 144 26.59 -0.93 12.99
C PRO E 144 27.32 0.21 13.72
N VAL E 145 26.71 0.63 14.82
CA VAL E 145 27.13 1.81 15.55
C VAL E 145 28.12 1.50 16.65
N MET E 146 27.88 0.44 17.40
CA MET E 146 28.71 0.14 18.58
C MET E 146 30.04 -0.47 18.16
N LYS E 147 31.15 0.04 18.67
CA LYS E 147 32.47 -0.30 18.12
C LYS E 147 33.10 -1.50 18.81
N LEU E 148 32.46 -1.98 19.86
CA LEU E 148 32.98 -3.10 20.59
C LEU E 148 32.45 -4.46 20.07
N VAL E 149 33.31 -5.47 20.17
CA VAL E 149 32.91 -6.86 20.05
C VAL E 149 33.68 -7.61 21.11
N GLU E 150 32.97 -8.31 22.01
CA GLU E 150 33.63 -9.10 23.04
C GLU E 150 33.97 -10.38 22.32
N VAL E 151 35.25 -10.70 22.28
CA VAL E 151 35.68 -11.97 21.72
C VAL E 151 35.96 -12.90 22.89
N ILE E 152 35.14 -13.95 23.01
CA ILE E 152 35.13 -14.77 24.22
C ILE E 152 35.73 -16.13 23.93
N ARG E 153 36.91 -16.34 24.49
CA ARG E 153 37.60 -17.60 24.32
C ARG E 153 36.95 -18.65 25.21
N GLY E 154 36.46 -19.70 24.60
CA GLY E 154 36.03 -20.88 25.39
C GLY E 154 37.25 -21.68 25.83
N ALA E 155 37.03 -22.68 26.68
CA ALA E 155 38.13 -23.46 27.21
C ALA E 155 39.08 -23.88 26.10
N ALA E 156 38.53 -24.40 25.01
CA ALA E 156 39.31 -24.96 23.91
C ALA E 156 39.67 -24.00 22.81
N THR E 157 39.06 -22.81 22.74
CA THR E 157 39.31 -21.90 21.62
C THR E 157 40.82 -21.79 21.30
N SER E 158 41.21 -21.94 20.05
CA SER E 158 42.63 -21.86 19.67
C SER E 158 43.12 -20.42 19.63
N GLN E 159 44.44 -20.26 19.77
CA GLN E 159 45.03 -18.97 19.57
C GLN E 159 44.74 -18.50 18.15
N GLU E 160 44.96 -19.39 17.20
CA GLU E 160 44.76 -19.09 15.77
C GLU E 160 43.35 -18.57 15.55
N THR E 161 42.39 -19.27 16.14
CA THR E 161 41.00 -18.90 15.96
C THR E 161 40.74 -17.51 16.57
N PHE E 162 41.29 -17.29 17.76
CA PHE E 162 41.10 -16.01 18.38
C PHE E 162 41.72 -14.93 17.47
N ASP E 163 42.97 -15.15 17.06
CA ASP E 163 43.66 -14.12 16.26
C ASP E 163 42.88 -13.79 15.01
N ALA E 164 42.24 -14.78 14.40
CA ALA E 164 41.45 -14.50 13.21
C ALA E 164 40.23 -13.61 13.49
N VAL E 165 39.54 -13.82 14.61
CA VAL E 165 38.35 -13.01 14.88
C VAL E 165 38.74 -11.56 15.28
N LYS E 166 39.84 -11.43 16.02
CA LYS E 166 40.45 -10.11 16.30
C LYS E 166 40.56 -9.32 15.01
N GLU E 167 41.18 -9.96 14.00
CA GLU E 167 41.39 -9.32 12.70
C GLU E 167 40.08 -8.98 12.04
N MET E 168 39.26 -10.00 11.81
CA MET E 168 37.97 -9.78 11.21
C MET E 168 37.29 -8.53 11.84
N SER E 169 37.29 -8.45 13.18
CA SER E 169 36.73 -7.31 13.90
C SER E 169 37.43 -6.02 13.52
N GLU E 170 38.76 -6.07 13.53
CA GLU E 170 39.55 -4.87 13.21
C GLU E 170 39.20 -4.46 11.79
N SER E 171 39.08 -5.43 10.90
CA SER E 171 38.88 -5.10 9.52
C SER E 171 37.47 -4.61 9.23
N ILE E 172 36.52 -4.77 10.14
CA ILE E 172 35.18 -4.23 9.84
C ILE E 172 34.89 -3.06 10.77
N GLY E 173 35.95 -2.51 11.36
CA GLY E 173 35.85 -1.19 12.01
C GLY E 173 35.60 -1.23 13.49
N LYS E 174 35.67 -2.41 14.08
CA LYS E 174 35.32 -2.57 15.47
C LYS E 174 36.59 -2.84 16.26
N THR E 175 36.57 -2.44 17.52
CA THR E 175 37.61 -2.81 18.46
C THR E 175 37.21 -4.08 19.19
N PRO E 176 38.01 -5.12 19.04
CA PRO E 176 37.78 -6.38 19.71
C PRO E 176 38.46 -6.42 21.07
N VAL E 177 37.95 -7.21 22.01
CA VAL E 177 38.61 -7.43 23.30
C VAL E 177 38.55 -8.90 23.72
N GLU E 178 39.65 -9.36 24.30
CA GLU E 178 39.82 -10.73 24.65
C GLU E 178 39.27 -11.01 26.04
N VAL E 179 38.38 -11.99 26.09
CA VAL E 179 37.77 -12.44 27.32
C VAL E 179 37.86 -13.94 27.49
N ALA E 180 38.35 -14.39 28.63
CA ALA E 180 38.28 -15.77 28.98
C ALA E 180 36.83 -16.05 29.49
N GLU E 181 36.04 -16.79 28.74
CA GLU E 181 34.65 -17.10 29.11
C GLU E 181 34.48 -17.19 30.62
N ALA E 182 33.59 -16.34 31.11
CA ALA E 182 33.03 -16.45 32.41
C ALA E 182 31.71 -15.66 32.42
N PRO E 183 30.94 -15.80 33.50
CA PRO E 183 29.54 -15.34 33.52
C PRO E 183 29.41 -13.85 33.22
N GLY E 184 28.62 -13.51 32.20
CA GLY E 184 28.35 -12.12 31.82
C GLY E 184 29.45 -11.43 31.02
N PHE E 185 30.54 -12.15 30.83
CA PHE E 185 31.73 -11.62 30.19
C PHE E 185 32.13 -10.35 30.89
N VAL E 186 32.26 -9.22 30.19
CA VAL E 186 32.66 -7.97 30.84
C VAL E 186 31.50 -7.02 30.87
N VAL E 187 31.09 -6.57 29.69
CA VAL E 187 30.14 -5.50 29.63
C VAL E 187 28.90 -5.83 30.45
N ASN E 188 28.33 -6.98 30.18
CA ASN E 188 27.03 -7.27 30.79
C ASN E 188 27.09 -7.55 32.28
N ARG E 189 28.21 -8.14 32.69
CA ARG E 189 28.48 -8.42 34.10
C ARG E 189 28.58 -7.13 34.92
N ILE E 190 29.06 -6.07 34.29
CA ILE E 190 29.13 -4.78 34.96
C ILE E 190 27.83 -3.97 34.81
N LEU E 191 27.24 -3.96 33.62
CA LEU E 191 26.19 -3.02 33.33
C LEU E 191 24.84 -3.48 33.84
N ILE E 192 24.49 -4.76 33.68
CA ILE E 192 23.15 -5.19 34.07
C ILE E 192 22.89 -5.15 35.58
N PRO E 193 23.84 -5.62 36.42
CA PRO E 193 23.77 -5.38 37.88
C PRO E 193 23.66 -3.91 38.27
N MET E 194 24.19 -3.05 37.42
CA MET E 194 24.05 -1.63 37.65
C MET E 194 22.59 -1.23 37.58
N ILE E 195 21.88 -1.79 36.61
CA ILE E 195 20.49 -1.45 36.34
C ILE E 195 19.62 -2.12 37.37
N ASN E 196 20.01 -3.34 37.71
CA ASN E 196 19.36 -4.03 38.79
C ASN E 196 19.54 -3.22 40.06
N GLU E 197 20.74 -2.66 40.26
CA GLU E 197 20.93 -1.85 41.45
C GLU E 197 19.91 -0.69 41.54
N ALA E 198 19.75 0.05 40.43
CA ALA E 198 18.71 1.07 40.36
C ALA E 198 17.32 0.57 40.78
N THR E 199 16.95 -0.63 40.33
CA THR E 199 15.63 -1.18 40.63
C THR E 199 15.48 -1.40 42.14
N PHE E 200 16.61 -1.65 42.84
CA PHE E 200 16.54 -1.84 44.31
C PHE E 200 16.35 -0.51 44.99
N ILE E 201 16.98 0.49 44.41
CA ILE E 201 16.88 1.81 44.93
C ILE E 201 15.45 2.27 44.84
N LEU E 202 14.90 2.14 43.66
CA LEU E 202 13.52 2.52 43.46
C LEU E 202 12.63 1.63 44.36
N GLN E 203 12.92 0.35 44.48
CA GLN E 203 12.08 -0.52 45.32
C GLN E 203 12.05 -0.10 46.78
N GLU E 204 13.10 0.61 47.19
CA GLU E 204 13.33 0.96 48.60
C GLU E 204 12.93 2.39 48.96
N GLY E 205 12.12 3.02 48.13
CA GLY E 205 11.76 4.41 48.33
C GLY E 205 12.94 5.36 48.39
N VAL E 206 14.14 4.93 48.00
CA VAL E 206 15.30 5.80 48.14
C VAL E 206 15.23 7.04 47.22
N ALA E 207 14.48 6.95 46.14
CA ALA E 207 14.30 8.08 45.19
C ALA E 207 13.43 7.63 44.03
N LYS E 208 13.28 8.49 43.03
CA LYS E 208 12.38 8.18 41.92
C LYS E 208 13.06 8.18 40.55
N GLU E 209 12.29 7.72 39.56
CA GLU E 209 12.83 7.18 38.32
C GLU E 209 13.73 8.20 37.65
N GLU E 210 13.16 9.39 37.51
CA GLU E 210 13.74 10.50 36.78
C GLU E 210 14.93 11.00 37.54
N ASP E 211 14.81 11.09 38.88
CA ASP E 211 15.90 11.47 39.78
C ASP E 211 17.06 10.48 39.69
N ILE E 212 16.75 9.20 39.65
CA ILE E 212 17.76 8.15 39.58
C ILE E 212 18.48 8.23 38.22
N ASP E 213 17.70 8.37 37.16
CA ASP E 213 18.30 8.49 35.83
C ASP E 213 19.05 9.81 35.70
N ALA E 214 18.46 10.88 36.22
CA ALA E 214 19.11 12.18 36.15
C ALA E 214 20.39 12.11 36.96
N ALA E 215 20.29 11.63 38.20
CA ALA E 215 21.51 11.36 39.00
C ALA E 215 22.69 10.82 38.16
N MET E 216 22.48 9.69 37.48
CA MET E 216 23.59 8.95 36.87
C MET E 216 24.14 9.60 35.60
N LYS E 217 23.23 10.17 34.82
CA LYS E 217 23.57 10.99 33.65
C LYS E 217 24.46 12.16 34.01
N LEU E 218 23.99 12.96 34.95
CA LEU E 218 24.62 14.23 35.25
C LEU E 218 25.73 14.05 36.25
N GLY E 219 25.70 12.93 36.97
CA GLY E 219 26.63 12.66 38.09
C GLY E 219 27.83 11.85 37.66
N ALA E 220 27.62 10.89 36.76
CA ALA E 220 28.70 10.00 36.26
C ALA E 220 28.91 10.12 34.79
N ASN E 221 28.14 11.03 34.19
CA ASN E 221 28.33 11.48 32.82
C ASN E 221 27.94 10.40 31.87
N HIS E 222 26.88 9.71 32.25
CA HIS E 222 26.41 8.55 31.54
C HIS E 222 25.45 9.05 30.48
N PRO E 223 25.46 8.43 29.30
CA PRO E 223 24.64 8.96 28.22
C PRO E 223 23.16 8.64 28.42
N MET E 224 22.86 7.68 29.30
CA MET E 224 21.48 7.42 29.66
C MET E 224 21.41 6.95 31.07
N GLY E 225 20.31 7.27 31.74
CA GLY E 225 20.03 6.74 33.07
C GLY E 225 19.87 5.24 32.94
N PRO E 226 19.93 4.51 34.08
CA PRO E 226 19.97 3.04 33.98
C PRO E 226 18.61 2.42 33.79
N LEU E 227 17.59 2.99 34.44
CA LEU E 227 16.22 2.55 34.32
C LEU E 227 15.80 2.69 32.89
N ALA E 228 16.10 3.85 32.33
CA ALA E 228 15.71 4.14 30.95
C ALA E 228 16.44 3.21 30.01
N LEU E 229 17.72 3.11 30.24
CA LEU E 229 18.55 2.21 29.51
C LEU E 229 18.03 0.80 29.60
N GLY E 230 17.58 0.40 30.79
CA GLY E 230 16.92 -0.90 30.91
C GLY E 230 15.69 -1.03 30.03
N ASP E 231 14.83 0.00 30.03
CA ASP E 231 13.67 0.03 29.14
C ASP E 231 14.06 -0.17 27.68
N LEU E 232 15.26 0.27 27.34
CA LEU E 232 15.83 0.07 26.02
C LEU E 232 16.34 -1.34 25.83
N ILE E 233 17.07 -1.89 26.79
CA ILE E 233 17.59 -3.25 26.60
C ILE E 233 16.46 -4.27 26.57
N GLY E 234 15.34 -3.91 27.17
CA GLY E 234 14.33 -4.94 27.48
C GLY E 234 14.57 -5.45 28.89
N LEU E 235 13.62 -5.19 29.74
CA LEU E 235 13.69 -5.59 31.11
C LEU E 235 13.66 -7.09 31.27
N ASP E 236 12.94 -7.74 30.37
CA ASP E 236 12.96 -9.20 30.31
C ASP E 236 14.40 -9.71 30.04
N VAL E 237 15.20 -9.00 29.24
CA VAL E 237 16.59 -9.37 28.94
C VAL E 237 17.48 -9.12 30.14
N CYS E 238 17.26 -7.95 30.73
CA CYS E 238 17.95 -7.61 31.94
C CYS E 238 17.78 -8.70 32.98
N LEU E 239 16.53 -9.02 33.32
CA LEU E 239 16.26 -10.06 34.31
C LEU E 239 16.84 -11.41 33.94
N ALA E 240 16.75 -11.74 32.66
CA ALA E 240 17.32 -12.97 32.16
C ALA E 240 18.82 -13.05 32.51
N ILE E 241 19.60 -12.08 32.04
CA ILE E 241 21.01 -12.01 32.37
C ILE E 241 21.30 -12.03 33.90
N MET E 242 20.48 -11.41 34.74
CA MET E 242 20.82 -11.43 36.17
C MET E 242 20.68 -12.83 36.69
N ASP E 243 19.62 -13.48 36.24
CA ASP E 243 19.36 -14.86 36.59
C ASP E 243 20.44 -15.80 36.15
N VAL E 244 21.01 -15.58 34.98
CA VAL E 244 22.15 -16.35 34.55
C VAL E 244 23.35 -16.08 35.45
N LEU E 245 23.54 -14.84 35.82
CA LEU E 245 24.62 -14.55 36.74
C LEU E 245 24.42 -15.22 38.08
N TYR E 246 23.22 -15.15 38.62
CA TYR E 246 22.96 -15.69 39.92
C TYR E 246 23.11 -17.22 39.88
N ASN E 247 22.80 -17.83 38.74
CA ASN E 247 22.80 -19.28 38.61
C ASN E 247 24.15 -19.90 38.28
N GLU E 248 24.89 -19.29 37.38
CA GLU E 248 26.26 -19.67 37.15
C GLU E 248 27.12 -19.48 38.40
N THR E 249 27.15 -18.27 38.97
CA THR E 249 27.99 -18.07 40.13
C THR E 249 27.52 -18.72 41.43
N GLY E 250 26.21 -18.80 41.60
CA GLY E 250 25.65 -19.14 42.91
C GLY E 250 25.88 -18.07 43.95
N ASP E 251 26.00 -16.83 43.51
CA ASP E 251 26.32 -15.75 44.38
C ASP E 251 25.17 -14.77 44.46
N THR E 252 24.61 -14.68 45.66
CA THR E 252 23.51 -13.77 45.99
C THR E 252 23.67 -12.32 45.52
N LYS E 253 24.92 -11.91 45.27
CA LYS E 253 25.18 -10.57 44.83
C LYS E 253 24.50 -10.28 43.54
N TYR E 254 24.10 -11.32 42.78
CA TYR E 254 23.47 -11.15 41.50
C TYR E 254 21.98 -11.42 41.56
N ARG E 255 21.47 -11.58 42.78
CA ARG E 255 20.06 -11.81 42.92
C ARG E 255 19.31 -10.61 42.33
N ALA E 256 18.33 -10.87 41.51
CA ALA E 256 17.56 -9.83 40.89
C ALA E 256 16.50 -9.24 41.84
N SER E 257 16.15 -7.98 41.64
CA SER E 257 15.14 -7.35 42.48
C SER E 257 13.77 -7.97 42.24
N SER E 258 13.05 -8.19 43.31
CA SER E 258 11.65 -8.50 43.27
C SER E 258 10.85 -7.60 42.29
N LEU E 259 11.27 -6.34 42.21
CA LEU E 259 10.58 -5.34 41.41
C LEU E 259 10.73 -5.62 39.95
N LEU E 260 11.94 -5.88 39.51
CA LEU E 260 12.17 -6.21 38.11
C LEU E 260 11.30 -7.43 37.71
N ARG E 261 11.25 -8.43 38.58
CA ARG E 261 10.40 -9.59 38.30
C ARG E 261 8.97 -9.20 38.03
N LYS E 262 8.39 -8.45 38.95
CA LYS E 262 7.02 -7.97 38.77
C LYS E 262 6.81 -7.22 37.42
N TYR E 263 7.66 -6.27 37.11
CA TYR E 263 7.53 -5.55 35.84
C TYR E 263 7.53 -6.49 34.66
N VAL E 264 8.50 -7.42 34.65
CA VAL E 264 8.52 -8.39 33.59
C VAL E 264 7.29 -9.26 33.56
N ARG E 265 6.79 -9.72 34.68
CA ARG E 265 5.62 -10.56 34.55
C ARG E 265 4.41 -9.75 34.15
N ALA E 266 4.46 -8.44 34.33
CA ALA E 266 3.38 -7.57 33.89
C ALA E 266 3.46 -7.29 32.42
N GLY E 267 4.52 -7.78 31.76
CA GLY E 267 4.74 -7.48 30.34
C GLY E 267 5.17 -6.04 30.12
N TRP E 268 5.61 -5.39 31.19
CA TRP E 268 6.16 -4.04 31.14
C TRP E 268 7.62 -4.20 30.81
N LEU E 269 7.94 -4.49 29.54
CA LEU E 269 9.30 -4.86 29.21
C LEU E 269 10.10 -3.69 28.75
N GLY E 270 9.45 -2.53 28.63
CA GLY E 270 10.13 -1.30 28.20
C GLY E 270 9.67 -0.82 26.83
N ARG E 271 10.60 -0.29 26.03
CA ARG E 271 10.25 0.39 24.77
C ARG E 271 9.37 -0.48 23.93
N LYS E 272 9.90 -1.64 23.59
CA LYS E 272 9.22 -2.58 22.72
C LYS E 272 7.87 -3.11 23.23
N THR E 273 7.34 -2.59 24.32
CA THR E 273 5.92 -2.86 24.66
C THR E 273 5.23 -1.56 25.03
N GLY E 274 5.95 -0.45 24.86
CA GLY E 274 5.39 0.87 25.11
C GLY E 274 5.37 1.21 26.57
N LYS E 275 5.88 0.30 27.40
CA LYS E 275 5.83 0.51 28.80
C LYS E 275 6.94 -0.29 29.47
N GLY E 276 7.69 0.41 30.32
CA GLY E 276 8.57 -0.21 31.29
C GLY E 276 8.53 0.60 32.58
N PHE E 277 9.71 1.07 32.97
CA PHE E 277 9.78 2.04 34.03
C PHE E 277 9.14 3.34 33.62
N TYR E 278 9.08 3.57 32.31
CA TYR E 278 8.42 4.71 31.73
C TYR E 278 7.35 4.26 30.76
N ASP E 279 6.61 5.25 30.26
CA ASP E 279 5.62 5.07 29.19
C ASP E 279 6.15 5.51 27.88
N TYR E 280 5.49 5.13 26.81
CA TYR E 280 6.00 5.42 25.47
C TYR E 280 4.88 5.52 24.42
N MET F 1 20.96 35.38 49.51
CA MET F 1 21.63 34.21 50.15
C MET F 1 23.02 33.95 49.51
N LYS F 2 23.97 34.80 49.89
CA LYS F 2 25.20 35.04 49.16
C LYS F 2 26.45 34.47 49.83
N LYS F 3 26.43 34.23 51.14
CA LYS F 3 27.68 33.83 51.86
C LYS F 3 27.78 32.35 52.22
N VAL F 4 28.77 31.67 51.65
CA VAL F 4 28.96 30.23 51.86
C VAL F 4 30.29 29.90 52.54
N PHE F 5 30.23 29.06 53.57
CA PHE F 5 31.38 28.55 54.34
C PHE F 5 31.60 27.07 54.01
N VAL F 6 32.83 26.76 53.60
CA VAL F 6 33.23 25.42 53.21
C VAL F 6 34.36 24.95 54.13
N LEU F 7 34.12 23.95 54.98
CA LEU F 7 35.24 23.25 55.62
C LEU F 7 35.97 22.30 54.66
N GLY F 8 37.25 22.11 54.88
CA GLY F 8 38.05 21.17 54.08
C GLY F 8 38.59 21.88 52.87
N ALA F 9 39.90 21.76 52.67
CA ALA F 9 40.57 22.34 51.51
C ALA F 9 41.06 21.30 50.49
N GLY F 10 40.73 20.01 50.71
CA GLY F 10 41.20 18.93 49.83
C GLY F 10 40.73 19.06 48.39
N THR F 11 40.92 17.99 47.63
CA THR F 11 40.43 17.95 46.27
C THR F 11 38.98 18.44 46.22
N MET F 12 38.11 17.86 47.06
CA MET F 12 36.69 18.14 46.98
C MET F 12 36.35 19.53 47.50
N GLY F 13 36.78 19.81 48.73
CA GLY F 13 36.52 21.08 49.36
C GLY F 13 36.82 22.19 48.36
N ALA F 14 38.04 22.20 47.85
CA ALA F 14 38.51 23.23 46.92
C ALA F 14 37.60 23.36 45.72
N GLY F 15 37.20 22.25 45.14
CA GLY F 15 36.38 22.31 43.93
C GLY F 15 35.00 22.91 44.16
N ILE F 16 34.44 22.65 45.34
CA ILE F 16 33.11 23.09 45.71
C ILE F 16 33.10 24.60 45.88
N VAL F 17 34.13 25.10 46.57
CA VAL F 17 34.46 26.53 46.68
C VAL F 17 34.47 27.19 45.29
N GLN F 18 35.26 26.59 44.41
CA GLN F 18 35.28 27.01 43.03
C GLN F 18 33.89 27.10 42.43
N ALA F 19 33.07 26.10 42.70
CA ALA F 19 31.81 25.98 41.98
C ALA F 19 30.89 27.09 42.41
N PHE F 20 30.93 27.39 43.72
CA PHE F 20 30.15 28.48 44.36
C PHE F 20 30.66 29.87 43.95
N ALA F 21 31.95 30.10 44.12
CA ALA F 21 32.50 31.40 43.80
C ALA F 21 32.26 31.69 42.34
N ALA F 22 32.39 30.66 41.51
CA ALA F 22 32.21 30.81 40.06
C ALA F 22 30.81 31.30 39.64
N LYS F 23 29.85 31.25 40.54
CA LYS F 23 28.53 31.80 40.24
C LYS F 23 28.18 32.89 41.21
N GLY F 24 29.18 33.49 41.83
CA GLY F 24 29.02 34.75 42.56
C GLY F 24 28.55 34.61 44.00
N CYS F 25 29.19 33.75 44.78
CA CYS F 25 28.98 33.73 46.22
C CYS F 25 30.24 34.19 46.91
N GLU F 26 30.09 34.83 48.05
CA GLU F 26 31.22 35.09 48.93
C GLU F 26 31.50 33.74 49.58
N VAL F 27 32.68 33.18 49.35
CA VAL F 27 33.01 31.87 49.91
C VAL F 27 34.20 32.01 50.84
N ILE F 28 34.04 31.51 52.05
CA ILE F 28 35.11 31.48 53.00
C ILE F 28 35.49 30.02 53.12
N VAL F 29 36.73 29.66 52.80
CA VAL F 29 37.17 28.26 52.91
C VAL F 29 38.01 28.11 54.16
N ARG F 30 37.97 26.95 54.78
CA ARG F 30 38.57 26.77 56.09
C ARG F 30 39.17 25.36 56.31
N ASP F 31 40.43 25.27 56.70
CA ASP F 31 41.04 23.97 57.05
C ASP F 31 41.81 24.09 58.36
N ILE F 32 42.31 22.96 58.86
CA ILE F 32 42.89 22.95 60.21
C ILE F 32 44.28 23.61 60.23
N LYS F 33 44.97 23.69 59.09
CA LYS F 33 46.28 24.32 59.03
C LYS F 33 46.28 25.47 58.04
N GLU F 34 46.93 26.56 58.41
CA GLU F 34 47.08 27.74 57.51
C GLU F 34 47.60 27.35 56.10
N GLU F 35 48.44 26.30 56.03
CA GLU F 35 49.08 25.89 54.77
C GLU F 35 48.20 24.99 53.90
N PHE F 36 47.44 24.09 54.54
CA PHE F 36 46.41 23.33 53.81
C PHE F 36 45.65 24.36 53.01
N VAL F 37 45.12 25.37 53.71
CA VAL F 37 44.31 26.38 53.10
C VAL F 37 44.94 26.90 51.81
N ASP F 38 46.24 27.09 51.82
CA ASP F 38 46.96 27.60 50.64
C ASP F 38 46.96 26.62 49.46
N ARG F 39 47.15 25.33 49.73
CA ARG F 39 47.06 24.33 48.67
C ARG F 39 45.70 24.44 47.96
N GLY F 40 44.63 24.55 48.75
CA GLY F 40 43.27 24.77 48.21
C GLY F 40 43.24 25.87 47.17
N ILE F 41 43.68 27.07 47.54
CA ILE F 41 43.57 28.23 46.62
C ILE F 41 44.47 28.00 45.41
N ALA F 42 45.49 27.17 45.63
CA ALA F 42 46.48 26.85 44.59
C ALA F 42 45.94 25.80 43.65
N THR F 43 45.30 24.77 44.21
CA THR F 43 44.56 23.84 43.39
C THR F 43 43.59 24.64 42.54
N ILE F 44 42.73 25.40 43.21
CA ILE F 44 41.73 26.24 42.53
C ILE F 44 42.33 27.19 41.53
N THR F 45 43.51 27.74 41.79
CA THR F 45 44.05 28.70 40.81
C THR F 45 44.64 28.04 39.53
N LYS F 46 45.40 26.95 39.68
CA LYS F 46 45.80 26.15 38.51
C LYS F 46 44.58 25.72 37.69
N SER F 47 43.53 25.23 38.35
CA SER F 47 42.35 24.71 37.62
C SER F 47 41.65 25.83 36.85
N LEU F 48 41.70 27.05 37.39
CA LEU F 48 41.29 28.25 36.64
C LEU F 48 42.23 28.58 35.50
N SER F 49 43.54 28.61 35.78
CA SER F 49 44.59 28.81 34.77
C SER F 49 44.41 27.96 33.50
N LYS F 50 44.23 26.65 33.70
CA LYS F 50 44.00 25.72 32.60
C LYS F 50 42.89 26.19 31.66
N LEU F 51 41.84 26.81 32.21
CA LEU F 51 40.67 27.20 31.42
C LEU F 51 40.93 28.49 30.64
N VAL F 52 41.82 29.31 31.18
CA VAL F 52 42.17 30.55 30.53
C VAL F 52 43.04 30.21 29.31
N ALA F 53 43.90 29.20 29.46
CA ALA F 53 44.62 28.60 28.32
C ALA F 53 43.64 28.15 27.22
N LYS F 54 42.52 27.52 27.59
CA LYS F 54 41.61 26.99 26.59
C LYS F 54 40.60 28.02 26.09
N GLU F 55 40.92 29.32 26.12
CA GLU F 55 39.95 30.35 25.69
C GLU F 55 38.62 30.20 26.44
N LYS F 56 38.62 29.41 27.52
CA LYS F 56 37.37 28.99 28.13
C LYS F 56 36.84 30.09 29.06
N ILE F 57 37.76 30.68 29.84
CA ILE F 57 37.47 31.88 30.63
C ILE F 57 38.55 32.95 30.41
N THR F 58 38.21 34.20 30.71
CA THR F 58 39.19 35.29 30.64
C THR F 58 40.08 35.29 31.88
N GLU F 59 41.25 35.94 31.77
CA GLU F 59 42.15 36.16 32.92
C GLU F 59 41.42 37.09 33.93
N ALA F 60 40.49 37.92 33.43
CA ALA F 60 39.67 38.78 34.28
C ALA F 60 38.67 37.95 35.08
N ASP F 61 37.92 37.12 34.36
CA ASP F 61 37.00 36.17 34.98
C ASP F 61 37.75 35.36 36.02
N LYS F 62 38.85 34.72 35.60
CA LYS F 62 39.71 33.99 36.55
C LYS F 62 39.93 34.73 37.88
N GLU F 63 40.26 36.00 37.80
CA GLU F 63 40.76 36.67 38.98
C GLU F 63 39.54 37.14 39.77
N GLU F 64 38.48 37.52 39.07
CA GLU F 64 37.21 37.84 39.75
C GLU F 64 36.80 36.68 40.67
N ILE F 65 36.96 35.46 40.17
CA ILE F 65 36.58 34.27 40.90
C ILE F 65 37.41 34.14 42.19
N LEU F 66 38.74 34.22 42.08
CA LEU F 66 39.61 34.14 43.27
C LEU F 66 39.33 35.28 44.24
N SER F 67 38.82 36.38 43.70
CA SER F 67 38.41 37.54 44.47
C SER F 67 37.24 37.31 45.42
N ARG F 68 36.50 36.24 45.23
CA ARG F 68 35.37 35.93 46.10
C ARG F 68 35.68 34.81 47.09
N ILE F 69 36.96 34.56 47.31
CA ILE F 69 37.41 33.39 48.03
C ILE F 69 38.42 33.77 49.09
N SER F 70 38.05 33.63 50.34
CA SER F 70 38.95 33.90 51.45
C SER F 70 39.06 32.67 52.31
N GLY F 71 40.30 32.33 52.66
CA GLY F 71 40.61 31.18 53.50
C GLY F 71 40.84 31.58 54.95
N THR F 72 40.77 30.62 55.86
CA THR F 72 40.97 30.87 57.27
C THR F 72 41.10 29.52 57.98
N THR F 73 41.40 29.57 59.26
CA THR F 73 41.50 28.38 60.11
C THR F 73 40.56 28.54 61.29
N ASP F 74 39.89 29.68 61.34
CA ASP F 74 39.04 30.07 62.42
C ASP F 74 37.64 29.66 62.02
N MET F 75 37.00 28.81 62.82
CA MET F 75 35.62 28.41 62.56
C MET F 75 34.67 29.55 62.76
N LYS F 76 35.07 30.48 63.61
CA LYS F 76 34.16 31.51 64.08
C LYS F 76 33.71 32.41 62.91
N LEU F 77 34.40 32.33 61.77
CA LEU F 77 34.00 33.16 60.63
C LEU F 77 32.80 32.63 59.86
N ALA F 78 32.27 31.49 60.29
CA ALA F 78 31.04 30.90 59.72
C ALA F 78 29.72 31.60 60.16
N ALA F 79 29.77 32.33 61.27
CA ALA F 79 28.59 32.87 61.95
C ALA F 79 27.56 33.58 61.06
N ASP F 80 28.04 34.39 60.10
CA ASP F 80 27.12 35.11 59.23
C ASP F 80 26.95 34.49 57.87
N CYS F 81 27.26 33.20 57.74
CA CYS F 81 27.12 32.52 56.46
C CYS F 81 25.74 31.90 56.39
N ASP F 82 25.14 31.89 55.20
CA ASP F 82 23.79 31.31 55.02
C ASP F 82 23.78 29.77 54.76
N LEU F 83 24.94 29.24 54.35
CA LEU F 83 25.10 27.81 54.14
C LEU F 83 26.50 27.44 54.55
N VAL F 84 26.66 26.33 55.26
CA VAL F 84 27.97 25.70 55.43
C VAL F 84 27.97 24.43 54.62
N VAL F 85 29.09 24.13 53.98
CA VAL F 85 29.27 22.79 53.39
C VAL F 85 30.50 22.12 53.95
N GLU F 86 30.29 21.15 54.83
CA GLU F 86 31.38 20.36 55.40
C GLU F 86 31.88 19.32 54.40
N ALA F 87 33.09 19.55 53.88
CA ALA F 87 33.78 18.64 52.95
C ALA F 87 35.13 18.33 53.54
N ALA F 88 35.12 17.74 54.73
CA ALA F 88 36.28 17.79 55.61
C ALA F 88 36.94 16.45 55.80
N ILE F 89 36.21 15.52 56.41
CA ILE F 89 36.80 14.26 56.84
C ILE F 89 35.67 13.32 57.10
N GLU F 90 35.80 12.11 56.54
CA GLU F 90 34.77 11.09 56.65
C GLU F 90 34.95 10.30 57.95
N ASN F 91 34.60 10.92 59.06
CA ASN F 91 34.64 10.23 60.34
C ASN F 91 33.49 10.74 61.17
N MET F 92 32.64 9.85 61.61
CA MET F 92 31.49 10.28 62.36
C MET F 92 31.90 11.11 63.54
N LYS F 93 32.75 10.58 64.43
CA LYS F 93 32.92 11.22 65.75
C LYS F 93 33.28 12.72 65.65
N ILE F 94 33.98 13.08 64.58
CA ILE F 94 34.43 14.43 64.33
C ILE F 94 33.36 15.28 63.67
N LYS F 95 32.73 14.77 62.61
CA LYS F 95 31.58 15.46 62.03
C LYS F 95 30.63 15.87 63.13
N LYS F 96 30.30 14.94 64.02
CA LYS F 96 29.45 15.25 65.16
C LYS F 96 29.98 16.45 65.94
N GLU F 97 31.31 16.54 66.09
CA GLU F 97 31.94 17.60 66.90
C GLU F 97 31.88 18.93 66.14
N ILE F 98 32.42 18.94 64.92
CA ILE F 98 32.26 20.04 63.99
C ILE F 98 30.81 20.59 63.95
N PHE F 99 29.85 19.79 63.49
CA PHE F 99 28.47 20.28 63.34
C PHE F 99 27.89 20.89 64.62
N ALA F 100 28.12 20.24 65.75
CA ALA F 100 27.79 20.85 67.03
C ALA F 100 28.46 22.23 67.21
N GLU F 101 29.70 22.38 66.74
CA GLU F 101 30.40 23.66 66.88
C GLU F 101 29.72 24.72 66.04
N LEU F 102 29.41 24.40 64.79
CA LEU F 102 28.79 25.36 63.86
C LEU F 102 27.43 25.82 64.38
N ASP F 103 26.73 24.89 65.03
CA ASP F 103 25.51 25.20 65.75
C ASP F 103 25.71 26.33 66.79
N GLY F 104 26.66 26.17 67.72
CA GLY F 104 27.05 27.28 68.59
C GLY F 104 27.28 28.55 67.75
N ILE F 105 28.04 28.47 66.67
CA ILE F 105 28.64 29.65 66.03
C ILE F 105 27.70 30.46 65.14
N CYS F 106 26.73 29.81 64.53
CA CYS F 106 26.10 30.38 63.35
C CYS F 106 24.80 30.95 63.73
N LYS F 107 24.49 32.08 63.09
CA LYS F 107 23.15 32.63 63.20
C LYS F 107 22.16 31.49 63.00
N PRO F 108 20.93 31.62 63.51
CA PRO F 108 19.95 30.48 63.40
C PRO F 108 19.45 30.07 62.00
N GLU F 109 19.65 30.92 61.01
CA GLU F 109 19.08 30.67 59.70
C GLU F 109 20.02 29.80 58.90
N THR F 110 21.29 29.73 59.30
CA THR F 110 22.25 28.99 58.51
C THR F 110 21.86 27.52 58.44
N ILE F 111 21.84 26.98 57.23
CA ILE F 111 21.70 25.56 56.93
C ILE F 111 23.08 24.88 56.96
N LEU F 112 23.21 23.80 57.72
CA LEU F 112 24.48 23.08 57.84
C LEU F 112 24.47 21.77 57.05
N ALA F 113 25.32 21.65 56.05
CA ALA F 113 25.22 20.56 55.09
C ALA F 113 26.54 19.78 54.91
N SER F 114 26.45 18.45 54.81
CA SER F 114 27.63 17.63 54.59
C SER F 114 27.79 17.22 53.15
N ASN F 115 29.04 17.09 52.71
CA ASN F 115 29.36 16.41 51.44
C ASN F 115 29.96 14.99 51.64
N THR F 116 29.38 14.17 52.52
CA THR F 116 29.78 12.75 52.63
C THR F 116 29.50 12.02 51.36
N SER F 117 30.29 10.98 51.13
CA SER F 117 30.03 10.04 50.06
C SER F 117 29.10 8.92 50.50
N SER F 118 28.98 8.79 51.82
CA SER F 118 28.60 7.54 52.44
C SER F 118 27.88 7.69 53.80
N LEU F 119 28.47 8.45 54.73
CA LEU F 119 28.09 8.48 56.16
C LEU F 119 26.73 9.14 56.53
N SER F 120 26.33 9.06 57.80
CA SER F 120 24.92 9.33 58.11
C SER F 120 24.55 10.76 58.43
N ILE F 121 23.85 11.41 57.50
CA ILE F 121 23.22 12.73 57.77
C ILE F 121 22.45 12.75 59.10
N THR F 122 21.50 11.84 59.22
CA THR F 122 20.68 11.74 60.43
C THR F 122 21.52 11.68 61.70
N GLU F 123 22.51 10.80 61.73
CA GLU F 123 23.37 10.66 62.91
C GLU F 123 24.13 11.95 63.22
N VAL F 124 24.51 12.68 62.17
CA VAL F 124 25.24 13.94 62.32
C VAL F 124 24.31 15.00 62.88
N ALA F 125 23.17 15.16 62.23
CA ALA F 125 22.17 16.11 62.68
C ALA F 125 21.81 15.96 64.19
N SER F 126 21.88 14.73 64.70
CA SER F 126 21.62 14.44 66.12
C SER F 126 22.47 15.27 67.04
N ALA F 127 23.71 15.48 66.63
CA ALA F 127 24.69 16.19 67.44
C ALA F 127 24.51 17.70 67.46
N THR F 128 23.50 18.21 66.76
CA THR F 128 23.14 19.63 66.82
C THR F 128 21.75 19.78 67.39
N LYS F 129 21.40 20.98 67.84
CA LYS F 129 20.02 21.38 68.18
C LYS F 129 19.33 22.08 66.98
N ARG F 130 19.50 21.52 65.78
CA ARG F 130 19.21 22.20 64.51
C ARG F 130 18.82 21.22 63.40
N ALA F 131 18.39 20.02 63.76
CA ALA F 131 18.46 18.89 62.83
C ALA F 131 17.61 19.03 61.57
N ASP F 132 16.53 19.81 61.69
CA ASP F 132 15.76 20.32 60.52
C ASP F 132 16.59 21.08 59.47
N LYS F 133 17.65 21.75 59.92
CA LYS F 133 18.49 22.60 59.10
C LYS F 133 19.79 21.87 58.71
N VAL F 134 19.85 20.58 59.03
CA VAL F 134 20.99 19.76 58.65
C VAL F 134 20.57 18.85 57.49
N ILE F 135 21.53 18.48 56.65
CA ILE F 135 21.20 17.91 55.36
C ILE F 135 22.46 17.59 54.59
N GLY F 136 22.38 16.65 53.66
CA GLY F 136 23.49 16.39 52.75
C GLY F 136 23.42 17.22 51.46
N MET F 137 24.57 17.58 50.96
CA MET F 137 24.61 18.26 49.70
C MET F 137 25.88 17.68 49.14
N HIS F 138 25.70 16.69 48.27
CA HIS F 138 26.82 15.84 47.86
C HIS F 138 27.18 16.21 46.44
N PHE F 139 28.42 16.61 46.25
CA PHE F 139 28.95 17.02 44.95
C PHE F 139 29.77 15.87 44.35
N PHE F 140 30.07 15.99 43.06
CA PHE F 140 30.82 14.97 42.37
C PHE F 140 31.98 15.53 41.61
N ASN F 141 33.09 14.79 41.71
CA ASN F 141 34.35 15.13 41.10
C ASN F 141 34.24 15.18 39.57
N PRO F 142 34.68 16.30 38.96
CA PRO F 142 35.13 17.51 39.64
C PRO F 142 33.96 18.45 39.87
N ALA F 143 33.89 18.98 41.08
CA ALA F 143 32.79 19.82 41.51
C ALA F 143 32.48 20.96 40.56
N PRO F 144 33.51 21.62 39.98
CA PRO F 144 33.18 22.74 39.08
C PRO F 144 32.41 22.32 37.84
N VAL F 145 32.49 21.05 37.47
CA VAL F 145 31.99 20.61 36.17
C VAL F 145 30.70 19.81 36.25
N MET F 146 30.65 18.85 37.15
CA MET F 146 29.55 17.90 37.21
C MET F 146 28.26 18.61 37.62
N LYS F 147 27.27 18.61 36.72
CA LYS F 147 26.04 19.38 36.97
C LYS F 147 25.19 18.92 38.13
N LEU F 148 25.56 17.83 38.80
CA LEU F 148 24.66 17.25 39.80
C LEU F 148 25.03 17.58 41.21
N VAL F 149 24.00 17.79 42.03
CA VAL F 149 24.17 17.74 43.47
C VAL F 149 23.12 16.77 43.98
N GLU F 150 23.55 15.85 44.86
CA GLU F 150 22.62 14.92 45.49
C GLU F 150 22.19 15.58 46.77
N VAL F 151 20.89 15.78 46.94
CA VAL F 151 20.35 16.40 48.15
C VAL F 151 19.74 15.32 48.99
N ILE F 152 20.47 14.94 50.02
CA ILE F 152 20.10 13.82 50.85
C ILE F 152 19.38 14.38 52.00
N ARG F 153 18.16 13.95 52.21
CA ARG F 153 17.48 14.33 53.42
C ARG F 153 17.81 13.30 54.47
N GLY F 154 18.22 13.80 55.62
CA GLY F 154 18.33 12.98 56.81
C GLY F 154 16.91 12.90 57.28
N ALA F 155 16.68 12.08 58.30
CA ALA F 155 15.33 11.88 58.83
C ALA F 155 14.68 13.18 59.32
N ALA F 156 15.40 13.99 60.09
CA ALA F 156 14.74 15.15 60.69
C ALA F 156 14.75 16.37 59.75
N THR F 157 15.22 16.17 58.52
CA THR F 157 15.43 17.31 57.62
C THR F 157 14.07 17.86 57.20
N SER F 158 13.84 19.11 57.57
CA SER F 158 12.65 19.86 57.18
C SER F 158 12.46 20.00 55.65
N GLN F 159 11.21 20.04 55.19
CA GLN F 159 10.91 20.47 53.81
C GLN F 159 11.46 21.91 53.41
N GLU F 160 11.45 22.87 54.34
CA GLU F 160 11.97 24.24 54.06
C GLU F 160 13.44 24.16 53.67
N THR F 161 14.20 23.45 54.49
CA THR F 161 15.61 23.26 54.26
C THR F 161 15.89 22.60 52.92
N PHE F 162 15.08 21.61 52.56
CA PHE F 162 15.35 20.89 51.33
C PHE F 162 15.10 21.88 50.17
N ASP F 163 13.99 22.61 50.26
CA ASP F 163 13.63 23.56 49.22
C ASP F 163 14.70 24.61 49.12
N ALA F 164 15.21 25.02 50.26
CA ALA F 164 16.24 26.03 50.26
C ALA F 164 17.51 25.55 49.54
N VAL F 165 17.92 24.31 49.80
CA VAL F 165 19.13 23.79 49.19
C VAL F 165 18.92 23.51 47.70
N LYS F 166 17.76 22.98 47.36
CA LYS F 166 17.39 22.80 45.96
C LYS F 166 17.52 24.14 45.26
N GLU F 167 16.88 25.17 45.83
CA GLU F 167 16.91 26.51 45.26
C GLU F 167 18.34 27.01 45.16
N MET F 168 19.17 26.75 46.16
CA MET F 168 20.57 27.20 46.14
C MET F 168 21.35 26.60 44.97
N SER F 169 21.17 25.32 44.73
CA SER F 169 22.02 24.62 43.78
C SER F 169 21.57 24.86 42.36
N GLU F 170 20.34 25.30 42.21
CA GLU F 170 19.90 25.79 40.94
C GLU F 170 20.65 27.07 40.65
N SER F 171 20.76 27.94 41.66
CA SER F 171 21.50 29.21 41.49
C SER F 171 22.86 28.92 40.92
N ILE F 172 23.63 28.04 41.55
CA ILE F 172 24.98 27.79 41.07
C ILE F 172 25.07 26.87 39.85
N GLY F 173 23.95 26.63 39.17
CA GLY F 173 23.96 26.00 37.85
C GLY F 173 23.71 24.51 37.86
N LYS F 174 23.56 23.94 39.07
CA LYS F 174 23.42 22.51 39.26
C LYS F 174 21.96 22.05 39.22
N THR F 175 21.80 20.72 39.09
CA THR F 175 20.53 20.03 39.13
C THR F 175 20.42 19.23 40.43
N PRO F 176 19.63 19.73 41.35
CA PRO F 176 19.45 18.96 42.57
C PRO F 176 18.58 17.71 42.35
N VAL F 177 18.88 16.61 43.06
CA VAL F 177 18.02 15.44 43.05
C VAL F 177 17.77 15.05 44.47
N GLU F 178 16.50 14.82 44.77
CA GLU F 178 16.10 14.51 46.11
C GLU F 178 16.44 13.06 46.35
N VAL F 179 17.27 12.81 47.38
CA VAL F 179 17.59 11.44 47.82
C VAL F 179 17.24 11.24 49.29
N ALA F 180 16.78 10.06 49.64
CA ALA F 180 16.49 9.78 51.03
C ALA F 180 17.62 8.97 51.65
N GLU F 181 18.18 9.43 52.76
CA GLU F 181 19.35 8.78 53.35
C GLU F 181 19.18 7.28 53.35
N ALA F 182 20.07 6.65 52.61
CA ALA F 182 20.21 5.23 52.54
C ALA F 182 21.63 5.03 51.97
N PRO F 183 22.25 3.85 52.18
CA PRO F 183 23.68 3.69 51.90
C PRO F 183 24.05 4.00 50.44
N GLY F 184 25.10 4.79 50.23
CA GLY F 184 25.56 5.16 48.90
C GLY F 184 24.66 6.18 48.18
N PHE F 185 23.53 6.50 48.81
CA PHE F 185 22.55 7.42 48.22
C PHE F 185 22.11 6.85 46.87
N VAL F 186 22.56 7.41 45.74
CA VAL F 186 22.21 6.85 44.42
C VAL F 186 23.47 6.64 43.64
N VAL F 187 24.20 7.71 43.40
CA VAL F 187 25.29 7.60 42.47
C VAL F 187 26.29 6.57 43.00
N ASN F 188 26.86 6.84 44.16
CA ASN F 188 27.90 5.98 44.67
C ASN F 188 27.45 4.53 44.85
N ARG F 189 26.18 4.33 45.21
CA ARG F 189 25.61 2.99 45.35
C ARG F 189 25.69 2.21 44.05
N ILE F 190 25.37 2.87 42.93
CA ILE F 190 25.41 2.25 41.61
C ILE F 190 26.80 2.28 41.04
N LEU F 191 27.58 3.28 41.38
CA LEU F 191 28.78 3.57 40.59
C LEU F 191 30.00 2.88 41.11
N ILE F 192 30.15 2.85 42.43
CA ILE F 192 31.35 2.26 42.98
C ILE F 192 31.33 0.73 42.86
N PRO F 193 30.18 0.08 43.05
CA PRO F 193 30.27 -1.37 42.84
C PRO F 193 30.49 -1.75 41.40
N MET F 194 30.31 -0.81 40.49
CA MET F 194 30.61 -1.07 39.10
C MET F 194 32.13 -1.14 38.93
N ILE F 195 32.80 -0.21 39.57
CA ILE F 195 34.25 -0.24 39.60
C ILE F 195 34.73 -1.48 40.36
N ASN F 196 34.05 -1.77 41.47
CA ASN F 196 34.42 -2.92 42.25
C ASN F 196 34.24 -4.17 41.42
N GLU F 197 33.22 -4.22 40.55
CA GLU F 197 33.03 -5.43 39.76
C GLU F 197 34.24 -5.64 38.83
N ALA F 198 34.60 -4.55 38.16
CA ALA F 198 35.77 -4.50 37.32
C ALA F 198 36.98 -5.06 38.05
N THR F 199 37.12 -4.79 39.34
CA THR F 199 38.26 -5.34 40.05
C THR F 199 38.14 -6.85 40.04
N PHE F 200 36.95 -7.37 40.31
CA PHE F 200 36.76 -8.84 40.36
C PHE F 200 37.02 -9.50 39.01
N ILE F 201 36.54 -8.86 37.96
CA ILE F 201 36.78 -9.32 36.62
C ILE F 201 38.28 -9.44 36.38
N LEU F 202 39.03 -8.49 36.93
CA LEU F 202 40.46 -8.42 36.63
C LEU F 202 41.20 -9.43 37.49
N GLN F 203 40.74 -9.62 38.72
CA GLN F 203 41.28 -10.54 39.67
C GLN F 203 41.09 -11.95 39.20
N GLU F 204 40.03 -12.19 38.44
CA GLU F 204 39.64 -13.57 38.07
C GLU F 204 40.22 -14.04 36.71
N GLY F 205 41.06 -13.22 36.10
CA GLY F 205 41.68 -13.55 34.81
C GLY F 205 40.73 -13.47 33.63
N VAL F 206 39.75 -12.59 33.71
CA VAL F 206 38.67 -12.64 32.73
C VAL F 206 39.00 -11.74 31.57
N ALA F 207 39.48 -10.56 31.88
CA ALA F 207 40.10 -9.72 30.91
C ALA F 207 41.22 -8.93 31.61
N LYS F 208 41.92 -8.14 30.81
CA LYS F 208 42.95 -7.26 31.29
C LYS F 208 42.41 -5.82 31.28
N GLU F 209 43.14 -4.91 31.90
CA GLU F 209 42.72 -3.55 32.24
C GLU F 209 42.10 -2.79 31.10
N GLU F 210 42.91 -2.62 30.05
CA GLU F 210 42.59 -1.78 28.90
C GLU F 210 41.35 -2.34 28.23
N ASP F 211 41.32 -3.66 28.13
CA ASP F 211 40.19 -4.35 27.54
C ASP F 211 38.94 -4.10 28.35
N ILE F 212 39.05 -4.33 29.65
CA ILE F 212 37.95 -4.08 30.50
C ILE F 212 37.51 -2.64 30.28
N ASP F 213 38.44 -1.71 30.39
CA ASP F 213 38.07 -0.28 30.32
C ASP F 213 37.47 0.13 28.96
N ALA F 214 38.14 -0.31 27.90
CA ALA F 214 37.69 -0.10 26.54
C ALA F 214 36.32 -0.68 26.34
N ALA F 215 36.08 -1.83 27.00
CA ALA F 215 34.78 -2.48 26.95
C ALA F 215 33.67 -1.59 27.43
N MET F 216 33.92 -0.82 28.46
CA MET F 216 32.83 -0.01 28.98
C MET F 216 32.68 1.27 28.19
N LYS F 217 33.82 1.82 27.72
CA LYS F 217 33.79 3.02 26.89
C LYS F 217 33.03 2.76 25.58
N LEU F 218 33.52 1.79 24.83
CA LEU F 218 32.97 1.49 23.52
C LEU F 218 31.70 0.65 23.51
N GLY F 219 31.49 -0.16 24.54
CA GLY F 219 30.34 -1.06 24.60
C GLY F 219 29.12 -0.44 25.23
N ALA F 220 29.36 0.48 26.17
CA ALA F 220 28.28 1.15 26.86
C ALA F 220 28.29 2.68 26.74
N ASN F 221 29.22 3.24 25.98
CA ASN F 221 29.38 4.69 25.87
C ASN F 221 29.61 5.39 27.19
N HIS F 222 30.50 4.81 27.97
CA HIS F 222 30.83 5.39 29.24
C HIS F 222 31.98 6.34 29.04
N PRO F 223 31.92 7.49 29.69
CA PRO F 223 32.96 8.46 29.44
C PRO F 223 34.31 7.83 29.69
N MET F 224 34.42 7.08 30.77
CA MET F 224 35.72 6.58 31.19
C MET F 224 35.62 5.10 31.48
N GLY F 225 36.72 4.39 31.40
CA GLY F 225 36.69 3.00 31.80
C GLY F 225 36.62 2.95 33.31
N PRO F 226 35.92 1.95 33.87
CA PRO F 226 35.75 1.89 35.35
C PRO F 226 37.05 1.92 36.14
N LEU F 227 38.11 1.27 35.65
CA LEU F 227 39.38 1.24 36.40
C LEU F 227 40.06 2.61 36.39
N ALA F 228 40.16 3.19 35.20
CA ALA F 228 40.68 4.55 35.05
C ALA F 228 39.93 5.48 35.97
N LEU F 229 38.62 5.34 35.92
CA LEU F 229 37.78 6.07 36.83
C LEU F 229 38.17 5.78 38.27
N GLY F 230 38.51 4.54 38.54
CA GLY F 230 38.92 4.20 39.89
C GLY F 230 40.10 5.04 40.28
N ASP F 231 41.11 5.01 39.40
CA ASP F 231 42.33 5.79 39.54
C ASP F 231 42.03 7.30 39.70
N LEU F 232 41.07 7.82 38.95
CA LEU F 232 40.63 9.22 39.16
C LEU F 232 40.00 9.43 40.52
N ILE F 233 39.13 8.53 40.95
CA ILE F 233 38.39 8.81 42.20
C ILE F 233 39.30 8.63 43.39
N GLY F 234 40.31 7.75 43.25
CA GLY F 234 41.07 7.29 44.38
C GLY F 234 40.58 5.92 44.82
N LEU F 235 41.48 4.94 44.74
CA LEU F 235 41.13 3.60 45.10
C LEU F 235 40.84 3.47 46.59
N ASP F 236 41.34 4.41 47.37
CA ASP F 236 41.11 4.39 48.81
C ASP F 236 39.69 4.82 49.15
N VAL F 237 39.10 5.65 48.30
CA VAL F 237 37.72 6.10 48.47
C VAL F 237 36.70 5.04 48.06
N CYS F 238 37.04 4.33 46.97
CA CYS F 238 36.24 3.23 46.50
C CYS F 238 36.16 2.13 47.54
N LEU F 239 37.30 1.75 48.06
CA LEU F 239 37.32 0.69 49.03
C LEU F 239 36.49 1.12 50.25
N ALA F 240 36.74 2.34 50.65
CA ALA F 240 36.11 2.87 51.82
C ALA F 240 34.61 2.89 51.59
N ILE F 241 34.21 3.21 50.38
CA ILE F 241 32.79 3.28 50.12
C ILE F 241 32.19 1.92 50.10
N MET F 242 32.84 1.01 49.41
CA MET F 242 32.34 -0.34 49.39
C MET F 242 32.16 -0.87 50.81
N ASP F 243 33.12 -0.58 51.70
CA ASP F 243 33.03 -1.08 53.08
C ASP F 243 31.89 -0.43 53.82
N VAL F 244 31.62 0.83 53.56
CA VAL F 244 30.48 1.43 54.20
C VAL F 244 29.19 0.76 53.73
N LEU F 245 29.09 0.47 52.45
CA LEU F 245 27.93 -0.28 51.96
C LEU F 245 27.83 -1.67 52.64
N TYR F 246 28.90 -2.41 52.65
CA TYR F 246 28.89 -3.69 53.32
C TYR F 246 28.42 -3.56 54.78
N ASN F 247 28.94 -2.58 55.49
CA ASN F 247 28.67 -2.48 56.89
C ASN F 247 27.31 -1.98 57.18
N GLU F 248 26.87 -1.04 56.36
CA GLU F 248 25.59 -0.43 56.61
C GLU F 248 24.55 -1.49 56.42
N THR F 249 24.67 -2.23 55.32
CA THR F 249 23.61 -3.12 54.85
C THR F 249 23.73 -4.49 55.39
N GLY F 250 24.97 -4.93 55.59
CA GLY F 250 25.24 -6.32 55.96
C GLY F 250 25.16 -7.27 54.79
N ASP F 251 24.81 -6.71 53.64
CA ASP F 251 24.75 -7.46 52.43
C ASP F 251 26.15 -7.66 51.80
N THR F 252 26.44 -8.93 51.58
CA THR F 252 27.70 -9.43 51.06
C THR F 252 27.85 -9.06 49.59
N LYS F 253 26.72 -8.76 48.96
CA LYS F 253 26.71 -8.19 47.63
C LYS F 253 27.79 -7.12 47.45
N TYR F 254 27.97 -6.29 48.49
CA TYR F 254 28.90 -5.15 48.45
C TYR F 254 30.36 -5.39 48.95
N ARG F 255 30.78 -6.64 49.04
CA ARG F 255 32.14 -6.89 49.45
C ARG F 255 33.21 -6.41 48.45
N ALA F 256 34.25 -5.83 49.01
CA ALA F 256 35.42 -5.39 48.26
C ALA F 256 36.22 -6.59 47.82
N SER F 257 36.62 -6.57 46.54
CA SER F 257 37.58 -7.57 46.05
C SER F 257 38.87 -7.43 46.84
N SER F 258 39.43 -8.55 47.22
CA SER F 258 40.79 -8.61 47.72
C SER F 258 41.79 -7.79 46.93
N LEU F 259 41.75 -7.89 45.62
CA LEU F 259 42.66 -7.09 44.78
C LEU F 259 42.58 -5.63 45.18
N LEU F 260 41.38 -5.10 45.26
CA LEU F 260 41.26 -3.71 45.54
C LEU F 260 41.92 -3.40 46.89
N ARG F 261 41.65 -4.21 47.89
CA ARG F 261 42.27 -3.97 49.19
C ARG F 261 43.79 -3.87 49.08
N LYS F 262 44.39 -4.76 48.30
CA LYS F 262 45.85 -4.78 48.13
C LYS F 262 46.41 -3.56 47.41
N TYR F 263 45.73 -3.10 46.37
CA TYR F 263 46.17 -1.87 45.73
C TYR F 263 46.19 -0.74 46.74
N VAL F 264 45.26 -0.76 47.68
CA VAL F 264 45.21 0.34 48.62
C VAL F 264 46.36 0.24 49.58
N ARG F 265 46.43 -0.91 50.24
CA ARG F 265 47.53 -1.24 51.11
C ARG F 265 48.89 -1.02 50.48
N ALA F 266 48.98 -1.16 49.15
CA ALA F 266 50.29 -1.02 48.49
C ALA F 266 50.58 0.45 48.27
N GLY F 267 49.75 1.32 48.82
CA GLY F 267 49.79 2.71 48.49
C GLY F 267 49.61 3.04 47.02
N TRP F 268 48.97 2.18 46.23
CA TRP F 268 48.71 2.49 44.82
C TRP F 268 47.32 2.99 44.64
N LEU F 269 47.09 4.26 44.98
CA LEU F 269 45.76 4.82 45.07
C LEU F 269 45.22 5.41 43.83
N GLY F 270 45.99 5.35 42.77
CA GLY F 270 45.59 6.00 41.52
C GLY F 270 46.41 7.23 41.20
N ARG F 271 45.76 8.23 40.64
CA ARG F 271 46.50 9.37 40.12
C ARG F 271 47.27 10.00 41.24
N LYS F 272 46.56 10.45 42.26
CA LYS F 272 47.18 11.17 43.34
C LYS F 272 48.51 10.57 43.77
N THR F 273 48.64 9.25 43.89
CA THR F 273 49.96 8.71 44.20
C THR F 273 50.83 8.37 42.99
N GLY F 274 50.35 8.66 41.78
CA GLY F 274 51.08 8.32 40.55
C GLY F 274 50.99 6.87 40.09
N LYS F 275 50.17 6.08 40.80
CA LYS F 275 49.97 4.67 40.50
C LYS F 275 48.67 4.21 41.11
N GLY F 276 47.88 3.51 40.30
CA GLY F 276 46.76 2.69 40.77
C GLY F 276 46.73 1.55 39.79
N PHE F 277 45.62 1.40 39.06
CA PHE F 277 45.55 0.37 38.02
C PHE F 277 46.42 0.67 36.81
N TYR F 278 46.89 1.91 36.71
CA TYR F 278 47.90 2.24 35.72
C TYR F 278 49.15 2.88 36.35
N ASP F 279 49.98 3.51 35.53
CA ASP F 279 51.02 4.46 35.99
C ASP F 279 50.63 5.88 35.58
N TYR F 280 50.26 6.71 36.55
CA TYR F 280 49.67 8.04 36.33
C TYR F 280 48.28 7.89 35.66
N MET G 1 14.74 68.22 11.69
CA MET G 1 13.98 67.57 12.78
C MET G 1 14.90 66.54 13.46
N LYS G 2 15.96 67.05 14.08
CA LYS G 2 17.09 66.25 14.57
C LYS G 2 17.21 66.24 16.11
N LYS G 3 16.35 66.98 16.82
CA LYS G 3 16.46 67.01 18.28
C LYS G 3 15.15 66.69 19.02
N VAL G 4 15.23 65.70 19.90
CA VAL G 4 14.04 65.17 20.52
C VAL G 4 14.19 65.12 22.03
N PHE G 5 13.17 65.67 22.68
CA PHE G 5 13.05 65.72 24.14
C PHE G 5 12.00 64.67 24.46
N VAL G 6 12.45 63.58 25.07
CA VAL G 6 11.58 62.50 25.39
C VAL G 6 11.37 62.72 26.85
N LEU G 7 10.13 62.58 27.30
CA LEU G 7 9.78 62.86 28.67
C LEU G 7 9.36 61.55 29.39
N GLY G 8 10.08 61.20 30.45
CA GLY G 8 9.83 59.95 31.18
C GLY G 8 10.86 58.88 30.83
N ALA G 9 11.50 58.31 31.85
CA ALA G 9 12.61 57.38 31.64
C ALA G 9 12.25 55.93 31.96
N GLY G 10 10.95 55.63 32.04
CA GLY G 10 10.46 54.26 32.25
C GLY G 10 10.62 53.41 31.00
N THR G 11 10.04 52.22 30.99
CA THR G 11 10.17 51.34 29.83
C THR G 11 9.91 52.08 28.49
N MET G 12 8.69 52.56 28.24
CA MET G 12 8.37 53.16 26.94
C MET G 12 9.26 54.35 26.64
N GLY G 13 9.50 55.17 27.65
CA GLY G 13 10.31 56.37 27.50
C GLY G 13 11.66 56.03 26.95
N ALA G 14 12.37 55.20 27.72
CA ALA G 14 13.65 54.65 27.34
C ALA G 14 13.60 53.97 26.00
N GLY G 15 12.51 53.25 25.76
CA GLY G 15 12.33 52.56 24.48
C GLY G 15 12.43 53.53 23.34
N ILE G 16 11.75 54.66 23.49
CA ILE G 16 11.51 55.61 22.41
C ILE G 16 12.77 56.38 22.17
N VAL G 17 13.49 56.65 23.25
CA VAL G 17 14.76 57.37 23.18
C VAL G 17 15.75 56.59 22.30
N GLN G 18 15.82 55.30 22.52
CA GLN G 18 16.61 54.45 21.67
C GLN G 18 16.18 54.55 20.19
N ALA G 19 14.86 54.51 19.96
CA ALA G 19 14.26 54.53 18.62
C ALA G 19 14.68 55.72 17.76
N PHE G 20 14.71 56.91 18.36
CA PHE G 20 15.19 58.11 17.70
C PHE G 20 16.71 58.18 17.67
N ALA G 21 17.33 57.75 18.76
CA ALA G 21 18.77 57.84 18.92
C ALA G 21 19.54 56.93 17.95
N ALA G 22 19.05 55.71 17.76
CA ALA G 22 19.75 54.76 16.88
C ALA G 22 19.63 55.13 15.42
N LYS G 23 18.83 56.14 15.11
CA LYS G 23 18.61 56.53 13.74
C LYS G 23 19.22 57.91 13.58
N GLY G 24 20.14 58.23 14.48
CA GLY G 24 20.92 59.45 14.38
C GLY G 24 20.35 60.70 15.03
N CYS G 25 19.10 60.69 15.48
CA CYS G 25 18.58 61.88 16.17
C CYS G 25 19.29 62.09 17.50
N GLU G 26 19.38 63.36 17.88
CA GLU G 26 19.93 63.76 19.17
C GLU G 26 18.80 63.77 20.21
N VAL G 27 19.01 63.10 21.34
CA VAL G 27 17.90 62.89 22.27
C VAL G 27 18.23 63.30 23.69
N ILE G 28 17.42 64.22 24.20
CA ILE G 28 17.39 64.49 25.65
C ILE G 28 16.25 63.67 26.27
N VAL G 29 16.55 62.99 27.37
CA VAL G 29 15.51 62.26 28.15
C VAL G 29 15.42 62.91 29.54
N ARG G 30 14.20 63.32 29.94
CA ARG G 30 13.98 64.00 31.21
C ARG G 30 12.95 63.25 32.05
N ASP G 31 13.23 63.12 33.34
CA ASP G 31 12.31 62.53 34.32
C ASP G 31 12.56 63.30 35.63
N ILE G 32 11.86 62.95 36.72
CA ILE G 32 11.76 63.93 37.83
C ILE G 32 13.06 64.07 38.61
N LYS G 33 13.64 62.94 39.01
CA LYS G 33 14.90 62.99 39.75
C LYS G 33 15.97 62.12 39.07
N GLU G 34 17.23 62.56 39.18
CA GLU G 34 18.39 61.96 38.48
C GLU G 34 18.34 60.45 38.59
N GLU G 35 18.05 60.02 39.81
CA GLU G 35 17.83 58.62 40.16
C GLU G 35 16.98 57.82 39.15
N PHE G 36 15.90 58.42 38.62
CA PHE G 36 15.05 57.81 37.58
C PHE G 36 15.65 57.80 36.15
N VAL G 37 16.09 58.98 35.70
CA VAL G 37 16.91 59.13 34.50
C VAL G 37 17.96 58.01 34.40
N ASP G 38 18.85 57.93 35.37
CA ASP G 38 19.88 56.87 35.41
C ASP G 38 19.34 55.49 35.16
N ARG G 39 18.17 55.17 35.74
CA ARG G 39 17.55 53.87 35.52
C ARG G 39 17.19 53.75 34.06
N GLY G 40 16.68 54.83 33.49
CA GLY G 40 16.27 54.85 32.09
C GLY G 40 17.46 54.67 31.16
N ILE G 41 18.47 55.51 31.38
CA ILE G 41 19.74 55.38 30.71
C ILE G 41 20.24 53.93 30.81
N ALA G 42 20.25 53.35 32.01
CA ALA G 42 20.68 51.95 32.21
C ALA G 42 19.92 50.99 31.32
N THR G 43 18.61 51.21 31.22
CA THR G 43 17.73 50.32 30.44
C THR G 43 18.14 50.31 29.01
N ILE G 44 18.44 51.52 28.52
CA ILE G 44 18.86 51.70 27.15
C ILE G 44 20.20 51.01 26.92
N THR G 45 21.08 51.09 27.91
CA THR G 45 22.38 50.47 27.84
C THR G 45 22.30 48.95 27.73
N LYS G 46 21.47 48.29 28.56
CA LYS G 46 21.25 46.81 28.47
C LYS G 46 20.70 46.43 27.12
N SER G 47 19.77 47.23 26.63
CA SER G 47 19.11 46.93 25.37
C SER G 47 20.16 46.84 24.24
N LEU G 48 21.12 47.75 24.32
CA LEU G 48 22.20 47.82 23.34
C LEU G 48 23.24 46.77 23.60
N SER G 49 23.47 46.43 24.86
CA SER G 49 24.30 45.29 25.15
C SER G 49 23.71 44.07 24.46
N LYS G 50 22.42 43.81 24.69
CA LYS G 50 21.73 42.65 24.13
C LYS G 50 21.87 42.60 22.62
N LEU G 51 21.56 43.72 21.97
CA LEU G 51 21.72 43.82 20.52
C LEU G 51 23.16 43.51 20.07
N VAL G 52 24.13 43.92 20.88
CA VAL G 52 25.55 43.68 20.58
C VAL G 52 25.89 42.21 20.79
N ALA G 53 25.49 41.66 21.95
CA ALA G 53 25.64 40.23 22.28
C ALA G 53 25.09 39.31 21.17
N LYS G 54 23.97 39.69 20.56
CA LYS G 54 23.41 38.93 19.45
C LYS G 54 23.77 39.59 18.09
N GLU G 55 24.89 40.31 18.08
CA GLU G 55 25.59 40.74 16.86
C GLU G 55 24.83 41.54 15.80
N LYS G 56 23.74 42.19 16.19
CA LYS G 56 22.98 43.02 15.25
C LYS G 56 23.64 44.37 15.05
N ILE G 57 24.53 44.75 15.96
CA ILE G 57 25.34 45.97 15.84
C ILE G 57 26.69 45.81 16.55
N THR G 58 27.65 46.67 16.17
CA THR G 58 28.96 46.72 16.82
C THR G 58 28.89 47.39 18.19
N GLU G 59 29.98 47.23 18.93
CA GLU G 59 30.15 47.86 20.22
C GLU G 59 30.31 49.38 20.06
N ALA G 60 30.75 49.81 18.88
CA ALA G 60 30.96 51.22 18.58
C ALA G 60 29.63 51.89 18.28
N ASP G 61 28.78 51.22 17.50
CA ASP G 61 27.37 51.63 17.33
C ASP G 61 26.73 51.90 18.70
N LYS G 62 26.93 50.98 19.65
CA LYS G 62 26.43 51.14 21.01
C LYS G 62 26.85 52.45 21.71
N GLU G 63 28.13 52.78 21.60
CA GLU G 63 28.65 54.02 22.21
C GLU G 63 28.40 55.24 21.31
N GLU G 64 28.40 55.03 20.00
CA GLU G 64 27.94 56.04 19.07
C GLU G 64 26.51 56.47 19.43
N ILE G 65 25.63 55.51 19.72
CA ILE G 65 24.21 55.82 20.00
C ILE G 65 24.06 56.47 21.37
N LEU G 66 24.79 55.93 22.35
CA LEU G 66 24.81 56.51 23.69
C LEU G 66 25.29 57.97 23.66
N SER G 67 26.28 58.23 22.81
CA SER G 67 26.73 59.59 22.56
C SER G 67 25.64 60.61 22.08
N ARG G 68 24.54 60.17 21.48
CA ARG G 68 23.48 61.13 21.06
C ARG G 68 22.40 61.30 22.12
N ILE G 69 22.52 60.50 23.19
CA ILE G 69 21.61 60.58 24.32
C ILE G 69 22.26 61.29 25.48
N SER G 70 21.56 62.26 26.06
CA SER G 70 21.91 62.76 27.39
C SER G 70 20.68 62.85 28.32
N GLY G 71 20.92 62.74 29.63
CA GLY G 71 19.86 62.79 30.62
C GLY G 71 19.86 64.06 31.45
N THR G 72 18.67 64.60 31.70
CA THR G 72 18.50 65.82 32.51
C THR G 72 17.29 65.64 33.40
N THR G 73 17.16 66.45 34.45
CA THR G 73 15.87 66.56 35.14
C THR G 73 15.21 67.93 34.88
N ASP G 74 15.93 68.83 34.22
CA ASP G 74 15.50 70.17 33.92
C ASP G 74 14.71 70.21 32.60
N MET G 75 13.41 70.45 32.73
CA MET G 75 12.49 70.70 31.62
C MET G 75 12.94 71.75 30.64
N LYS G 76 13.63 72.76 31.15
CA LYS G 76 14.07 73.92 30.37
C LYS G 76 14.81 73.50 29.08
N LEU G 77 15.53 72.38 29.16
CA LEU G 77 16.36 71.87 28.05
C LEU G 77 15.57 71.49 26.82
N ALA G 78 14.25 71.42 26.95
CA ALA G 78 13.41 71.10 25.80
C ALA G 78 13.26 72.31 24.87
N ALA G 79 13.85 73.45 25.24
CA ALA G 79 13.51 74.71 24.59
C ALA G 79 13.91 74.70 23.14
N ASP G 80 15.03 74.07 22.84
CA ASP G 80 15.63 74.15 21.52
C ASP G 80 15.27 72.95 20.65
N CYS G 81 14.65 71.95 21.26
CA CYS G 81 14.22 70.76 20.53
C CYS G 81 13.10 71.01 19.49
N ASP G 82 13.02 70.12 18.50
CA ASP G 82 12.07 70.22 17.40
C ASP G 82 10.85 69.34 17.67
N LEU G 83 11.04 68.28 18.43
CA LEU G 83 9.90 67.49 18.85
C LEU G 83 9.98 67.08 20.33
N VAL G 84 8.80 67.02 20.93
CA VAL G 84 8.63 66.48 22.26
C VAL G 84 7.74 65.24 22.13
N VAL G 85 8.11 64.21 22.90
CA VAL G 85 7.29 63.03 23.04
C VAL G 85 7.12 62.76 24.55
N GLU G 86 5.89 62.87 25.02
CA GLU G 86 5.60 62.61 26.43
C GLU G 86 5.27 61.13 26.63
N ALA G 87 6.05 60.47 27.47
CA ALA G 87 5.82 59.05 27.78
C ALA G 87 5.77 58.88 29.28
N ALA G 88 4.80 59.54 29.91
CA ALA G 88 4.73 59.61 31.36
C ALA G 88 3.31 59.33 31.94
N ILE G 89 3.15 59.57 33.23
CA ILE G 89 1.87 59.33 33.91
C ILE G 89 0.67 59.50 32.97
N GLU G 90 -0.19 58.47 32.90
CA GLU G 90 -1.45 58.49 32.10
C GLU G 90 -2.58 59.13 32.90
N ASN G 91 -2.37 60.38 33.28
CA ASN G 91 -3.35 61.15 34.01
C ASN G 91 -3.52 62.51 33.30
N MET G 92 -4.78 62.87 33.01
CA MET G 92 -5.05 64.07 32.24
C MET G 92 -4.68 65.36 32.94
N LYS G 93 -5.08 65.49 34.19
CA LYS G 93 -4.77 66.70 34.93
C LYS G 93 -3.27 67.00 34.81
N ILE G 94 -2.46 65.97 35.00
CA ILE G 94 -0.99 66.12 34.92
C ILE G 94 -0.49 66.29 33.46
N LYS G 95 -1.08 65.60 32.50
CA LYS G 95 -0.73 65.85 31.13
C LYS G 95 -1.01 67.29 30.69
N LYS G 96 -2.20 67.80 31.00
CA LYS G 96 -2.49 69.16 30.63
C LYS G 96 -1.40 70.07 31.16
N GLU G 97 -0.85 69.75 32.31
CA GLU G 97 0.16 70.64 32.92
C GLU G 97 1.49 70.55 32.22
N ILE G 98 1.96 69.31 32.07
CA ILE G 98 3.16 69.02 31.30
C ILE G 98 3.11 69.72 29.93
N PHE G 99 1.94 69.74 29.31
CA PHE G 99 1.85 70.32 27.97
C PHE G 99 1.82 71.81 28.04
N ALA G 100 1.08 72.36 28.98
CA ALA G 100 1.06 73.81 29.13
C ALA G 100 2.45 74.33 29.47
N GLU G 101 3.15 73.62 30.34
CA GLU G 101 4.55 73.96 30.67
C GLU G 101 5.48 73.95 29.43
N LEU G 102 5.45 72.84 28.66
CA LEU G 102 6.21 72.75 27.39
C LEU G 102 5.84 73.84 26.40
N ASP G 103 4.53 74.17 26.34
CA ASP G 103 4.05 75.29 25.54
C ASP G 103 4.82 76.58 25.89
N GLY G 104 5.07 76.74 27.20
CA GLY G 104 5.71 77.92 27.80
C GLY G 104 7.17 77.97 27.44
N ILE G 105 7.81 76.81 27.42
CA ILE G 105 9.25 76.70 27.26
C ILE G 105 9.69 76.68 25.81
N CYS G 106 9.10 75.80 25.02
CA CYS G 106 9.69 75.47 23.74
C CYS G 106 9.44 76.62 22.79
N LYS G 107 10.31 76.70 21.78
CA LYS G 107 10.15 77.69 20.73
C LYS G 107 8.85 77.39 19.95
N PRO G 108 8.29 78.39 19.26
CA PRO G 108 7.01 78.16 18.59
C PRO G 108 7.02 77.02 17.63
N GLU G 109 8.17 76.68 17.04
CA GLU G 109 8.16 75.66 15.97
C GLU G 109 7.85 74.25 16.53
N THR G 110 8.24 74.02 17.78
CA THR G 110 8.28 72.71 18.41
C THR G 110 6.94 71.98 18.39
N ILE G 111 6.98 70.74 17.90
CA ILE G 111 5.83 69.85 17.96
C ILE G 111 5.75 69.09 19.31
N LEU G 112 4.54 69.05 19.86
CA LEU G 112 4.35 68.56 21.20
C LEU G 112 3.58 67.28 21.10
N ALA G 113 4.26 66.16 21.29
CA ALA G 113 3.59 64.90 21.01
C ALA G 113 3.41 64.05 22.24
N SER G 114 2.36 63.22 22.25
CA SER G 114 2.08 62.34 23.41
C SER G 114 2.00 60.86 23.03
N ASN G 115 2.62 60.02 23.85
CA ASN G 115 2.65 58.59 23.62
C ASN G 115 1.55 57.84 24.35
N THR G 116 0.42 58.49 24.56
CA THR G 116 -0.68 57.89 25.27
C THR G 116 -1.30 56.75 24.48
N SER G 117 -1.87 55.79 25.20
CA SER G 117 -2.75 54.75 24.64
C SER G 117 -4.29 55.14 24.67
N SER G 118 -4.70 55.87 25.70
CA SER G 118 -6.11 56.06 25.98
C SER G 118 -6.59 57.53 25.87
N LEU G 119 -5.81 58.45 26.43
CA LEU G 119 -6.26 59.80 26.68
C LEU G 119 -6.35 60.73 25.45
N SER G 120 -7.21 61.74 25.61
CA SER G 120 -7.56 62.64 24.51
C SER G 120 -6.45 63.64 24.18
N ILE G 121 -5.91 63.48 22.99
CA ILE G 121 -4.98 64.45 22.40
C ILE G 121 -5.63 65.83 22.34
N THR G 122 -6.89 65.89 21.90
CA THR G 122 -7.65 67.15 21.90
C THR G 122 -7.62 67.85 23.24
N GLU G 123 -8.17 67.21 24.25
CA GLU G 123 -8.26 67.79 25.59
C GLU G 123 -6.91 68.31 26.06
N VAL G 124 -5.87 67.53 25.85
CA VAL G 124 -4.53 67.96 26.22
C VAL G 124 -4.12 69.24 25.48
N ALA G 125 -4.40 69.29 24.18
CA ALA G 125 -4.03 70.46 23.37
C ALA G 125 -4.74 71.76 23.80
N SER G 126 -5.99 71.63 24.24
CA SER G 126 -6.75 72.75 24.81
C SER G 126 -6.08 73.39 26.00
N ALA G 127 -5.13 72.73 26.64
CA ALA G 127 -4.34 73.39 27.68
C ALA G 127 -3.17 74.23 27.13
N THR G 128 -2.90 74.20 25.84
CA THR G 128 -1.80 74.96 25.29
C THR G 128 -2.31 76.11 24.44
N LYS G 129 -1.42 77.01 24.08
CA LYS G 129 -1.72 78.07 23.12
C LYS G 129 -1.18 77.70 21.73
N ARG G 130 -1.24 76.41 21.43
CA ARG G 130 -0.47 75.81 20.38
C ARG G 130 -1.17 74.53 19.92
N ALA G 131 -2.51 74.49 20.00
CA ALA G 131 -3.23 73.23 19.77
C ALA G 131 -2.86 72.59 18.42
N ASP G 132 -2.59 73.46 17.43
CA ASP G 132 -2.23 73.07 16.06
C ASP G 132 -0.98 72.21 15.95
N LYS G 133 -0.05 72.42 16.89
CA LYS G 133 1.22 71.67 16.96
C LYS G 133 1.24 70.57 18.02
N VAL G 134 0.07 70.23 18.53
CA VAL G 134 -0.10 69.13 19.47
C VAL G 134 -0.71 67.98 18.70
N ILE G 135 -0.19 66.79 18.92
CA ILE G 135 -0.55 65.62 18.12
C ILE G 135 -0.22 64.36 18.97
N GLY G 136 -0.83 63.22 18.63
CA GLY G 136 -0.52 61.95 19.28
C GLY G 136 0.51 61.19 18.45
N MET G 137 1.52 60.66 19.13
CA MET G 137 2.54 59.87 18.47
C MET G 137 2.77 58.64 19.32
N HIS G 138 2.13 57.55 18.94
CA HIS G 138 1.98 56.41 19.83
C HIS G 138 2.73 55.19 19.27
N PHE G 139 3.86 54.84 19.92
CA PHE G 139 4.72 53.69 19.60
C PHE G 139 4.27 52.50 20.39
N PHE G 140 4.71 51.33 19.99
CA PHE G 140 4.35 50.09 20.69
C PHE G 140 5.57 49.43 21.29
N ASN G 141 5.42 48.87 22.49
CA ASN G 141 6.50 48.17 23.14
C ASN G 141 6.83 46.94 22.33
N PRO G 142 8.13 46.61 22.18
CA PRO G 142 9.30 47.42 22.47
C PRO G 142 9.55 48.36 21.28
N ALA G 143 9.68 49.64 21.56
CA ALA G 143 9.59 50.65 20.52
C ALA G 143 10.80 50.66 19.54
N PRO G 144 11.92 50.05 19.92
CA PRO G 144 12.97 49.84 18.91
C PRO G 144 12.59 48.81 17.83
N VAL G 145 11.65 47.92 18.15
CA VAL G 145 11.30 46.82 17.27
C VAL G 145 10.02 47.08 16.50
N MET G 146 9.01 47.55 17.20
CA MET G 146 7.70 47.70 16.61
C MET G 146 7.71 48.89 15.65
N LYS G 147 7.43 48.61 14.39
CA LYS G 147 7.55 49.56 13.31
C LYS G 147 6.41 50.56 13.19
N LEU G 148 5.30 50.25 13.84
CA LEU G 148 4.12 51.10 13.72
C LEU G 148 4.25 52.26 14.70
N VAL G 149 3.84 53.44 14.23
CA VAL G 149 3.51 54.57 15.09
C VAL G 149 2.13 55.12 14.69
N GLU G 150 1.20 55.14 15.65
CA GLU G 150 -0.11 55.72 15.40
C GLU G 150 0.05 57.20 15.56
N VAL G 151 -0.36 57.95 14.55
CA VAL G 151 -0.30 59.39 14.61
C VAL G 151 -1.72 59.93 14.71
N ILE G 152 -2.05 60.39 15.92
CA ILE G 152 -3.44 60.68 16.28
C ILE G 152 -3.69 62.19 16.16
N ARG G 153 -4.71 62.54 15.40
CA ARG G 153 -4.96 63.93 15.10
C ARG G 153 -6.07 64.47 15.96
N GLY G 154 -5.76 65.41 16.84
CA GLY G 154 -6.81 66.04 17.64
C GLY G 154 -7.68 66.95 16.80
N ALA G 155 -8.79 67.42 17.33
CA ALA G 155 -9.70 68.26 16.53
C ALA G 155 -8.90 69.31 15.75
N ALA G 156 -7.90 69.89 16.41
CA ALA G 156 -7.22 71.09 15.96
C ALA G 156 -5.86 70.84 15.32
N THR G 157 -5.36 69.62 15.30
CA THR G 157 -4.01 69.37 14.76
C THR G 157 -3.83 69.86 13.30
N SER G 158 -2.73 70.52 13.01
CA SER G 158 -2.53 71.02 11.65
C SER G 158 -2.12 69.92 10.66
N GLN G 159 -2.49 70.11 9.40
CA GLN G 159 -1.94 69.28 8.37
C GLN G 159 -0.42 69.42 8.42
N GLU G 160 0.06 70.66 8.54
CA GLU G 160 1.49 70.88 8.65
C GLU G 160 2.07 70.01 9.73
N THR G 161 1.52 70.06 10.95
CA THR G 161 2.03 69.28 12.09
C THR G 161 1.98 67.77 11.77
N PHE G 162 0.83 67.30 11.29
CA PHE G 162 0.71 65.90 10.95
C PHE G 162 1.80 65.50 9.97
N ASP G 163 2.02 66.33 8.96
CA ASP G 163 3.00 65.97 7.93
C ASP G 163 4.38 65.85 8.53
N ALA G 164 4.74 66.81 9.35
CA ALA G 164 6.04 66.74 9.99
C ALA G 164 6.23 65.41 10.71
N VAL G 165 5.22 64.99 11.50
CA VAL G 165 5.38 63.77 12.30
C VAL G 165 5.34 62.53 11.39
N LYS G 166 4.58 62.62 10.29
CA LYS G 166 4.63 61.58 9.26
C LYS G 166 6.08 61.31 8.89
N GLU G 167 6.80 62.37 8.51
CA GLU G 167 8.15 62.30 7.94
C GLU G 167 9.13 61.85 9.01
N MET G 168 9.01 62.48 10.16
CA MET G 168 9.78 62.16 11.32
C MET G 168 9.80 60.63 11.56
N SER G 169 8.62 60.01 11.51
CA SER G 169 8.50 58.60 11.79
C SER G 169 9.16 57.83 10.67
N GLU G 170 8.93 58.29 9.44
CA GLU G 170 9.46 57.60 8.25
C GLU G 170 10.99 57.60 8.41
N SER G 171 11.54 58.71 8.88
CA SER G 171 12.99 58.85 8.97
C SER G 171 13.62 58.05 10.09
N ILE G 172 12.86 57.51 11.02
CA ILE G 172 13.45 56.61 12.04
C ILE G 172 13.01 55.17 11.78
N GLY G 173 12.57 54.90 10.55
CA GLY G 173 12.39 53.54 10.08
C GLY G 173 11.14 52.94 10.66
N LYS G 174 10.05 53.69 10.53
CA LYS G 174 8.79 53.29 11.15
C LYS G 174 7.73 53.65 10.16
N THR G 175 6.61 52.94 10.24
CA THR G 175 5.48 53.27 9.41
C THR G 175 4.44 54.04 10.22
N PRO G 176 4.23 55.30 9.85
CA PRO G 176 3.15 56.06 10.47
C PRO G 176 1.82 55.70 9.85
N VAL G 177 0.76 55.69 10.66
CA VAL G 177 -0.61 55.65 10.15
C VAL G 177 -1.42 56.79 10.75
N GLU G 178 -2.23 57.44 9.93
CA GLU G 178 -3.05 58.56 10.36
C GLU G 178 -4.33 58.12 11.11
N VAL G 179 -4.54 58.62 12.33
CA VAL G 179 -5.77 58.34 13.05
C VAL G 179 -6.47 59.62 13.42
N ALA G 180 -7.71 59.80 13.05
CA ALA G 180 -8.52 60.87 13.65
C ALA G 180 -8.89 60.41 15.08
N GLU G 181 -8.45 61.15 16.10
CA GLU G 181 -8.66 60.79 17.52
C GLU G 181 -10.03 60.20 17.73
N ALA G 182 -10.06 59.04 18.37
CA ALA G 182 -11.26 58.49 18.93
C ALA G 182 -10.83 57.33 19.84
N PRO G 183 -11.76 56.77 20.60
CA PRO G 183 -11.32 55.97 21.75
C PRO G 183 -10.55 54.71 21.36
N GLY G 184 -9.36 54.57 21.89
CA GLY G 184 -8.51 53.42 21.64
C GLY G 184 -7.73 53.47 20.33
N PHE G 185 -7.99 54.51 19.52
CA PHE G 185 -7.39 54.62 18.18
C PHE G 185 -7.73 53.42 17.31
N VAL G 186 -6.71 52.69 16.82
CA VAL G 186 -6.95 51.49 16.02
C VAL G 186 -6.50 50.26 16.80
N VAL G 187 -5.21 50.22 17.10
CA VAL G 187 -4.64 49.01 17.59
C VAL G 187 -5.29 48.54 18.88
N ASN G 188 -5.32 49.42 19.87
CA ASN G 188 -5.80 49.02 21.19
C ASN G 188 -7.31 48.75 21.15
N ARG G 189 -7.98 49.47 20.27
CA ARG G 189 -9.42 49.34 20.13
C ARG G 189 -9.77 47.95 19.59
N ILE G 190 -8.91 47.42 18.72
CA ILE G 190 -9.12 46.07 18.27
C ILE G 190 -8.50 45.07 19.24
N LEU G 191 -7.27 45.32 19.67
CA LEU G 191 -6.49 44.27 20.31
C LEU G 191 -6.93 43.99 21.75
N ILE G 192 -7.20 45.01 22.53
CA ILE G 192 -7.46 44.78 23.94
C ILE G 192 -8.83 44.14 24.21
N PRO G 193 -9.86 44.48 23.43
CA PRO G 193 -11.12 43.71 23.49
C PRO G 193 -11.00 42.23 23.16
N MET G 194 -10.01 41.91 22.35
CA MET G 194 -9.84 40.55 21.95
C MET G 194 -9.33 39.78 23.14
N ILE G 195 -8.38 40.38 23.85
CA ILE G 195 -7.86 39.81 25.07
C ILE G 195 -8.95 39.71 26.11
N ASN G 196 -9.76 40.75 26.16
CA ASN G 196 -10.86 40.74 27.08
C ASN G 196 -11.84 39.64 26.70
N GLU G 197 -12.07 39.45 25.39
CA GLU G 197 -12.92 38.33 24.99
C GLU G 197 -12.39 37.01 25.51
N ALA G 198 -11.09 36.77 25.41
CA ALA G 198 -10.46 35.59 26.00
C ALA G 198 -10.82 35.36 27.51
N THR G 199 -10.79 36.44 28.30
CA THR G 199 -11.08 36.36 29.74
C THR G 199 -12.54 35.94 29.99
N PHE G 200 -13.45 36.39 29.12
CA PHE G 200 -14.85 35.92 29.22
C PHE G 200 -14.98 34.42 28.89
N ILE G 201 -14.23 33.98 27.89
CA ILE G 201 -14.26 32.58 27.50
C ILE G 201 -13.77 31.69 28.65
N LEU G 202 -12.66 32.08 29.23
CA LEU G 202 -12.19 31.43 30.42
C LEU G 202 -13.24 31.46 31.53
N GLN G 203 -13.69 32.65 31.88
CA GLN G 203 -14.70 32.81 32.92
C GLN G 203 -15.92 31.94 32.71
N GLU G 204 -16.25 31.67 31.46
CA GLU G 204 -17.46 30.89 31.14
C GLU G 204 -17.21 29.37 30.99
N GLY G 205 -16.04 28.90 31.42
CA GLY G 205 -15.75 27.49 31.39
C GLY G 205 -15.78 26.88 30.01
N VAL G 206 -15.40 27.64 29.00
CA VAL G 206 -15.54 27.20 27.63
C VAL G 206 -14.29 26.44 27.18
N ALA G 207 -13.16 26.91 27.64
CA ALA G 207 -11.88 26.24 27.46
C ALA G 207 -10.95 26.72 28.58
N LYS G 208 -9.84 26.04 28.72
CA LYS G 208 -8.85 26.40 29.72
C LYS G 208 -7.74 27.27 29.05
N GLU G 209 -6.75 27.70 29.83
CA GLU G 209 -5.84 28.80 29.46
C GLU G 209 -5.00 28.49 28.20
N GLU G 210 -4.31 27.36 28.22
CA GLU G 210 -3.34 27.00 27.18
C GLU G 210 -4.07 26.64 25.91
N ASP G 211 -5.27 26.06 26.08
CA ASP G 211 -6.20 25.79 24.98
C ASP G 211 -6.52 27.08 24.24
N ILE G 212 -7.14 28.02 24.96
CA ILE G 212 -7.51 29.33 24.36
C ILE G 212 -6.32 29.94 23.60
N ASP G 213 -5.13 29.75 24.15
CA ASP G 213 -3.93 30.37 23.60
C ASP G 213 -3.45 29.65 22.36
N ALA G 214 -3.25 28.35 22.44
CA ALA G 214 -2.89 27.55 21.25
C ALA G 214 -3.87 27.80 20.10
N ALA G 215 -5.16 27.86 20.44
CA ALA G 215 -6.19 28.07 19.41
C ALA G 215 -6.00 29.37 18.62
N MET G 216 -5.75 30.48 19.28
CA MET G 216 -5.49 31.72 18.52
C MET G 216 -4.17 31.68 17.77
N LYS G 217 -3.18 31.01 18.36
CA LYS G 217 -1.84 30.90 17.78
C LYS G 217 -1.85 30.04 16.51
N LEU G 218 -2.50 28.88 16.59
CA LEU G 218 -2.46 27.89 15.52
C LEU G 218 -3.57 28.10 14.52
N GLY G 219 -4.67 28.71 14.98
CA GLY G 219 -5.90 28.89 14.19
C GLY G 219 -5.88 30.16 13.38
N ALA G 220 -5.26 31.20 13.93
CA ALA G 220 -5.26 32.54 13.33
C ALA G 220 -3.88 32.99 12.93
N ASN G 221 -2.87 32.22 13.36
CA ASN G 221 -1.48 32.54 13.11
C ASN G 221 -1.12 33.78 13.85
N HIS G 222 -1.54 33.83 15.11
CA HIS G 222 -1.17 34.96 15.92
C HIS G 222 0.15 34.61 16.57
N PRO G 223 1.09 35.58 16.66
CA PRO G 223 2.42 35.32 17.21
C PRO G 223 2.35 34.82 18.64
N MET G 224 1.27 35.18 19.33
CA MET G 224 1.12 34.83 20.73
C MET G 224 -0.35 34.72 21.04
N GLY G 225 -0.69 33.97 22.09
CA GLY G 225 -2.08 33.89 22.53
C GLY G 225 -2.52 35.17 23.23
N PRO G 226 -3.84 35.38 23.41
CA PRO G 226 -4.34 36.58 24.05
C PRO G 226 -4.03 36.64 25.53
N LEU G 227 -4.03 35.52 26.22
CA LEU G 227 -3.81 35.61 27.63
C LEU G 227 -2.33 35.89 27.88
N ALA G 228 -1.46 35.22 27.13
CA ALA G 228 -0.03 35.49 27.27
C ALA G 228 0.26 36.95 26.95
N LEU G 229 -0.29 37.40 25.84
CA LEU G 229 -0.12 38.76 25.42
C LEU G 229 -0.53 39.69 26.53
N GLY G 230 -1.70 39.44 27.13
CA GLY G 230 -2.15 40.23 28.29
C GLY G 230 -1.17 40.21 29.46
N ASP G 231 -0.71 39.00 29.85
CA ASP G 231 0.35 38.85 30.85
C ASP G 231 1.57 39.71 30.58
N LEU G 232 1.82 39.88 29.30
CA LEU G 232 2.92 40.67 28.80
C LEU G 232 2.54 42.14 28.85
N ILE G 233 1.44 42.53 28.23
CA ILE G 233 1.08 43.99 28.19
C ILE G 233 0.88 44.55 29.61
N GLY G 234 0.47 43.68 30.53
CA GLY G 234 0.02 44.15 31.86
C GLY G 234 -1.50 44.17 31.93
N LEU G 235 -2.03 43.23 32.69
CA LEU G 235 -3.45 43.11 32.87
C LEU G 235 -4.07 44.37 33.45
N ASP G 236 -3.35 45.08 34.30
CA ASP G 236 -3.81 46.38 34.76
C ASP G 236 -3.92 47.38 33.56
N VAL G 237 -2.93 47.40 32.66
CA VAL G 237 -3.07 48.15 31.40
C VAL G 237 -4.32 47.71 30.61
N CYS G 238 -4.53 46.41 30.62
CA CYS G 238 -5.60 45.88 29.81
C CYS G 238 -6.93 46.35 30.38
N LEU G 239 -7.15 46.08 31.66
CA LEU G 239 -8.33 46.52 32.35
C LEU G 239 -8.59 48.00 32.18
N ALA G 240 -7.52 48.74 32.35
CA ALA G 240 -7.54 50.19 32.26
C ALA G 240 -8.06 50.68 30.92
N ILE G 241 -7.45 50.18 29.85
CA ILE G 241 -7.85 50.50 28.50
C ILE G 241 -9.30 50.06 28.21
N MET G 242 -9.70 48.89 28.65
CA MET G 242 -11.11 48.52 28.52
C MET G 242 -11.99 49.59 29.16
N ASP G 243 -11.62 49.97 30.36
CA ASP G 243 -12.40 50.94 31.08
C ASP G 243 -12.50 52.28 30.38
N VAL G 244 -11.42 52.76 29.82
CA VAL G 244 -11.49 53.94 28.99
C VAL G 244 -12.47 53.74 27.83
N LEU G 245 -12.32 52.67 27.09
CA LEU G 245 -13.25 52.41 25.99
C LEU G 245 -14.70 52.47 26.46
N TYR G 246 -15.00 51.75 27.55
CA TYR G 246 -16.31 51.75 28.10
C TYR G 246 -16.80 53.16 28.57
N ASN G 247 -15.92 53.99 29.11
CA ASN G 247 -16.34 55.30 29.60
C ASN G 247 -16.56 56.35 28.53
N GLU G 248 -15.60 56.47 27.65
CA GLU G 248 -15.72 57.28 26.47
C GLU G 248 -16.97 56.93 25.68
N THR G 249 -17.15 55.67 25.33
CA THR G 249 -18.21 55.34 24.40
C THR G 249 -19.56 55.21 25.01
N GLY G 250 -19.58 54.88 26.29
CA GLY G 250 -20.79 54.46 26.97
C GLY G 250 -21.41 53.20 26.40
N ASP G 251 -20.59 52.33 25.82
CA ASP G 251 -21.09 51.18 25.12
C ASP G 251 -20.65 49.90 25.81
N THR G 252 -21.63 49.13 26.26
CA THR G 252 -21.38 47.95 27.06
C THR G 252 -20.56 46.87 26.33
N LYS G 253 -20.48 46.99 25.02
CA LYS G 253 -19.53 46.22 24.20
C LYS G 253 -18.16 46.12 24.82
N TYR G 254 -17.74 47.18 25.49
CA TYR G 254 -16.39 47.34 26.02
C TYR G 254 -16.31 47.03 27.52
N ARG G 255 -17.37 46.44 28.06
CA ARG G 255 -17.35 46.11 29.48
C ARG G 255 -16.27 45.04 29.76
N ALA G 256 -15.35 45.34 30.65
CA ALA G 256 -14.32 44.38 31.06
C ALA G 256 -14.93 43.25 31.90
N SER G 257 -14.45 42.04 31.73
CA SER G 257 -14.98 40.89 32.43
C SER G 257 -14.68 40.95 33.90
N SER G 258 -15.63 40.48 34.72
CA SER G 258 -15.39 40.33 36.14
C SER G 258 -14.02 39.73 36.40
N LEU G 259 -13.65 38.72 35.64
CA LEU G 259 -12.44 37.93 35.95
C LEU G 259 -11.17 38.75 35.83
N LEU G 260 -11.04 39.50 34.75
CA LEU G 260 -9.90 40.40 34.62
C LEU G 260 -9.84 41.37 35.78
N ARG G 261 -10.98 41.98 36.09
CA ARG G 261 -11.07 42.88 37.24
C ARG G 261 -10.53 42.21 38.51
N LYS G 262 -10.94 40.99 38.77
CA LYS G 262 -10.48 40.26 39.96
C LYS G 262 -8.97 39.95 39.99
N TYR G 263 -8.43 39.50 38.87
CA TYR G 263 -6.98 39.27 38.77
C TYR G 263 -6.22 40.52 39.08
N VAL G 264 -6.66 41.66 38.55
CA VAL G 264 -5.94 42.89 38.80
C VAL G 264 -5.96 43.23 40.27
N ARG G 265 -7.09 43.12 40.92
CA ARG G 265 -7.10 43.37 42.36
C ARG G 265 -6.23 42.35 43.13
N ALA G 266 -6.12 41.12 42.64
CA ALA G 266 -5.22 40.14 43.24
C ALA G 266 -3.74 40.48 43.11
N GLY G 267 -3.37 41.39 42.19
CA GLY G 267 -1.99 41.76 41.96
C GLY G 267 -1.34 40.80 40.96
N TRP G 268 -2.17 39.95 40.36
CA TRP G 268 -1.75 39.02 39.34
C TRP G 268 -1.76 39.78 38.03
N LEU G 269 -0.74 40.61 37.85
CA LEU G 269 -0.74 41.52 36.76
C LEU G 269 -0.03 40.99 35.53
N GLY G 270 0.52 39.78 35.65
CA GLY G 270 1.26 39.16 34.52
C GLY G 270 2.75 39.10 34.82
N ARG G 271 3.57 39.17 33.76
CA ARG G 271 5.05 39.03 33.89
C ARG G 271 5.66 40.03 34.89
N LYS G 272 5.33 41.31 34.76
CA LYS G 272 5.65 42.34 35.76
C LYS G 272 5.63 41.91 37.20
N THR G 273 4.77 40.96 37.58
CA THR G 273 4.67 40.51 38.98
C THR G 273 4.92 39.01 39.17
N GLY G 274 5.29 38.32 38.11
CA GLY G 274 5.53 36.89 38.18
C GLY G 274 4.29 36.01 38.06
N LYS G 275 3.14 36.63 37.90
CA LYS G 275 1.92 35.86 37.93
C LYS G 275 0.81 36.73 37.36
N GLY G 276 0.16 36.19 36.34
CA GLY G 276 -1.15 36.67 35.92
C GLY G 276 -1.95 35.43 35.57
N PHE G 277 -2.24 35.30 34.28
CA PHE G 277 -2.90 34.10 33.76
C PHE G 277 -1.95 32.90 33.76
N TYR G 278 -0.66 33.15 33.93
CA TYR G 278 0.32 32.08 34.07
C TYR G 278 1.18 32.43 35.26
N ASP G 279 2.05 31.49 35.65
CA ASP G 279 3.13 31.75 36.57
C ASP G 279 4.39 32.13 35.82
N TYR G 280 5.33 32.78 36.51
CA TYR G 280 6.58 33.18 35.86
C TYR G 280 7.73 33.22 36.88
N MET H 1 -7.67 2.96 11.71
CA MET H 1 -8.96 3.63 11.32
C MET H 1 -8.72 4.87 10.41
N LYS H 2 -8.80 4.64 9.09
CA LYS H 2 -8.38 5.60 8.04
C LYS H 2 -9.35 5.74 6.84
N LYS H 3 -10.66 5.72 7.08
CA LYS H 3 -11.64 5.88 5.99
C LYS H 3 -12.59 7.03 6.36
N VAL H 4 -12.47 8.16 5.63
CA VAL H 4 -13.12 9.43 6.01
C VAL H 4 -14.10 9.89 4.92
N PHE H 5 -15.30 10.30 5.34
CA PHE H 5 -16.35 10.81 4.44
C PHE H 5 -16.56 12.28 4.74
N VAL H 6 -16.40 13.10 3.70
CA VAL H 6 -16.64 14.54 3.79
C VAL H 6 -17.83 14.96 2.94
N LEU H 7 -18.70 15.80 3.47
CA LEU H 7 -19.75 16.44 2.66
C LEU H 7 -19.41 17.88 2.40
N GLY H 8 -19.65 18.32 1.18
CA GLY H 8 -19.33 19.66 0.79
C GLY H 8 -18.09 19.57 -0.04
N ALA H 9 -18.15 20.19 -1.21
CA ALA H 9 -16.98 20.53 -1.98
C ALA H 9 -16.69 22.05 -1.93
N GLY H 10 -17.29 22.79 -0.98
CA GLY H 10 -17.02 24.24 -0.78
C GLY H 10 -15.51 24.43 -0.72
N THR H 11 -15.00 25.66 -0.63
CA THR H 11 -13.58 25.81 -0.37
C THR H 11 -13.31 24.95 0.88
N MET H 12 -14.27 24.97 1.82
CA MET H 12 -14.07 24.34 3.12
C MET H 12 -14.05 22.81 3.08
N GLY H 13 -15.07 22.21 2.46
CA GLY H 13 -15.07 20.77 2.29
C GLY H 13 -13.80 20.29 1.58
N ALA H 14 -13.53 20.83 0.41
CA ALA H 14 -12.35 20.44 -0.40
C ALA H 14 -11.01 20.55 0.35
N GLY H 15 -10.90 21.54 1.22
CA GLY H 15 -9.63 21.78 1.91
C GLY H 15 -9.35 20.75 2.96
N ILE H 16 -10.40 20.35 3.66
CA ILE H 16 -10.37 19.31 4.68
C ILE H 16 -10.00 17.95 4.05
N VAL H 17 -10.58 17.67 2.88
CA VAL H 17 -10.29 16.46 2.12
C VAL H 17 -8.79 16.35 1.89
N GLN H 18 -8.23 17.44 1.40
CA GLN H 18 -6.82 17.51 1.19
C GLN H 18 -6.09 17.23 2.47
N ALA H 19 -6.50 17.91 3.53
CA ALA H 19 -5.78 17.79 4.78
C ALA H 19 -5.72 16.32 5.23
N PHE H 20 -6.83 15.58 5.03
CA PHE H 20 -6.92 14.14 5.36
C PHE H 20 -6.18 13.25 4.34
N ALA H 21 -6.51 13.46 3.07
CA ALA H 21 -5.91 12.69 2.02
C ALA H 21 -4.40 12.76 2.09
N ALA H 22 -3.89 13.91 2.55
CA ALA H 22 -2.46 14.21 2.53
C ALA H 22 -1.69 13.64 3.71
N LYS H 23 -2.39 13.01 4.63
CA LYS H 23 -1.76 12.15 5.63
C LYS H 23 -2.27 10.73 5.44
N GLY H 24 -2.78 10.48 4.24
CA GLY H 24 -3.01 9.13 3.79
C GLY H 24 -4.22 8.49 4.39
N CYS H 25 -5.38 9.10 4.17
CA CYS H 25 -6.62 8.48 4.53
C CYS H 25 -7.36 8.30 3.23
N GLU H 26 -8.14 7.25 3.15
CA GLU H 26 -9.09 7.10 2.08
C GLU H 26 -10.22 8.09 2.34
N VAL H 27 -10.43 9.02 1.42
CA VAL H 27 -11.47 10.04 1.62
C VAL H 27 -12.47 10.04 0.49
N ILE H 28 -13.72 9.79 0.80
CA ILE H 28 -14.75 9.91 -0.19
C ILE H 28 -15.38 11.26 0.03
N VAL H 29 -15.31 12.16 -0.95
CA VAL H 29 -16.04 13.46 -0.85
C VAL H 29 -17.39 13.36 -1.58
N ARG H 30 -18.43 13.93 -0.98
CA ARG H 30 -19.76 13.99 -1.59
C ARG H 30 -20.33 15.40 -1.64
N ASP H 31 -21.00 15.74 -2.74
CA ASP H 31 -21.86 16.92 -2.79
C ASP H 31 -23.18 16.53 -3.44
N ILE H 32 -24.13 17.45 -3.47
CA ILE H 32 -25.45 17.14 -4.04
C ILE H 32 -25.45 17.05 -5.57
N LYS H 33 -24.37 17.45 -6.24
CA LYS H 33 -24.35 17.50 -7.70
C LYS H 33 -23.03 17.10 -8.33
N GLU H 34 -23.05 16.03 -9.13
CA GLU H 34 -21.92 15.53 -9.94
C GLU H 34 -20.86 16.60 -10.34
N GLU H 35 -21.34 17.73 -10.89
CA GLU H 35 -20.49 18.86 -11.30
C GLU H 35 -19.83 19.59 -10.11
N PHE H 36 -20.62 19.92 -9.09
CA PHE H 36 -20.11 20.48 -7.81
C PHE H 36 -18.90 19.67 -7.38
N VAL H 37 -19.10 18.36 -7.24
CA VAL H 37 -18.07 17.45 -6.77
C VAL H 37 -16.79 17.64 -7.56
N ASP H 38 -16.91 17.62 -8.89
CA ASP H 38 -15.74 17.72 -9.77
C ASP H 38 -14.96 19.03 -9.55
N ARG H 39 -15.68 20.13 -9.31
CA ARG H 39 -15.04 21.41 -9.02
C ARG H 39 -14.22 21.31 -7.74
N GLY H 40 -14.80 20.67 -6.72
CA GLY H 40 -14.06 20.36 -5.48
C GLY H 40 -12.69 19.73 -5.71
N ILE H 41 -12.64 18.58 -6.39
CA ILE H 41 -11.35 17.96 -6.72
C ILE H 41 -10.50 18.88 -7.62
N ALA H 42 -11.18 19.72 -8.40
CA ALA H 42 -10.52 20.71 -9.26
C ALA H 42 -9.86 21.83 -8.46
N THR H 43 -10.45 22.19 -7.31
CA THR H 43 -9.77 23.07 -6.37
C THR H 43 -8.56 22.36 -5.72
N ILE H 44 -8.76 21.12 -5.29
CA ILE H 44 -7.72 20.37 -4.59
C ILE H 44 -6.56 20.09 -5.51
N THR H 45 -6.84 19.89 -6.79
CA THR H 45 -5.74 19.66 -7.74
C THR H 45 -4.88 20.92 -8.03
N LYS H 46 -5.53 22.08 -8.17
CA LYS H 46 -4.77 23.34 -8.39
C LYS H 46 -3.98 23.71 -7.17
N SER H 47 -4.59 23.55 -6.00
CA SER H 47 -3.91 23.86 -4.75
C SER H 47 -2.69 22.97 -4.57
N LEU H 48 -2.77 21.73 -5.08
CA LEU H 48 -1.66 20.75 -5.06
C LEU H 48 -0.55 21.03 -6.08
N SER H 49 -0.91 21.69 -7.17
CA SER H 49 0.04 22.03 -8.22
C SER H 49 0.96 23.15 -7.78
N LYS H 50 0.35 24.18 -7.20
CA LYS H 50 1.09 25.29 -6.62
C LYS H 50 2.20 24.78 -5.73
N LEU H 51 1.95 23.67 -5.01
CA LEU H 51 2.93 23.10 -4.09
C LEU H 51 4.15 22.47 -4.79
N VAL H 52 3.88 21.82 -5.92
CA VAL H 52 4.94 21.19 -6.69
C VAL H 52 5.76 22.27 -7.40
N ALA H 53 5.07 23.30 -7.92
CA ALA H 53 5.73 24.52 -8.43
C ALA H 53 6.70 25.11 -7.39
N LYS H 54 6.21 25.39 -6.19
CA LYS H 54 7.03 25.96 -5.13
C LYS H 54 8.03 24.93 -4.56
N GLU H 55 8.11 23.74 -5.17
CA GLU H 55 9.04 22.69 -4.79
C GLU H 55 8.76 22.09 -3.40
N LYS H 56 7.53 22.25 -2.91
CA LYS H 56 7.15 21.76 -1.58
C LYS H 56 6.98 20.25 -1.60
N ILE H 57 6.30 19.76 -2.65
CA ILE H 57 5.98 18.34 -2.80
C ILE H 57 6.31 17.83 -4.20
N THR H 58 6.65 16.55 -4.24
CA THR H 58 6.95 15.88 -5.50
C THR H 58 5.63 15.78 -6.29
N GLU H 59 5.73 15.63 -7.60
CA GLU H 59 4.55 15.43 -8.46
C GLU H 59 3.96 14.02 -8.25
N ALA H 60 4.80 13.08 -7.82
CA ALA H 60 4.37 11.77 -7.35
C ALA H 60 3.47 11.97 -6.12
N ASP H 61 4.01 12.72 -5.14
CA ASP H 61 3.27 13.14 -3.96
C ASP H 61 1.91 13.69 -4.34
N LYS H 62 1.86 14.71 -5.19
CA LYS H 62 0.54 15.25 -5.57
C LYS H 62 -0.46 14.14 -6.01
N GLU H 63 0.01 13.18 -6.81
CA GLU H 63 -0.92 12.27 -7.44
C GLU H 63 -1.35 11.20 -6.48
N GLU H 64 -0.45 10.82 -5.58
CA GLU H 64 -0.84 10.03 -4.39
C GLU H 64 -2.07 10.61 -3.69
N ILE H 65 -1.94 11.87 -3.26
CA ILE H 65 -2.99 12.57 -2.54
C ILE H 65 -4.30 12.45 -3.32
N LEU H 66 -4.27 12.64 -4.64
CA LEU H 66 -5.50 12.59 -5.43
C LEU H 66 -5.99 11.17 -5.55
N SER H 67 -5.04 10.22 -5.57
CA SER H 67 -5.35 8.80 -5.56
C SER H 67 -6.09 8.36 -4.32
N ARG H 68 -5.92 9.12 -3.23
CA ARG H 68 -6.46 8.73 -1.96
C ARG H 68 -7.92 9.24 -1.84
N ILE H 69 -8.51 9.72 -2.95
CA ILE H 69 -9.71 10.59 -2.93
C ILE H 69 -10.80 10.29 -3.98
N SER H 70 -11.87 9.57 -3.62
CA SER H 70 -13.02 9.45 -4.52
C SER H 70 -14.12 10.49 -4.29
N GLY H 71 -14.94 10.71 -5.31
CA GLY H 71 -16.05 11.65 -5.27
C GLY H 71 -17.38 10.93 -5.44
N THR H 72 -18.50 11.59 -5.15
CA THR H 72 -19.84 10.98 -5.28
C THR H 72 -20.96 11.96 -4.91
N THR H 73 -22.20 11.52 -5.15
CA THR H 73 -23.41 12.18 -4.70
C THR H 73 -24.29 11.21 -3.92
N ASP H 74 -23.74 10.02 -3.70
CA ASP H 74 -24.45 8.95 -3.06
C ASP H 74 -24.01 8.98 -1.61
N MET H 75 -24.97 9.16 -0.71
CA MET H 75 -24.67 9.18 0.72
C MET H 75 -24.29 7.80 1.17
N LYS H 76 -24.90 6.80 0.54
CA LYS H 76 -24.80 5.42 0.98
C LYS H 76 -23.33 4.99 1.09
N LEU H 77 -22.44 5.70 0.40
CA LEU H 77 -21.02 5.38 0.44
C LEU H 77 -20.33 5.70 1.77
N ALA H 78 -21.05 6.29 2.71
CA ALA H 78 -20.49 6.60 4.02
C ALA H 78 -20.56 5.41 5.00
N ALA H 79 -21.25 4.35 4.60
CA ALA H 79 -21.56 3.21 5.46
C ALA H 79 -20.36 2.65 6.20
N ASP H 80 -19.24 2.48 5.47
CA ASP H 80 -18.08 1.87 6.06
C ASP H 80 -16.98 2.82 6.39
N CYS H 81 -17.32 4.10 6.61
CA CYS H 81 -16.31 5.10 7.02
C CYS H 81 -16.19 5.18 8.54
N ASP H 82 -15.00 5.50 9.03
CA ASP H 82 -14.76 5.57 10.45
C ASP H 82 -15.20 6.96 10.98
N LEU H 83 -15.01 7.98 10.16
CA LEU H 83 -15.40 9.31 10.53
C LEU H 83 -16.18 9.92 9.38
N VAL H 84 -17.13 10.78 9.70
CA VAL H 84 -17.73 11.72 8.73
C VAL H 84 -17.44 13.13 9.23
N VAL H 85 -17.05 14.02 8.34
CA VAL H 85 -17.00 15.47 8.61
C VAL H 85 -17.97 16.20 7.69
N GLU H 86 -19.12 16.57 8.21
CA GLU H 86 -20.07 17.41 7.49
C GLU H 86 -19.53 18.81 7.32
N ALA H 87 -19.24 19.21 6.09
CA ALA H 87 -18.79 20.59 5.76
C ALA H 87 -19.63 21.16 4.62
N ALA H 88 -20.94 21.11 4.83
CA ALA H 88 -21.92 21.28 3.77
C ALA H 88 -22.49 22.64 3.81
N ILE H 89 -23.21 22.96 4.89
CA ILE H 89 -24.11 24.08 4.86
C ILE H 89 -24.63 24.43 6.23
N GLU H 90 -24.71 25.74 6.49
CA GLU H 90 -25.05 26.27 7.82
C GLU H 90 -26.54 26.56 7.98
N ASN H 91 -27.39 25.62 7.60
CA ASN H 91 -28.78 25.66 7.99
C ASN H 91 -28.95 24.54 9.00
N MET H 92 -29.79 24.74 10.00
CA MET H 92 -29.99 23.71 11.01
C MET H 92 -30.88 22.61 10.47
N LYS H 93 -31.99 22.96 9.81
CA LYS H 93 -32.95 21.93 9.37
C LYS H 93 -32.27 20.86 8.49
N ILE H 94 -31.29 21.28 7.71
CA ILE H 94 -30.61 20.38 6.76
C ILE H 94 -29.49 19.58 7.41
N LYS H 95 -28.74 20.19 8.31
CA LYS H 95 -27.82 19.46 9.18
C LYS H 95 -28.56 18.39 9.96
N LYS H 96 -29.72 18.73 10.52
CA LYS H 96 -30.48 17.74 11.25
C LYS H 96 -30.87 16.56 10.33
N GLU H 97 -31.13 16.86 9.06
CA GLU H 97 -31.51 15.85 8.09
C GLU H 97 -30.34 14.94 7.75
N ILE H 98 -29.25 15.56 7.33
CA ILE H 98 -28.04 14.83 7.00
C ILE H 98 -27.64 13.87 8.12
N PHE H 99 -27.47 14.37 9.33
CA PHE H 99 -27.02 13.54 10.45
C PHE H 99 -28.04 12.46 10.80
N ALA H 100 -29.30 12.70 10.53
CA ALA H 100 -30.29 11.65 10.67
C ALA H 100 -30.10 10.54 9.61
N GLU H 101 -29.73 10.92 8.39
CA GLU H 101 -29.50 9.94 7.36
C GLU H 101 -28.22 9.18 7.67
N LEU H 102 -27.16 9.89 8.03
CA LEU H 102 -25.86 9.24 8.24
C LEU H 102 -25.95 8.22 9.41
N ASP H 103 -26.73 8.59 10.43
CA ASP H 103 -26.97 7.76 11.58
C ASP H 103 -27.63 6.47 11.09
N GLY H 104 -28.67 6.60 10.26
CA GLY H 104 -29.32 5.51 9.53
C GLY H 104 -28.39 4.61 8.71
N ILE H 105 -27.39 5.15 8.02
CA ILE H 105 -26.67 4.35 7.01
C ILE H 105 -25.31 3.86 7.46
N CYS H 106 -24.65 4.57 8.37
CA CYS H 106 -23.29 4.19 8.74
C CYS H 106 -23.36 3.08 9.72
N LYS H 107 -22.34 2.23 9.68
CA LYS H 107 -22.10 1.30 10.74
C LYS H 107 -22.11 2.08 12.07
N PRO H 108 -22.38 1.37 13.18
CA PRO H 108 -22.58 2.05 14.46
C PRO H 108 -21.31 2.57 15.16
N GLU H 109 -20.12 2.22 14.70
CA GLU H 109 -18.91 2.81 15.29
C GLU H 109 -18.54 4.19 14.72
N THR H 110 -19.10 4.59 13.59
CA THR H 110 -18.61 5.83 12.92
C THR H 110 -19.00 7.13 13.68
N ILE H 111 -18.02 8.01 13.81
CA ILE H 111 -18.15 9.29 14.45
C ILE H 111 -18.58 10.34 13.39
N LEU H 112 -19.60 11.11 13.76
CA LEU H 112 -20.24 12.04 12.85
C LEU H 112 -19.93 13.45 13.27
N ALA H 113 -19.06 14.14 12.55
CA ALA H 113 -18.61 15.45 13.00
C ALA H 113 -19.08 16.57 12.07
N SER H 114 -19.37 17.74 12.64
CA SER H 114 -19.64 18.93 11.85
C SER H 114 -18.49 19.90 11.84
N ASN H 115 -18.21 20.44 10.67
CA ASN H 115 -17.33 21.60 10.58
C ASN H 115 -18.20 22.87 10.39
N THR H 116 -18.59 23.43 11.50
CA THR H 116 -19.44 24.58 11.49
C THR H 116 -18.70 25.66 12.22
N SER H 117 -19.05 26.88 11.86
CA SER H 117 -18.45 28.04 12.46
C SER H 117 -19.17 28.52 13.71
N SER H 118 -20.41 28.04 13.91
CA SER H 118 -21.38 28.81 14.68
C SER H 118 -22.55 27.98 15.25
N LEU H 119 -23.20 27.19 14.38
CA LEU H 119 -24.33 26.32 14.75
C LEU H 119 -24.10 25.22 15.83
N SER H 120 -25.21 24.64 16.31
CA SER H 120 -25.19 23.91 17.57
C SER H 120 -24.98 22.43 17.36
N ILE H 121 -23.80 21.96 17.74
CA ILE H 121 -23.51 20.55 17.80
C ILE H 121 -24.61 19.81 18.55
N THR H 122 -24.96 20.30 19.73
CA THR H 122 -25.96 19.63 20.58
C THR H 122 -27.33 19.43 19.89
N GLU H 123 -27.84 20.49 19.28
CA GLU H 123 -29.11 20.41 18.57
C GLU H 123 -29.01 19.38 17.41
N VAL H 124 -27.94 19.49 16.62
CA VAL H 124 -27.68 18.55 15.50
C VAL H 124 -27.61 17.11 16.01
N ALA H 125 -26.83 16.88 17.05
CA ALA H 125 -26.79 15.57 17.68
C ALA H 125 -28.20 14.99 18.09
N SER H 126 -29.16 15.85 18.43
CA SER H 126 -30.45 15.36 18.94
C SER H 126 -31.29 14.70 17.89
N ALA H 127 -31.02 15.06 16.63
CA ALA H 127 -31.70 14.44 15.48
C ALA H 127 -31.07 13.08 15.08
N THR H 128 -30.23 12.51 15.94
CA THR H 128 -29.71 11.16 15.77
C THR H 128 -29.99 10.33 17.01
N LYS H 129 -29.69 9.03 16.89
CA LYS H 129 -29.79 8.06 17.98
C LYS H 129 -28.39 7.63 18.37
N ARG H 130 -27.46 8.59 18.34
CA ARG H 130 -26.00 8.34 18.35
C ARG H 130 -25.26 9.51 18.99
N ALA H 131 -25.95 10.21 19.90
CA ALA H 131 -25.55 11.55 20.29
C ALA H 131 -24.19 11.62 21.01
N ASP H 132 -23.75 10.48 21.54
CA ASP H 132 -22.38 10.32 22.08
C ASP H 132 -21.29 10.48 21.04
N LYS H 133 -21.61 10.05 19.82
CA LYS H 133 -20.66 9.99 18.71
C LYS H 133 -20.80 11.18 17.77
N VAL H 134 -21.74 12.08 18.09
CA VAL H 134 -21.83 13.34 17.37
C VAL H 134 -20.92 14.32 18.10
N ILE H 135 -20.38 15.30 17.37
CA ILE H 135 -19.30 16.14 17.85
C ILE H 135 -18.98 17.21 16.80
N GLY H 136 -18.28 18.27 17.21
CA GLY H 136 -17.81 19.27 16.29
C GLY H 136 -16.34 19.05 16.04
N MET H 137 -15.92 19.36 14.81
CA MET H 137 -14.53 19.23 14.47
C MET H 137 -14.26 20.30 13.44
N HIS H 138 -13.97 21.48 13.98
CA HIS H 138 -14.02 22.70 13.21
C HIS H 138 -12.60 22.99 12.77
N PHE H 139 -12.46 23.18 11.47
CA PHE H 139 -11.20 23.41 10.79
C PHE H 139 -11.14 24.89 10.38
N PHE H 140 -9.99 25.32 9.87
CA PHE H 140 -9.75 26.73 9.60
C PHE H 140 -9.04 26.90 8.28
N ASN H 141 -9.56 27.86 7.50
CA ASN H 141 -9.02 28.21 6.21
C ASN H 141 -7.55 28.64 6.29
N PRO H 142 -6.66 28.03 5.47
CA PRO H 142 -6.89 26.86 4.64
C PRO H 142 -6.61 25.59 5.45
N ALA H 143 -7.58 24.68 5.43
CA ALA H 143 -7.47 23.41 6.12
C ALA H 143 -6.12 22.70 5.94
N PRO H 144 -5.58 22.68 4.71
CA PRO H 144 -4.33 21.94 4.57
C PRO H 144 -3.18 22.55 5.36
N VAL H 145 -3.31 23.83 5.68
CA VAL H 145 -2.21 24.61 6.27
C VAL H 145 -2.33 24.82 7.78
N MET H 146 -3.49 25.27 8.26
CA MET H 146 -3.63 25.69 9.65
C MET H 146 -3.63 24.48 10.57
N LYS H 147 -2.72 24.44 11.56
CA LYS H 147 -2.53 23.22 12.36
C LYS H 147 -3.67 22.90 13.30
N LEU H 148 -4.68 23.73 13.38
CA LEU H 148 -5.54 23.67 14.53
C LEU H 148 -6.85 23.09 14.18
N VAL H 149 -7.38 22.20 15.02
CA VAL H 149 -8.80 21.83 14.88
C VAL H 149 -9.54 22.11 16.20
N GLU H 150 -10.70 22.74 16.10
CA GLU H 150 -11.49 23.01 17.30
C GLU H 150 -12.35 21.79 17.49
N VAL H 151 -12.23 21.15 18.64
CA VAL H 151 -12.97 19.92 18.91
C VAL H 151 -14.00 20.22 19.95
N ILE H 152 -15.25 20.26 19.50
CA ILE H 152 -16.33 20.89 20.24
C ILE H 152 -17.18 19.81 20.78
N ARG H 153 -17.23 19.72 22.08
CA ARG H 153 -18.11 18.75 22.66
C ARG H 153 -19.48 19.35 22.66
N GLY H 154 -20.46 18.52 22.34
CA GLY H 154 -21.85 18.85 22.57
C GLY H 154 -22.14 18.30 23.93
N ALA H 155 -23.33 18.58 24.44
CA ALA H 155 -23.74 18.09 25.76
C ALA H 155 -23.71 16.55 25.91
N ALA H 156 -24.08 15.83 24.85
CA ALA H 156 -24.16 14.38 24.94
C ALA H 156 -22.89 13.69 24.43
N THR H 157 -21.92 14.49 23.97
CA THR H 157 -20.68 13.93 23.44
C THR H 157 -19.91 13.15 24.52
N SER H 158 -19.62 11.88 24.24
CA SER H 158 -18.89 11.05 25.20
C SER H 158 -17.40 11.40 25.21
N GLN H 159 -16.67 10.90 26.23
CA GLN H 159 -15.22 11.07 26.29
C GLN H 159 -14.48 10.17 25.25
N GLU H 160 -15.03 8.99 24.95
CA GLU H 160 -14.51 8.10 23.90
C GLU H 160 -14.41 8.88 22.62
N THR H 161 -15.57 9.40 22.22
CA THR H 161 -15.70 10.17 21.01
C THR H 161 -14.78 11.36 21.02
N PHE H 162 -14.58 11.97 22.17
CA PHE H 162 -13.67 13.08 22.19
C PHE H 162 -12.24 12.56 21.93
N ASP H 163 -11.83 11.50 22.66
CA ASP H 163 -10.44 11.03 22.54
C ASP H 163 -10.11 10.52 21.14
N ALA H 164 -11.10 9.93 20.47
CA ALA H 164 -10.93 9.47 19.11
C ALA H 164 -10.60 10.64 18.24
N VAL H 165 -11.51 11.61 18.26
CA VAL H 165 -11.42 12.73 17.40
C VAL H 165 -10.12 13.46 17.70
N LYS H 166 -9.77 13.54 18.98
CA LYS H 166 -8.49 14.12 19.38
C LYS H 166 -7.34 13.37 18.71
N GLU H 167 -7.33 12.05 18.89
CA GLU H 167 -6.27 11.19 18.35
C GLU H 167 -6.17 11.31 16.82
N MET H 168 -7.31 11.40 16.13
CA MET H 168 -7.31 11.53 14.68
C MET H 168 -6.60 12.80 14.20
N SER H 169 -6.84 13.90 14.86
CA SER H 169 -6.34 15.21 14.43
C SER H 169 -4.86 15.25 14.62
N GLU H 170 -4.43 14.61 15.69
CA GLU H 170 -3.02 14.47 16.00
C GLU H 170 -2.35 13.68 14.88
N SER H 171 -2.99 12.59 14.48
CA SER H 171 -2.43 11.73 13.44
C SER H 171 -2.48 12.36 12.05
N ILE H 172 -3.15 13.49 11.86
CA ILE H 172 -2.99 14.22 10.61
C ILE H 172 -2.18 15.51 10.77
N GLY H 173 -1.46 15.63 11.90
CA GLY H 173 -0.55 16.75 12.11
C GLY H 173 -1.22 17.98 12.70
N LYS H 174 -2.45 17.82 13.19
CA LYS H 174 -3.20 18.95 13.74
C LYS H 174 -3.17 18.92 15.25
N THR H 175 -3.31 20.11 15.83
CA THR H 175 -3.40 20.29 17.27
C THR H 175 -4.89 20.43 17.60
N PRO H 176 -5.42 19.46 18.34
CA PRO H 176 -6.80 19.59 18.72
C PRO H 176 -6.94 20.38 20.03
N VAL H 177 -8.04 21.10 20.21
CA VAL H 177 -8.28 21.80 21.47
C VAL H 177 -9.70 21.56 21.88
N GLU H 178 -9.88 21.18 23.15
CA GLU H 178 -11.20 20.89 23.65
C GLU H 178 -11.96 22.21 23.89
N VAL H 179 -13.16 22.30 23.30
CA VAL H 179 -14.01 23.46 23.48
C VAL H 179 -15.38 22.99 23.89
N ALA H 180 -15.96 23.62 24.91
CA ALA H 180 -17.35 23.38 25.28
C ALA H 180 -18.30 24.20 24.40
N GLU H 181 -19.39 23.62 23.90
CA GLU H 181 -20.23 24.34 22.93
C GLU H 181 -20.68 25.69 23.47
N ALA H 182 -20.37 26.72 22.72
CA ALA H 182 -20.69 28.07 23.12
C ALA H 182 -20.58 28.94 21.85
N PRO H 183 -21.31 30.05 21.80
CA PRO H 183 -21.34 30.74 20.53
C PRO H 183 -19.91 31.13 20.13
N GLY H 184 -19.56 30.85 18.87
CA GLY H 184 -18.25 31.16 18.30
C GLY H 184 -17.14 30.22 18.70
N PHE H 185 -17.47 29.30 19.61
CA PHE H 185 -16.48 28.41 20.22
C PHE H 185 -15.39 29.32 20.80
N VAL H 186 -14.19 29.33 20.22
CA VAL H 186 -13.10 30.19 20.71
C VAL H 186 -12.59 31.08 19.61
N VAL H 187 -12.09 30.51 18.53
CA VAL H 187 -11.38 31.34 17.57
C VAL H 187 -12.29 32.37 16.97
N ASN H 188 -13.45 31.97 16.52
CA ASN H 188 -14.35 32.85 15.79
C ASN H 188 -14.95 33.85 16.69
N ARG H 189 -15.17 33.44 17.95
CA ARG H 189 -15.69 34.34 18.95
C ARG H 189 -14.77 35.52 19.15
N ILE H 190 -13.46 35.29 19.02
CA ILE H 190 -12.46 36.35 19.18
C ILE H 190 -12.15 37.00 17.85
N LEU H 191 -11.97 36.18 16.83
CA LEU H 191 -11.43 36.64 15.56
C LEU H 191 -12.40 37.49 14.75
N ILE H 192 -13.66 37.07 14.71
CA ILE H 192 -14.61 37.78 13.89
C ILE H 192 -15.02 39.13 14.52
N PRO H 193 -15.21 39.19 15.83
CA PRO H 193 -15.42 40.52 16.39
C PRO H 193 -14.28 41.47 16.13
N MET H 194 -13.07 40.96 16.01
CA MET H 194 -11.96 41.84 15.66
C MET H 194 -12.11 42.42 14.24
N ILE H 195 -12.46 41.58 13.28
CA ILE H 195 -12.73 42.11 11.95
C ILE H 195 -13.89 43.13 12.04
N ASN H 196 -14.98 42.75 12.69
CA ASN H 196 -16.14 43.63 12.82
C ASN H 196 -15.73 44.99 13.43
N GLU H 197 -14.83 44.98 14.40
CA GLU H 197 -14.37 46.25 14.99
C GLU H 197 -13.69 47.14 13.94
N ALA H 198 -12.87 46.53 13.05
CA ALA H 198 -12.25 47.26 11.96
C ALA H 198 -13.33 47.96 11.16
N THR H 199 -14.46 47.28 11.00
CA THR H 199 -15.46 47.87 10.13
C THR H 199 -15.98 49.09 10.82
N PHE H 200 -16.24 49.00 12.12
CA PHE H 200 -16.71 50.19 12.84
C PHE H 200 -15.65 51.28 12.79
N ILE H 201 -14.37 50.88 12.90
CA ILE H 201 -13.30 51.87 12.83
C ILE H 201 -13.38 52.62 11.51
N LEU H 202 -13.61 51.90 10.41
CA LEU H 202 -13.73 52.51 9.09
C LEU H 202 -15.02 53.32 8.89
N GLN H 203 -16.15 52.79 9.37
CA GLN H 203 -17.46 53.46 9.29
C GLN H 203 -17.44 54.80 9.96
N GLU H 204 -16.71 54.87 11.06
CA GLU H 204 -16.66 56.07 11.89
C GLU H 204 -15.53 57.05 11.45
N GLY H 205 -14.89 56.79 10.32
CA GLY H 205 -13.92 57.75 9.77
C GLY H 205 -12.73 57.98 10.66
N VAL H 206 -12.29 56.92 11.31
CA VAL H 206 -11.17 56.95 12.24
C VAL H 206 -9.86 56.73 11.50
N ALA H 207 -9.83 55.67 10.73
CA ALA H 207 -8.72 55.43 9.82
C ALA H 207 -9.27 54.78 8.56
N LYS H 208 -8.36 54.63 7.60
CA LYS H 208 -8.67 54.09 6.31
C LYS H 208 -8.09 52.68 6.19
N GLU H 209 -8.65 51.92 5.26
CA GLU H 209 -8.41 50.47 5.19
C GLU H 209 -6.95 50.07 5.31
N GLU H 210 -6.08 50.67 4.50
CA GLU H 210 -4.64 50.24 4.46
C GLU H 210 -3.92 50.61 5.77
N ASP H 211 -4.27 51.78 6.29
CA ASP H 211 -3.80 52.20 7.57
C ASP H 211 -4.23 51.23 8.67
N ILE H 212 -5.52 50.91 8.67
CA ILE H 212 -6.02 49.99 9.69
C ILE H 212 -5.30 48.67 9.59
N ASP H 213 -5.24 48.13 8.38
CA ASP H 213 -4.58 46.83 8.13
C ASP H 213 -3.06 46.89 8.43
N ALA H 214 -2.39 47.98 8.06
CA ALA H 214 -0.98 48.16 8.40
C ALA H 214 -0.85 48.19 9.90
N ALA H 215 -1.75 48.96 10.53
CA ALA H 215 -1.79 49.02 11.99
C ALA H 215 -1.73 47.68 12.70
N MET H 216 -2.41 46.64 12.24
CA MET H 216 -2.34 45.37 13.02
C MET H 216 -1.17 44.45 12.61
N LYS H 217 -0.77 44.52 11.34
CA LYS H 217 0.42 43.81 10.89
C LYS H 217 1.65 44.27 11.69
N LEU H 218 1.93 45.56 11.66
CA LEU H 218 3.19 46.05 12.20
C LEU H 218 3.14 46.39 13.67
N GLY H 219 1.93 46.63 14.19
CA GLY H 219 1.71 47.06 15.55
C GLY H 219 1.42 45.90 16.48
N ALA H 220 0.73 44.87 15.97
CA ALA H 220 0.39 43.71 16.77
C ALA H 220 1.04 42.41 16.31
N ASN H 221 1.79 42.51 15.21
CA ASN H 221 2.43 41.36 14.55
C ASN H 221 1.49 40.30 14.06
N HIS H 222 0.44 40.77 13.39
CA HIS H 222 -0.52 39.88 12.82
C HIS H 222 -0.11 39.52 11.40
N PRO H 223 -0.45 38.30 10.95
CA PRO H 223 -0.11 37.94 9.58
C PRO H 223 -0.80 38.84 8.58
N MET H 224 -1.95 39.40 8.93
CA MET H 224 -2.80 40.06 7.95
C MET H 224 -3.71 41.13 8.58
N GLY H 225 -3.93 42.22 7.88
CA GLY H 225 -4.85 43.23 8.38
C GLY H 225 -6.23 42.60 8.47
N PRO H 226 -7.06 42.99 9.45
CA PRO H 226 -8.36 42.33 9.62
C PRO H 226 -9.34 42.53 8.46
N LEU H 227 -9.20 43.63 7.72
CA LEU H 227 -10.04 43.81 6.53
C LEU H 227 -9.67 42.77 5.45
N ALA H 228 -8.43 42.77 5.01
CA ALA H 228 -7.90 41.69 4.18
C ALA H 228 -8.39 40.31 4.63
N LEU H 229 -8.17 40.01 5.89
CA LEU H 229 -8.60 38.74 6.45
C LEU H 229 -10.09 38.51 6.22
N GLY H 230 -10.87 39.57 6.31
CA GLY H 230 -12.31 39.44 6.10
C GLY H 230 -12.58 39.17 4.65
N ASP H 231 -11.93 39.94 3.77
CA ASP H 231 -11.93 39.72 2.32
C ASP H 231 -11.59 38.21 2.00
N LEU H 232 -10.61 37.63 2.71
CA LEU H 232 -10.26 36.22 2.56
C LEU H 232 -11.31 35.26 3.10
N ILE H 233 -11.79 35.50 4.31
CA ILE H 233 -12.76 34.58 4.94
C ILE H 233 -14.08 34.58 4.16
N GLY H 234 -14.36 35.68 3.45
CA GLY H 234 -15.73 35.98 3.02
C GLY H 234 -16.42 36.92 3.99
N LEU H 235 -16.78 38.12 3.51
CA LEU H 235 -17.54 39.07 4.31
C LEU H 235 -18.90 38.52 4.71
N ASP H 236 -19.42 37.63 3.88
CA ASP H 236 -20.72 37.01 4.12
C ASP H 236 -20.67 36.03 5.27
N VAL H 237 -19.53 35.37 5.46
CA VAL H 237 -19.32 34.41 6.53
C VAL H 237 -19.15 35.18 7.82
N CYS H 238 -18.31 36.20 7.73
CA CYS H 238 -18.07 37.12 8.83
C CYS H 238 -19.40 37.65 9.40
N LEU H 239 -20.22 38.23 8.53
CA LEU H 239 -21.48 38.80 8.98
C LEU H 239 -22.30 37.71 9.61
N ALA H 240 -22.45 36.62 8.88
CA ALA H 240 -23.25 35.45 9.32
C ALA H 240 -22.86 35.07 10.73
N ILE H 241 -21.56 35.03 10.98
CA ILE H 241 -21.10 34.65 12.31
C ILE H 241 -21.50 35.63 13.38
N MET H 242 -21.23 36.90 13.10
CA MET H 242 -21.59 37.98 14.02
C MET H 242 -23.06 37.95 14.36
N ASP H 243 -23.92 37.63 13.39
CA ASP H 243 -25.35 37.47 13.69
C ASP H 243 -25.63 36.26 14.58
N VAL H 244 -24.92 35.17 14.37
CA VAL H 244 -25.13 34.06 15.26
C VAL H 244 -24.71 34.44 16.68
N LEU H 245 -23.56 35.10 16.79
CA LEU H 245 -23.14 35.53 18.13
C LEU H 245 -24.22 36.46 18.71
N TYR H 246 -24.66 37.45 17.95
CA TYR H 246 -25.70 38.35 18.47
C TYR H 246 -26.95 37.59 18.90
N ASN H 247 -27.39 36.63 18.11
CA ASN H 247 -28.63 35.98 18.37
C ASN H 247 -28.51 34.96 19.44
N GLU H 248 -27.40 34.23 19.46
CA GLU H 248 -27.27 33.21 20.48
C GLU H 248 -27.23 33.85 21.84
N THR H 249 -26.48 34.95 21.94
CA THR H 249 -26.14 35.55 23.24
C THR H 249 -27.07 36.64 23.65
N GLY H 250 -27.68 37.28 22.67
CA GLY H 250 -28.52 38.45 22.93
C GLY H 250 -27.73 39.66 23.39
N ASP H 251 -26.46 39.70 23.04
CA ASP H 251 -25.59 40.74 23.50
C ASP H 251 -25.19 41.67 22.33
N THR H 252 -25.53 42.95 22.50
CA THR H 252 -25.25 43.99 21.54
C THR H 252 -23.75 44.12 21.26
N LYS H 253 -22.94 43.66 22.20
CA LYS H 253 -21.50 43.48 22.03
C LYS H 253 -21.16 42.90 20.65
N TYR H 254 -22.02 42.03 20.14
CA TYR H 254 -21.80 41.33 18.88
C TYR H 254 -22.61 41.87 17.64
N ARG H 255 -23.14 43.09 17.74
CA ARG H 255 -23.83 43.62 16.61
C ARG H 255 -22.87 43.94 15.48
N ALA H 256 -23.22 43.49 14.29
CA ALA H 256 -22.47 43.76 13.08
C ALA H 256 -22.64 45.20 12.64
N SER H 257 -21.55 45.81 12.19
CA SER H 257 -21.62 47.18 11.64
C SER H 257 -22.62 47.31 10.49
N SER H 258 -23.30 48.44 10.41
CA SER H 258 -24.08 48.73 9.22
C SER H 258 -23.26 48.59 7.96
N LEU H 259 -22.04 49.11 7.99
CA LEU H 259 -21.16 48.98 6.84
C LEU H 259 -20.94 47.53 6.39
N LEU H 260 -20.75 46.61 7.32
CA LEU H 260 -20.57 45.23 6.91
C LEU H 260 -21.81 44.73 6.12
N ARG H 261 -22.98 45.02 6.66
CA ARG H 261 -24.25 44.57 6.10
C ARG H 261 -24.44 45.08 4.68
N LYS H 262 -24.02 46.32 4.45
CA LYS H 262 -24.04 46.92 3.12
C LYS H 262 -23.11 46.22 2.14
N TYR H 263 -21.87 45.95 2.55
CA TYR H 263 -20.93 45.25 1.66
C TYR H 263 -21.48 43.89 1.24
N VAL H 264 -22.13 43.19 2.15
CA VAL H 264 -22.68 41.89 1.81
C VAL H 264 -23.78 42.08 0.78
N ARG H 265 -24.69 42.99 1.06
CA ARG H 265 -25.82 43.21 0.21
C ARG H 265 -25.39 43.64 -1.16
N ALA H 266 -24.19 44.19 -1.25
CA ALA H 266 -23.76 44.79 -2.50
C ALA H 266 -23.08 43.76 -3.35
N GLY H 267 -23.01 42.52 -2.86
CA GLY H 267 -22.19 41.51 -3.50
C GLY H 267 -20.69 41.72 -3.41
N TRP H 268 -20.22 42.58 -2.49
CA TRP H 268 -18.77 42.73 -2.28
C TRP H 268 -18.29 41.83 -1.16
N LEU H 269 -18.06 40.56 -1.48
CA LEU H 269 -17.82 39.56 -0.48
C LEU H 269 -16.36 39.29 -0.21
N GLY H 270 -15.53 40.04 -0.88
CA GLY H 270 -14.10 39.79 -0.81
C GLY H 270 -13.55 39.10 -2.02
N ARG H 271 -12.44 38.40 -1.79
CA ARG H 271 -11.68 37.71 -2.82
C ARG H 271 -12.64 36.97 -3.74
N LYS H 272 -13.43 36.10 -3.13
CA LYS H 272 -14.22 35.17 -3.90
C LYS H 272 -15.18 35.81 -4.84
N THR H 273 -15.31 37.14 -4.83
CA THR H 273 -16.05 37.82 -5.89
C THR H 273 -15.23 38.91 -6.56
N GLY H 274 -13.93 38.97 -6.23
CA GLY H 274 -13.02 40.00 -6.75
C GLY H 274 -13.17 41.40 -6.16
N LYS H 275 -13.94 41.52 -5.08
CA LYS H 275 -14.22 42.81 -4.46
C LYS H 275 -14.81 42.61 -3.06
N GLY H 276 -14.13 43.17 -2.07
CA GLY H 276 -14.67 43.30 -0.71
C GLY H 276 -14.29 44.69 -0.23
N PHE H 277 -13.47 44.78 0.80
CA PHE H 277 -12.84 46.05 1.19
C PHE H 277 -11.74 46.50 0.23
N TYR H 278 -11.35 45.63 -0.69
CA TYR H 278 -10.42 45.97 -1.77
C TYR H 278 -10.93 45.40 -3.12
N ASP H 279 -10.09 45.48 -4.16
CA ASP H 279 -10.32 44.83 -5.48
C ASP H 279 -9.35 43.69 -5.74
N TYR H 280 -9.73 42.70 -6.54
CA TYR H 280 -8.79 41.64 -6.90
C TYR H 280 -8.85 41.27 -8.40
#